data_7S86
# 
_entry.id   7S86 
# 
_audit_conform.dict_name       mmcif_pdbx.dic 
_audit_conform.dict_version    5.397 
_audit_conform.dict_location   http://mmcif.pdb.org/dictionaries/ascii/mmcif_pdbx.dic 
# 
loop_
_database_2.database_id 
_database_2.database_code 
_database_2.pdbx_database_accession 
_database_2.pdbx_DOI 
PDB   7S86         pdb_00007s86 10.2210/pdb7s86/pdb 
WWPDB D_1000259818 ?            ?                   
# 
loop_
_pdbx_audit_revision_history.ordinal 
_pdbx_audit_revision_history.data_content_type 
_pdbx_audit_revision_history.major_revision 
_pdbx_audit_revision_history.minor_revision 
_pdbx_audit_revision_history.revision_date 
1 'Structure model' 1 0 2021-12-29 
2 'Structure model' 1 1 2022-01-19 
3 'Structure model' 1 2 2023-10-18 
4 'Structure model' 1 3 2024-10-09 
# 
_pdbx_audit_revision_details.ordinal             1 
_pdbx_audit_revision_details.revision_ordinal    1 
_pdbx_audit_revision_details.data_content_type   'Structure model' 
_pdbx_audit_revision_details.provider            repository 
_pdbx_audit_revision_details.type                'Initial release' 
_pdbx_audit_revision_details.description         ? 
_pdbx_audit_revision_details.details             ? 
# 
loop_
_pdbx_audit_revision_group.ordinal 
_pdbx_audit_revision_group.revision_ordinal 
_pdbx_audit_revision_group.data_content_type 
_pdbx_audit_revision_group.group 
1 2 'Structure model' 'Database references'    
2 3 'Structure model' 'Data collection'        
3 3 'Structure model' 'Refinement description' 
4 4 'Structure model' 'Structure summary'      
# 
loop_
_pdbx_audit_revision_category.ordinal 
_pdbx_audit_revision_category.revision_ordinal 
_pdbx_audit_revision_category.data_content_type 
_pdbx_audit_revision_category.category 
1 2 'Structure model' citation                      
2 2 'Structure model' citation_author               
3 3 'Structure model' chem_comp_atom                
4 3 'Structure model' chem_comp_bond                
5 3 'Structure model' pdbx_initial_refinement_model 
6 4 'Structure model' pdbx_entry_details            
7 4 'Structure model' pdbx_modification_feature     
# 
loop_
_pdbx_audit_revision_item.ordinal 
_pdbx_audit_revision_item.revision_ordinal 
_pdbx_audit_revision_item.data_content_type 
_pdbx_audit_revision_item.item 
1  2 'Structure model' '_citation.country'                            
2  2 'Structure model' '_citation.journal_abbrev'                     
3  2 'Structure model' '_citation.journal_id_CSD'                     
4  2 'Structure model' '_citation.journal_id_ISSN'                    
5  2 'Structure model' '_citation.journal_volume'                     
6  2 'Structure model' '_citation.page_first'                         
7  2 'Structure model' '_citation.pdbx_database_id_DOI'               
8  2 'Structure model' '_citation.title'                              
9  2 'Structure model' '_citation.year'                               
10 2 'Structure model' '_citation_author.identifier_ORCID'            
11 4 'Structure model' '_pdbx_entry_details.has_protein_modification' 
# 
_pdbx_database_status.status_code                     REL 
_pdbx_database_status.status_code_sf                  REL 
_pdbx_database_status.status_code_mr                  ? 
_pdbx_database_status.entry_id                        7S86 
_pdbx_database_status.recvd_initial_deposition_date   2021-09-17 
_pdbx_database_status.SG_entry                        N 
_pdbx_database_status.deposit_site                    RCSB 
_pdbx_database_status.process_site                    RCSB 
_pdbx_database_status.status_code_cs                  ? 
_pdbx_database_status.status_code_nmr_data            ? 
_pdbx_database_status.methods_development_category    ? 
_pdbx_database_status.pdb_format_compatible           Y 
# 
_pdbx_database_related.db_name        PDB 
_pdbx_database_related.details        '7S7S contains the same protein in a different space group.' 
_pdbx_database_related.db_id          7S7S 
_pdbx_database_related.content_type   unspecified 
# 
_pdbx_contact_author.id                 2 
_pdbx_contact_author.email              dlangela@dal.ca 
_pdbx_contact_author.name_first         David 
_pdbx_contact_author.name_last          Langelaan 
_pdbx_contact_author.name_mi            N. 
_pdbx_contact_author.role               'principal investigator/group leader' 
_pdbx_contact_author.identifier_ORCID   0000-0001-9592-3075 
# 
loop_
_audit_author.name 
_audit_author.pdbx_ordinal 
_audit_author.identifier_ORCID 
'Vergunst, K.L.'  1 0000-0003-1961-8487 
'Langelaan, D.N.' 2 0000-0001-9592-3075 
# 
loop_
_citation.abstract 
_citation.abstract_id_CAS 
_citation.book_id_ISBN 
_citation.book_publisher 
_citation.book_publisher_city 
_citation.book_title 
_citation.coordinate_linkage 
_citation.country 
_citation.database_id_Medline 
_citation.details 
_citation.id 
_citation.journal_abbrev 
_citation.journal_id_ASTM 
_citation.journal_id_CSD 
_citation.journal_id_ISSN 
_citation.journal_full 
_citation.journal_issue 
_citation.journal_volume 
_citation.language 
_citation.page_first 
_citation.page_last 
_citation.title 
_citation.year 
_citation.database_id_CSD 
_citation.pdbx_database_id_DOI 
_citation.pdbx_database_id_PubMed 
_citation.pdbx_database_id_patent 
_citation.unpublished_flag 
? ? ? ? ? ? ? UK ? ? primary 'Sci Rep'                        ?      ? 2045-2322 ? ? 12 ? 366 ?   
'The N-terminal tail of the hydrophobin SC16 is not required for rodlet formation'                            2022 ? 
10.1038/s41598-021-04223-6 ?        ? ? 
? ? ? ? ? ? ? US ? ? 1       'Acta Crystallogr.,Sect.D'       ABCRE6 ? 1399-0047 ? ? 68 ? 352 367 
'Towards automated crystallographic structure refinement with phenix.refine.'                                 2012 ? 
10.1107/S0907444912001308  22505256 ? ? 
? ? ? ? ? ? ? ?  ? ? 2       'Acta Crystallogr D Struct Biol' ?      ? 2059-7983 ? ? 75 ? 861 877 
'Macromolecular structure determination using X-rays, neutrons and electrons: recent developments in Phenix.' 2019 ? 
10.1107/S2059798319011471  31588918 ? ? 
# 
loop_
_citation_author.citation_id 
_citation_author.name 
_citation_author.ordinal 
_citation_author.identifier_ORCID 
primary 'Vergunst, K.L.'         1  ?                   
primary 'Langelaan, D.N.'        2  ?                   
1       'Afonine, P.V.'          3  ?                   
1       'Grosse-Kunstleve, R.W.' 4  ?                   
1       'Echols, N.'             5  ?                   
1       'Headd, J.J.'            6  ?                   
1       'Moriarty, N.W.'         7  ?                   
1       'Mustyakimov, M.'        8  ?                   
1       'Terwilliger, T.C.'      9  ?                   
1       'Urzhumtsev, A.'         10 ?                   
1       'Zwart, P.H.'            11 ?                   
1       'Adams, P.D.'            12 ?                   
2       'Liebschner, D.'         13 0000-0003-3921-3209 
2       'Afonine, P.V.'          14 0000-0002-5052-991X 
2       'Baker, M.L.'            15 ?                   
2       'Bunkoczi, G.'           16 ?                   
2       'Chen, V.B.'             17 ?                   
2       'Croll, T.I.'            18 ?                   
2       'Hintze, B.'             19 0000-0002-4871-2096 
2       'Hung, L.W.'             20 0000-0001-6690-8458 
2       'Jain, S.'               21 ?                   
2       'McCoy, A.J.'            22 ?                   
2       'Moriarty, N.W.'         23 0000-0001-8857-9464 
2       'Oeffner, R.D.'          24 0000-0003-3107-2202 
2       'Poon, B.K.'             25 0000-0001-9633-6067 
2       'Prisant, M.G.'          26 ?                   
2       'Read, R.J.'             27 0000-0001-8273-0047 
2       'Richardson, J.S.'       28 ?                   
2       'Richardson, D.C.'       29 ?                   
2       'Sammito, M.D.'          30 ?                   
2       'Sobolev, O.V.'          31 0000-0002-0623-3214 
2       'Stockwell, D.H.'        32 ?                   
2       'Terwilliger, T.C.'      33 0000-0001-6384-0320 
2       'Urzhumtsev, A.G.'       34 ?                   
2       'Videau, L.L.'           35 ?                   
2       'Williams, C.J.'         36 ?                   
2       'Adams, P.D.'            37 0000-0001-9333-8219 
# 
loop_
_entity.id 
_entity.type 
_entity.src_method 
_entity.pdbx_description 
_entity.formula_weight 
_entity.pdbx_number_of_molecules 
_entity.pdbx_ec 
_entity.pdbx_mutation 
_entity.pdbx_fragment 
_entity.details 
1 polymer     man Hydrophobin    10098.559 1  ? ? ? 
'Contains a naturally occurring mutation compared to UniProt (insertion of Ser30 and Lys31).' 
2 non-polymer syn 1,2-ETHANEDIOL 62.068    2  ? ? ? ? 
3 non-polymer syn 'SODIUM ION'   22.990    1  ? ? ? ? 
4 water       nat water          18.015    50 ? ? ? ? 
# 
_entity_poly.entity_id                      1 
_entity_poly.type                           'polypeptide(L)' 
_entity_poly.nstd_linkage                   no 
_entity_poly.nstd_monomer                   no 
_entity_poly.pdbx_seq_one_letter_code       
;TAVPRDVNGGTPPKSCSSGPVYCCNKTEDSKHLDKGTTALLGLLNIKIGDLKDLVGLNCSPLSVIGVGGNSCSAQTVCCT
NTYQHGLVNVGCTPINIGL
;
_entity_poly.pdbx_seq_one_letter_code_can   
;TAVPRDVNGGTPPKSCSSGPVYCCNKTEDSKHLDKGTTALLGLLNIKIGDLKDLVGLNCSPLSVIGVGGNSCSAQTVCCT
NTYQHGLVNVGCTPINIGL
;
_entity_poly.pdbx_strand_id                 A 
_entity_poly.pdbx_target_identifier         ? 
# 
loop_
_pdbx_entity_nonpoly.entity_id 
_pdbx_entity_nonpoly.name 
_pdbx_entity_nonpoly.comp_id 
2 1,2-ETHANEDIOL EDO 
3 'SODIUM ION'   NA  
4 water          HOH 
# 
loop_
_entity_poly_seq.entity_id 
_entity_poly_seq.num 
_entity_poly_seq.mon_id 
_entity_poly_seq.hetero 
1 1  THR n 
1 2  ALA n 
1 3  VAL n 
1 4  PRO n 
1 5  ARG n 
1 6  ASP n 
1 7  VAL n 
1 8  ASN n 
1 9  GLY n 
1 10 GLY n 
1 11 THR n 
1 12 PRO n 
1 13 PRO n 
1 14 LYS n 
1 15 SER n 
1 16 CYS n 
1 17 SER n 
1 18 SER n 
1 19 GLY n 
1 20 PRO n 
1 21 VAL n 
1 22 TYR n 
1 23 CYS n 
1 24 CYS n 
1 25 ASN n 
1 26 LYS n 
1 27 THR n 
1 28 GLU n 
1 29 ASP n 
1 30 SER n 
1 31 LYS n 
1 32 HIS n 
1 33 LEU n 
1 34 ASP n 
1 35 LYS n 
1 36 GLY n 
1 37 THR n 
1 38 THR n 
1 39 ALA n 
1 40 LEU n 
1 41 LEU n 
1 42 GLY n 
1 43 LEU n 
1 44 LEU n 
1 45 ASN n 
1 46 ILE n 
1 47 LYS n 
1 48 ILE n 
1 49 GLY n 
1 50 ASP n 
1 51 LEU n 
1 52 LYS n 
1 53 ASP n 
1 54 LEU n 
1 55 VAL n 
1 56 GLY n 
1 57 LEU n 
1 58 ASN n 
1 59 CYS n 
1 60 SER n 
1 61 PRO n 
1 62 LEU n 
1 63 SER n 
1 64 VAL n 
1 65 ILE n 
1 66 GLY n 
1 67 VAL n 
1 68 GLY n 
1 69 GLY n 
1 70 ASN n 
1 71 SER n 
1 72 CYS n 
1 73 SER n 
1 74 ALA n 
1 75 GLN n 
1 76 THR n 
1 77 VAL n 
1 78 CYS n 
1 79 CYS n 
1 80 THR n 
1 81 ASN n 
1 82 THR n 
1 83 TYR n 
1 84 GLN n 
1 85 HIS n 
1 86 GLY n 
1 87 LEU n 
1 88 VAL n 
1 89 ASN n 
1 90 VAL n 
1 91 GLY n 
1 92 CYS n 
1 93 THR n 
1 94 PRO n 
1 95 ILE n 
1 96 ASN n 
1 97 ILE n 
1 98 GLY n 
1 99 LEU n 
# 
_entity_src_gen.entity_id                          1 
_entity_src_gen.pdbx_src_id                        1 
_entity_src_gen.pdbx_alt_source_flag               sample 
_entity_src_gen.pdbx_seq_type                      'Biological sequence' 
_entity_src_gen.pdbx_beg_seq_num                   1 
_entity_src_gen.pdbx_end_seq_num                   99 
_entity_src_gen.gene_src_common_name               ? 
_entity_src_gen.gene_src_genus                     ? 
_entity_src_gen.pdbx_gene_src_gene                 'HYD1, SCHCODRAFT_58269' 
_entity_src_gen.gene_src_species                   ? 
_entity_src_gen.gene_src_strain                    ? 
_entity_src_gen.gene_src_tissue                    ? 
_entity_src_gen.gene_src_tissue_fraction           ? 
_entity_src_gen.gene_src_details                   ? 
_entity_src_gen.pdbx_gene_src_fragment             ? 
_entity_src_gen.pdbx_gene_src_scientific_name      'Schizophyllum commune' 
_entity_src_gen.pdbx_gene_src_ncbi_taxonomy_id     5334 
_entity_src_gen.pdbx_gene_src_variant              ? 
_entity_src_gen.pdbx_gene_src_cell_line            ? 
_entity_src_gen.pdbx_gene_src_atcc                 ? 
_entity_src_gen.pdbx_gene_src_organ                ? 
_entity_src_gen.pdbx_gene_src_organelle            ? 
_entity_src_gen.pdbx_gene_src_cell                 ? 
_entity_src_gen.pdbx_gene_src_cellular_location    ? 
_entity_src_gen.host_org_common_name               ? 
_entity_src_gen.pdbx_host_org_scientific_name      'Escherichia coli' 
_entity_src_gen.pdbx_host_org_ncbi_taxonomy_id     562 
_entity_src_gen.host_org_genus                     ? 
_entity_src_gen.pdbx_host_org_gene                 ? 
_entity_src_gen.pdbx_host_org_organ                ? 
_entity_src_gen.host_org_species                   ? 
_entity_src_gen.pdbx_host_org_tissue               ? 
_entity_src_gen.pdbx_host_org_tissue_fraction      ? 
_entity_src_gen.pdbx_host_org_strain               ? 
_entity_src_gen.pdbx_host_org_variant              ? 
_entity_src_gen.pdbx_host_org_cell_line            ? 
_entity_src_gen.pdbx_host_org_atcc                 ? 
_entity_src_gen.pdbx_host_org_culture_collection   ? 
_entity_src_gen.pdbx_host_org_cell                 ? 
_entity_src_gen.pdbx_host_org_organelle            ? 
_entity_src_gen.pdbx_host_org_cellular_location    ? 
_entity_src_gen.pdbx_host_org_vector_type          ? 
_entity_src_gen.pdbx_host_org_vector               ? 
_entity_src_gen.host_org_details                   ? 
_entity_src_gen.expression_system_id               ? 
_entity_src_gen.plasmid_name                       ? 
_entity_src_gen.plasmid_details                    ? 
_entity_src_gen.pdbx_description                   ? 
# 
loop_
_chem_comp.id 
_chem_comp.type 
_chem_comp.mon_nstd_flag 
_chem_comp.name 
_chem_comp.pdbx_synonyms 
_chem_comp.formula 
_chem_comp.formula_weight 
ALA 'L-peptide linking' y ALANINE         ?                 'C3 H7 N O2'     89.093  
ARG 'L-peptide linking' y ARGININE        ?                 'C6 H15 N4 O2 1' 175.209 
ASN 'L-peptide linking' y ASPARAGINE      ?                 'C4 H8 N2 O3'    132.118 
ASP 'L-peptide linking' y 'ASPARTIC ACID' ?                 'C4 H7 N O4'     133.103 
CYS 'L-peptide linking' y CYSTEINE        ?                 'C3 H7 N O2 S'   121.158 
EDO non-polymer         . 1,2-ETHANEDIOL  'ETHYLENE GLYCOL' 'C2 H6 O2'       62.068  
GLN 'L-peptide linking' y GLUTAMINE       ?                 'C5 H10 N2 O3'   146.144 
GLU 'L-peptide linking' y 'GLUTAMIC ACID' ?                 'C5 H9 N O4'     147.129 
GLY 'peptide linking'   y GLYCINE         ?                 'C2 H5 N O2'     75.067  
HIS 'L-peptide linking' y HISTIDINE       ?                 'C6 H10 N3 O2 1' 156.162 
HOH non-polymer         . WATER           ?                 'H2 O'           18.015  
ILE 'L-peptide linking' y ISOLEUCINE      ?                 'C6 H13 N O2'    131.173 
LEU 'L-peptide linking' y LEUCINE         ?                 'C6 H13 N O2'    131.173 
LYS 'L-peptide linking' y LYSINE          ?                 'C6 H15 N2 O2 1' 147.195 
NA  non-polymer         . 'SODIUM ION'    ?                 'Na 1'           22.990  
PRO 'L-peptide linking' y PROLINE         ?                 'C5 H9 N O2'     115.130 
SER 'L-peptide linking' y SERINE          ?                 'C3 H7 N O3'     105.093 
THR 'L-peptide linking' y THREONINE       ?                 'C4 H9 N O3'     119.119 
TYR 'L-peptide linking' y TYROSINE        ?                 'C9 H11 N O3'    181.189 
VAL 'L-peptide linking' y VALINE          ?                 'C5 H11 N O2'    117.146 
# 
loop_
_pdbx_poly_seq_scheme.asym_id 
_pdbx_poly_seq_scheme.entity_id 
_pdbx_poly_seq_scheme.seq_id 
_pdbx_poly_seq_scheme.mon_id 
_pdbx_poly_seq_scheme.ndb_seq_num 
_pdbx_poly_seq_scheme.pdb_seq_num 
_pdbx_poly_seq_scheme.auth_seq_num 
_pdbx_poly_seq_scheme.pdb_mon_id 
_pdbx_poly_seq_scheme.auth_mon_id 
_pdbx_poly_seq_scheme.pdb_strand_id 
_pdbx_poly_seq_scheme.pdb_ins_code 
_pdbx_poly_seq_scheme.hetero 
A 1 1  THR 1  1  ?  ?   ?   A . n 
A 1 2  ALA 2  2  ?  ?   ?   A . n 
A 1 3  VAL 3  3  ?  ?   ?   A . n 
A 1 4  PRO 4  4  ?  ?   ?   A . n 
A 1 5  ARG 5  5  ?  ?   ?   A . n 
A 1 6  ASP 6  6  ?  ?   ?   A . n 
A 1 7  VAL 7  7  ?  ?   ?   A . n 
A 1 8  ASN 8  8  ?  ?   ?   A . n 
A 1 9  GLY 9  9  ?  ?   ?   A . n 
A 1 10 GLY 10 10 10 GLY GLY A . n 
A 1 11 THR 11 11 11 THR THR A . n 
A 1 12 PRO 12 12 12 PRO PRO A . n 
A 1 13 PRO 13 13 13 PRO PRO A . n 
A 1 14 LYS 14 14 14 LYS LYS A . n 
A 1 15 SER 15 15 15 SER SER A . n 
A 1 16 CYS 16 16 16 CYS CYS A . n 
A 1 17 SER 17 17 17 SER SER A . n 
A 1 18 SER 18 18 18 SER SER A . n 
A 1 19 GLY 19 19 19 GLY GLY A . n 
A 1 20 PRO 20 20 20 PRO PRO A . n 
A 1 21 VAL 21 21 21 VAL VAL A . n 
A 1 22 TYR 22 22 22 TYR TYR A . n 
A 1 23 CYS 23 23 23 CYS CYS A . n 
A 1 24 CYS 24 24 24 CYS CYS A . n 
A 1 25 ASN 25 25 25 ASN ASN A . n 
A 1 26 LYS 26 26 26 LYS LYS A . n 
A 1 27 THR 27 27 27 THR THR A . n 
A 1 28 GLU 28 28 28 GLU GLU A . n 
A 1 29 ASP 29 29 29 ASP ASP A . n 
A 1 30 SER 30 30 30 SER SER A . n 
A 1 31 LYS 31 31 31 LYS LYS A . n 
A 1 32 HIS 32 32 32 HIS HIS A . n 
A 1 33 LEU 33 33 33 LEU LEU A . n 
A 1 34 ASP 34 34 34 ASP ASP A . n 
A 1 35 LYS 35 35 35 LYS LYS A . n 
A 1 36 GLY 36 36 36 GLY GLY A . n 
A 1 37 THR 37 37 37 THR THR A . n 
A 1 38 THR 38 38 38 THR THR A . n 
A 1 39 ALA 39 39 39 ALA ALA A . n 
A 1 40 LEU 40 40 40 LEU LEU A . n 
A 1 41 LEU 41 41 41 LEU LEU A . n 
A 1 42 GLY 42 42 42 GLY GLY A . n 
A 1 43 LEU 43 43 43 LEU LEU A . n 
A 1 44 LEU 44 44 44 LEU LEU A . n 
A 1 45 ASN 45 45 45 ASN ASN A . n 
A 1 46 ILE 46 46 46 ILE ILE A . n 
A 1 47 LYS 47 47 47 LYS LYS A . n 
A 1 48 ILE 48 48 48 ILE ILE A . n 
A 1 49 GLY 49 49 49 GLY GLY A . n 
A 1 50 ASP 50 50 50 ASP ASP A . n 
A 1 51 LEU 51 51 51 LEU LEU A . n 
A 1 52 LYS 52 52 52 LYS LYS A . n 
A 1 53 ASP 53 53 53 ASP ASP A . n 
A 1 54 LEU 54 54 54 LEU LEU A . n 
A 1 55 VAL 55 55 55 VAL VAL A . n 
A 1 56 GLY 56 56 56 GLY GLY A . n 
A 1 57 LEU 57 57 57 LEU LEU A . n 
A 1 58 ASN 58 58 58 ASN ASN A . n 
A 1 59 CYS 59 59 59 CYS CYS A . n 
A 1 60 SER 60 60 60 SER SER A . n 
A 1 61 PRO 61 61 61 PRO PRO A . n 
A 1 62 LEU 62 62 62 LEU LEU A . n 
A 1 63 SER 63 63 63 SER SER A . n 
A 1 64 VAL 64 64 ?  ?   ?   A . n 
A 1 65 ILE 65 65 ?  ?   ?   A . n 
A 1 66 GLY 66 66 ?  ?   ?   A . n 
A 1 67 VAL 67 67 ?  ?   ?   A . n 
A 1 68 GLY 68 68 ?  ?   ?   A . n 
A 1 69 GLY 69 69 ?  ?   ?   A . n 
A 1 70 ASN 70 70 ?  ?   ?   A . n 
A 1 71 SER 71 71 71 SER SER A . n 
A 1 72 CYS 72 72 72 CYS CYS A . n 
A 1 73 SER 73 73 73 SER SER A . n 
A 1 74 ALA 74 74 74 ALA ALA A . n 
A 1 75 GLN 75 75 75 GLN GLN A . n 
A 1 76 THR 76 76 76 THR THR A . n 
A 1 77 VAL 77 77 77 VAL VAL A . n 
A 1 78 CYS 78 78 78 CYS CYS A . n 
A 1 79 CYS 79 79 79 CYS CYS A . n 
A 1 80 THR 80 80 80 THR THR A . n 
A 1 81 ASN 81 81 81 ASN ASN A . n 
A 1 82 THR 82 82 82 THR THR A . n 
A 1 83 TYR 83 83 83 TYR TYR A . n 
A 1 84 GLN 84 84 84 GLN GLN A . n 
A 1 85 HIS 85 85 85 HIS HIS A . n 
A 1 86 GLY 86 86 86 GLY GLY A . n 
A 1 87 LEU 87 87 87 LEU LEU A . n 
A 1 88 VAL 88 88 88 VAL VAL A . n 
A 1 89 ASN 89 89 89 ASN ASN A . n 
A 1 90 VAL 90 90 90 VAL VAL A . n 
A 1 91 GLY 91 91 91 GLY GLY A . n 
A 1 92 CYS 92 92 92 CYS CYS A . n 
A 1 93 THR 93 93 93 THR THR A . n 
A 1 94 PRO 94 94 94 PRO PRO A . n 
A 1 95 ILE 95 95 95 ILE ILE A . n 
A 1 96 ASN 96 96 96 ASN ASN A . n 
A 1 97 ILE 97 97 97 ILE ILE A . n 
A 1 98 GLY 98 98 98 GLY GLY A . n 
A 1 99 LEU 99 99 99 LEU LEU A . n 
# 
loop_
_pdbx_nonpoly_scheme.asym_id 
_pdbx_nonpoly_scheme.entity_id 
_pdbx_nonpoly_scheme.mon_id 
_pdbx_nonpoly_scheme.ndb_seq_num 
_pdbx_nonpoly_scheme.pdb_seq_num 
_pdbx_nonpoly_scheme.auth_seq_num 
_pdbx_nonpoly_scheme.pdb_mon_id 
_pdbx_nonpoly_scheme.auth_mon_id 
_pdbx_nonpoly_scheme.pdb_strand_id 
_pdbx_nonpoly_scheme.pdb_ins_code 
B 2 EDO 1  101 101 EDO EDO A . 
C 2 EDO 1  102 201 EDO EDO A . 
D 3 NA  1  103 1   NA  NA  A . 
E 4 HOH 1  201 58  HOH HOH A . 
E 4 HOH 2  202 57  HOH HOH A . 
E 4 HOH 3  203 1   HOH HOH A . 
E 4 HOH 4  204 61  HOH HOH A . 
E 4 HOH 5  205 11  HOH HOH A . 
E 4 HOH 6  206 12  HOH HOH A . 
E 4 HOH 7  207 3   HOH HOH A . 
E 4 HOH 8  208 6   HOH HOH A . 
E 4 HOH 9  209 5   HOH HOH A . 
E 4 HOH 10 210 4   HOH HOH A . 
E 4 HOH 11 211 17  HOH HOH A . 
E 4 HOH 12 212 13  HOH HOH A . 
E 4 HOH 13 213 18  HOH HOH A . 
E 4 HOH 14 214 36  HOH HOH A . 
E 4 HOH 15 215 2   HOH HOH A . 
E 4 HOH 16 216 20  HOH HOH A . 
E 4 HOH 17 217 26  HOH HOH A . 
E 4 HOH 18 218 51  HOH HOH A . 
E 4 HOH 19 219 16  HOH HOH A . 
E 4 HOH 20 220 56  HOH HOH A . 
E 4 HOH 21 221 35  HOH HOH A . 
E 4 HOH 22 222 9   HOH HOH A . 
E 4 HOH 23 223 45  HOH HOH A . 
E 4 HOH 24 224 43  HOH HOH A . 
E 4 HOH 25 225 28  HOH HOH A . 
E 4 HOH 26 226 8   HOH HOH A . 
E 4 HOH 27 227 29  HOH HOH A . 
E 4 HOH 28 228 49  HOH HOH A . 
E 4 HOH 29 229 19  HOH HOH A . 
E 4 HOH 30 230 59  HOH HOH A . 
E 4 HOH 31 231 23  HOH HOH A . 
E 4 HOH 32 232 41  HOH HOH A . 
E 4 HOH 33 233 24  HOH HOH A . 
E 4 HOH 34 234 50  HOH HOH A . 
E 4 HOH 35 235 38  HOH HOH A . 
E 4 HOH 36 236 60  HOH HOH A . 
E 4 HOH 37 237 44  HOH HOH A . 
E 4 HOH 38 238 46  HOH HOH A . 
E 4 HOH 39 239 33  HOH HOH A . 
E 4 HOH 40 240 34  HOH HOH A . 
E 4 HOH 41 241 39  HOH HOH A . 
E 4 HOH 42 242 47  HOH HOH A . 
E 4 HOH 43 243 37  HOH HOH A . 
E 4 HOH 44 244 30  HOH HOH A . 
E 4 HOH 45 245 52  HOH HOH A . 
E 4 HOH 46 246 32  HOH HOH A . 
E 4 HOH 47 247 31  HOH HOH A . 
E 4 HOH 48 248 55  HOH HOH A . 
E 4 HOH 49 249 10  HOH HOH A . 
E 4 HOH 50 250 54  HOH HOH A . 
# 
loop_
_software.citation_id 
_software.classification 
_software.compiler_name 
_software.compiler_version 
_software.contact_author 
_software.contact_author_email 
_software.date 
_software.description 
_software.dependencies 
_software.hardware 
_software.language 
_software.location 
_software.mods 
_software.name 
_software.os 
_software.os_version 
_software.type 
_software.version 
_software.pdbx_ordinal 
? 'data collection' ? ? ? ? ? ? ? ? ? ? ? PROTEUM2  ? ? ? .           1 
? 'data reduction'  ? ? ? ? ? ? ? ? ? ? ? PROTEUM2  ? ? ? .           2 
? 'data scaling'    ? ? ? ? ? ? ? ? ? ? ? pointless ? ? ? .           3 
? 'data scaling'    ? ? ? ? ? ? ? ? ? ? ? Aimless   ? ? ? .           4 
? phasing           ? ? ? ? ? ? ? ? ? ? ? PHENIX    ? ? ? 1.17.1_3660 5 
? refinement        ? ? ? ? ? ? ? ? ? ? ? PHENIX    ? ? ? 1.17.1_3660 6 
? 'model building'  ? ? ? ? ? ? ? ? ? ? ? Coot      ? ? ? .           7 
# 
_cell.angle_alpha                  90.000 
_cell.angle_alpha_esd              ? 
_cell.angle_beta                   90.000 
_cell.angle_beta_esd               ? 
_cell.angle_gamma                  90.000 
_cell.angle_gamma_esd              ? 
_cell.entry_id                     7S86 
_cell.details                      ? 
_cell.formula_units_Z              ? 
_cell.length_a                     49.180 
_cell.length_a_esd                 ? 
_cell.length_b                     96.290 
_cell.length_b_esd                 ? 
_cell.length_c                     37.870 
_cell.length_c_esd                 ? 
_cell.volume                       179334.983 
_cell.volume_esd                   ? 
_cell.Z_PDB                        8 
_cell.reciprocal_angle_alpha       ? 
_cell.reciprocal_angle_beta        ? 
_cell.reciprocal_angle_gamma       ? 
_cell.reciprocal_angle_alpha_esd   ? 
_cell.reciprocal_angle_beta_esd    ? 
_cell.reciprocal_angle_gamma_esd   ? 
_cell.reciprocal_length_a          ? 
_cell.reciprocal_length_b          ? 
_cell.reciprocal_length_c          ? 
_cell.reciprocal_length_a_esd      ? 
_cell.reciprocal_length_b_esd      ? 
_cell.reciprocal_length_c_esd      ? 
_cell.pdbx_unique_axis             ? 
# 
_symmetry.entry_id                         7S86 
_symmetry.cell_setting                     ? 
_symmetry.Int_Tables_number                20 
_symmetry.space_group_name_Hall            'C 2c 2' 
_symmetry.space_group_name_H-M             'C 2 2 21' 
_symmetry.pdbx_full_space_group_name_H-M   ? 
# 
_exptl.absorpt_coefficient_mu     ? 
_exptl.absorpt_correction_T_max   ? 
_exptl.absorpt_correction_T_min   ? 
_exptl.absorpt_correction_type    ? 
_exptl.absorpt_process_details    ? 
_exptl.entry_id                   7S86 
_exptl.crystals_number            1 
_exptl.details                    ? 
_exptl.method                     'X-RAY DIFFRACTION' 
_exptl.method_details             ? 
# 
_exptl_crystal.colour                      ? 
_exptl_crystal.density_diffrn              ? 
_exptl_crystal.density_Matthews            2.01 
_exptl_crystal.density_method              ? 
_exptl_crystal.density_percent_sol         44.59 
_exptl_crystal.description                 'Large clusters of plates' 
_exptl_crystal.F_000                       ? 
_exptl_crystal.id                          1 
_exptl_crystal.preparation                 ? 
_exptl_crystal.size_max                    ? 
_exptl_crystal.size_mid                    ? 
_exptl_crystal.size_min                    ? 
_exptl_crystal.size_rad                    ? 
_exptl_crystal.colour_lustre               ? 
_exptl_crystal.colour_modifier             ? 
_exptl_crystal.colour_primary              ? 
_exptl_crystal.density_meas                ? 
_exptl_crystal.density_meas_esd            ? 
_exptl_crystal.density_meas_gt             ? 
_exptl_crystal.density_meas_lt             ? 
_exptl_crystal.density_meas_temp           ? 
_exptl_crystal.density_meas_temp_esd       ? 
_exptl_crystal.density_meas_temp_gt        ? 
_exptl_crystal.density_meas_temp_lt        ? 
_exptl_crystal.pdbx_crystal_image_url      ? 
_exptl_crystal.pdbx_crystal_image_format   ? 
_exptl_crystal.pdbx_mosaicity              ? 
_exptl_crystal.pdbx_mosaicity_esd          ? 
# 
_exptl_crystal_grow.apparatus       ? 
_exptl_crystal_grow.atmosphere      ? 
_exptl_crystal_grow.crystal_id      1 
_exptl_crystal_grow.details         ? 
_exptl_crystal_grow.method          'VAPOR DIFFUSION, HANGING DROP' 
_exptl_crystal_grow.method_ref      ? 
_exptl_crystal_grow.pH              3.5 
_exptl_crystal_grow.pressure        ? 
_exptl_crystal_grow.pressure_esd    ? 
_exptl_crystal_grow.seeding         ? 
_exptl_crystal_grow.seeding_ref     ? 
_exptl_crystal_grow.temp            293 
_exptl_crystal_grow.temp_details    ? 
_exptl_crystal_grow.temp_esd        ? 
_exptl_crystal_grow.time            ? 
_exptl_crystal_grow.pdbx_details    
;0.1 M Citric acid pH 3.5
30.5% PEG 3350
;
_exptl_crystal_grow.pdbx_pH_range   ? 
# 
_diffrn.ambient_environment              ? 
_diffrn.ambient_temp                     100 
_diffrn.ambient_temp_details             ? 
_diffrn.ambient_temp_esd                 ? 
_diffrn.crystal_id                       1 
_diffrn.crystal_support                  ? 
_diffrn.crystal_treatment                ? 
_diffrn.details                          ? 
_diffrn.id                               1 
_diffrn.ambient_pressure                 ? 
_diffrn.ambient_pressure_esd             ? 
_diffrn.ambient_pressure_gt              ? 
_diffrn.ambient_pressure_lt              ? 
_diffrn.ambient_temp_gt                  ? 
_diffrn.ambient_temp_lt                  ? 
_diffrn.pdbx_serial_crystal_experiment   N 
# 
_diffrn_detector.details                      ? 
_diffrn_detector.detector                     PIXEL 
_diffrn_detector.diffrn_id                    1 
_diffrn_detector.type                         'DECTRIS PILATUS3 6M' 
_diffrn_detector.area_resol_mean              ? 
_diffrn_detector.dtime                        ? 
_diffrn_detector.pdbx_frames_total            ? 
_diffrn_detector.pdbx_collection_time_total   ? 
_diffrn_detector.pdbx_collection_date         2020-09-17 
_diffrn_detector.pdbx_frequency               ? 
# 
_diffrn_radiation.collimation                      ? 
_diffrn_radiation.diffrn_id                        1 
_diffrn_radiation.filter_edge                      ? 
_diffrn_radiation.inhomogeneity                    ? 
_diffrn_radiation.monochromator                    ? 
_diffrn_radiation.polarisn_norm                    ? 
_diffrn_radiation.polarisn_ratio                   ? 
_diffrn_radiation.probe                            ? 
_diffrn_radiation.type                             ? 
_diffrn_radiation.xray_symbol                      ? 
_diffrn_radiation.wavelength_id                    1 
_diffrn_radiation.pdbx_monochromatic_or_laue_m_l   M 
_diffrn_radiation.pdbx_wavelength_list             ? 
_diffrn_radiation.pdbx_wavelength                  ? 
_diffrn_radiation.pdbx_diffrn_protocol             'SINGLE WAVELENGTH' 
_diffrn_radiation.pdbx_analyzer                    ? 
_diffrn_radiation.pdbx_scattering_type             x-ray 
# 
_diffrn_radiation_wavelength.id           1 
_diffrn_radiation_wavelength.wavelength   1.5408 
_diffrn_radiation_wavelength.wt           1.0 
# 
_diffrn_source.current                     ? 
_diffrn_source.details                     ? 
_diffrn_source.diffrn_id                   1 
_diffrn_source.power                       ? 
_diffrn_source.size                        ? 
_diffrn_source.source                      SYNCHROTRON 
_diffrn_source.target                      ? 
_diffrn_source.type                        'CLSI BEAMLINE 08B1-1' 
_diffrn_source.voltage                     ? 
_diffrn_source.take-off_angle              ? 
_diffrn_source.pdbx_wavelength_list        1.5408 
_diffrn_source.pdbx_wavelength             ? 
_diffrn_source.pdbx_synchrotron_beamline   08B1-1 
_diffrn_source.pdbx_synchrotron_site       CLSI 
# 
_reflns.B_iso_Wilson_estimate                          32.62 
_reflns.entry_id                                       7S86 
_reflns.data_reduction_details                         ? 
_reflns.data_reduction_method                          ? 
_reflns.d_resolution_high                              2.0 
_reflns.d_resolution_low                               43.8 
_reflns.details                                        ? 
_reflns.limit_h_max                                    ? 
_reflns.limit_h_min                                    ? 
_reflns.limit_k_max                                    ? 
_reflns.limit_k_min                                    ? 
_reflns.limit_l_max                                    ? 
_reflns.limit_l_min                                    ? 
_reflns.number_all                                     ? 
_reflns.number_obs                                     6317 
_reflns.observed_criterion                             ? 
_reflns.observed_criterion_F_max                       ? 
_reflns.observed_criterion_F_min                       ? 
_reflns.observed_criterion_I_max                       ? 
_reflns.observed_criterion_I_min                       ? 
_reflns.observed_criterion_sigma_F                     ? 
_reflns.observed_criterion_sigma_I                     ? 
_reflns.percent_possible_obs                           99.09 
_reflns.R_free_details                                 ? 
_reflns.Rmerge_F_all                                   ? 
_reflns.Rmerge_F_obs                                   ? 
_reflns.Friedel_coverage                               ? 
_reflns.number_gt                                      ? 
_reflns.threshold_expression                           ? 
_reflns.pdbx_redundancy                                11.5 
_reflns.pdbx_Rmerge_I_obs                              0.051 
_reflns.pdbx_Rmerge_I_all                              ? 
_reflns.pdbx_Rsym_value                                ? 
_reflns.pdbx_netI_over_av_sigmaI                       ? 
_reflns.pdbx_netI_over_sigmaI                          29.60 
_reflns.pdbx_res_netI_over_av_sigmaI_2                 ? 
_reflns.pdbx_res_netI_over_sigmaI_2                    ? 
_reflns.pdbx_chi_squared                               ? 
_reflns.pdbx_scaling_rejects                           ? 
_reflns.pdbx_d_res_high_opt                            ? 
_reflns.pdbx_d_res_low_opt                             ? 
_reflns.pdbx_d_res_opt_method                          ? 
_reflns.phase_calculation_details                      ? 
_reflns.pdbx_Rrim_I_all                                0.054 
_reflns.pdbx_Rpim_I_all                                0.016 
_reflns.pdbx_d_opt                                     ? 
_reflns.pdbx_number_measured_all                       ? 
_reflns.pdbx_diffrn_id                                 1 
_reflns.pdbx_ordinal                                   1 
_reflns.pdbx_CC_half                                   0.999 
_reflns.pdbx_CC_star                                   1 
_reflns.pdbx_R_split                                   ? 
_reflns.pdbx_aniso_diffraction_limit_axis_1_ortho[1]   ? 
_reflns.pdbx_aniso_diffraction_limit_axis_1_ortho[2]   ? 
_reflns.pdbx_aniso_diffraction_limit_axis_1_ortho[3]   ? 
_reflns.pdbx_aniso_diffraction_limit_axis_2_ortho[1]   ? 
_reflns.pdbx_aniso_diffraction_limit_axis_2_ortho[2]   ? 
_reflns.pdbx_aniso_diffraction_limit_axis_2_ortho[3]   ? 
_reflns.pdbx_aniso_diffraction_limit_axis_3_ortho[1]   ? 
_reflns.pdbx_aniso_diffraction_limit_axis_3_ortho[2]   ? 
_reflns.pdbx_aniso_diffraction_limit_axis_3_ortho[3]   ? 
_reflns.pdbx_aniso_diffraction_limit_1                 ? 
_reflns.pdbx_aniso_diffraction_limit_2                 ? 
_reflns.pdbx_aniso_diffraction_limit_3                 ? 
_reflns.pdbx_aniso_B_tensor_eigenvector_1_ortho[1]     ? 
_reflns.pdbx_aniso_B_tensor_eigenvector_1_ortho[2]     ? 
_reflns.pdbx_aniso_B_tensor_eigenvector_1_ortho[3]     ? 
_reflns.pdbx_aniso_B_tensor_eigenvector_2_ortho[1]     ? 
_reflns.pdbx_aniso_B_tensor_eigenvector_2_ortho[2]     ? 
_reflns.pdbx_aniso_B_tensor_eigenvector_2_ortho[3]     ? 
_reflns.pdbx_aniso_B_tensor_eigenvector_3_ortho[1]     ? 
_reflns.pdbx_aniso_B_tensor_eigenvector_3_ortho[2]     ? 
_reflns.pdbx_aniso_B_tensor_eigenvector_3_ortho[3]     ? 
_reflns.pdbx_aniso_B_tensor_eigenvalue_1               ? 
_reflns.pdbx_aniso_B_tensor_eigenvalue_2               ? 
_reflns.pdbx_aniso_B_tensor_eigenvalue_3               ? 
_reflns.pdbx_orthogonalization_convention              ? 
_reflns.pdbx_percent_possible_ellipsoidal              ? 
_reflns.pdbx_percent_possible_spherical                ? 
_reflns.pdbx_percent_possible_ellipsoidal_anomalous    ? 
_reflns.pdbx_percent_possible_spherical_anomalous      ? 
_reflns.pdbx_redundancy_anomalous                      ? 
_reflns.pdbx_CC_half_anomalous                         ? 
_reflns.pdbx_absDiff_over_sigma_anomalous              ? 
_reflns.pdbx_percent_possible_anomalous                ? 
_reflns.pdbx_observed_signal_threshold                 ? 
_reflns.pdbx_signal_type                               ? 
_reflns.pdbx_signal_details                            ? 
_reflns.pdbx_signal_software_id                        ? 
# 
_reflns_shell.d_res_high                                    2.00 
_reflns_shell.d_res_low                                     2.07 
_reflns_shell.meanI_over_sigI_all                           ? 
_reflns_shell.meanI_over_sigI_obs                           7.9 
_reflns_shell.number_measured_all                           ? 
_reflns_shell.number_measured_obs                           ? 
_reflns_shell.number_possible                               ? 
_reflns_shell.number_unique_all                             ? 
_reflns_shell.number_unique_obs                             596 
_reflns_shell.percent_possible_all                          96.24 
_reflns_shell.percent_possible_obs                          ? 
_reflns_shell.Rmerge_F_all                                  ? 
_reflns_shell.Rmerge_F_obs                                  ? 
_reflns_shell.Rmerge_I_all                                  ? 
_reflns_shell.Rmerge_I_obs                                  0.329 
_reflns_shell.meanI_over_sigI_gt                            ? 
_reflns_shell.meanI_over_uI_all                             ? 
_reflns_shell.meanI_over_uI_gt                              ? 
_reflns_shell.number_measured_gt                            ? 
_reflns_shell.number_unique_gt                              ? 
_reflns_shell.percent_possible_gt                           ? 
_reflns_shell.Rmerge_F_gt                                   ? 
_reflns_shell.Rmerge_I_gt                                   ? 
_reflns_shell.pdbx_redundancy                               11.1 
_reflns_shell.pdbx_Rsym_value                               ? 
_reflns_shell.pdbx_chi_squared                              ? 
_reflns_shell.pdbx_netI_over_sigmaI_all                     ? 
_reflns_shell.pdbx_netI_over_sigmaI_obs                     ? 
_reflns_shell.pdbx_Rrim_I_all                               0.346 
_reflns_shell.pdbx_Rpim_I_all                               0.105 
_reflns_shell.pdbx_rejects                                  ? 
_reflns_shell.pdbx_ordinal                                  1 
_reflns_shell.pdbx_diffrn_id                                1 
_reflns_shell.pdbx_CC_half                                  0.994 
_reflns_shell.pdbx_CC_star                                  0.998 
_reflns_shell.pdbx_R_split                                  ? 
_reflns_shell.pdbx_percent_possible_ellipsoidal             ? 
_reflns_shell.pdbx_percent_possible_spherical               ? 
_reflns_shell.pdbx_percent_possible_ellipsoidal_anomalous   ? 
_reflns_shell.pdbx_percent_possible_spherical_anomalous     ? 
_reflns_shell.pdbx_redundancy_anomalous                     ? 
_reflns_shell.pdbx_CC_half_anomalous                        ? 
_reflns_shell.pdbx_absDiff_over_sigma_anomalous             ? 
_reflns_shell.pdbx_percent_possible_anomalous               ? 
# 
_refine.aniso_B[1][1]                            ? 
_refine.aniso_B[1][2]                            ? 
_refine.aniso_B[1][3]                            ? 
_refine.aniso_B[2][2]                            ? 
_refine.aniso_B[2][3]                            ? 
_refine.aniso_B[3][3]                            ? 
_refine.B_iso_max                                ? 
_refine.B_iso_mean                               36.06 
_refine.B_iso_min                                ? 
_refine.correlation_coeff_Fo_to_Fc               ? 
_refine.correlation_coeff_Fo_to_Fc_free          ? 
_refine.details                                  ? 
_refine.diff_density_max                         ? 
_refine.diff_density_max_esd                     ? 
_refine.diff_density_min                         ? 
_refine.diff_density_min_esd                     ? 
_refine.diff_density_rms                         ? 
_refine.diff_density_rms_esd                     ? 
_refine.entry_id                                 7S86 
_refine.pdbx_refine_id                           'X-RAY DIFFRACTION' 
_refine.ls_abs_structure_details                 ? 
_refine.ls_abs_structure_Flack                   ? 
_refine.ls_abs_structure_Flack_esd               ? 
_refine.ls_abs_structure_Rogers                  ? 
_refine.ls_abs_structure_Rogers_esd              ? 
_refine.ls_d_res_high                            2.00 
_refine.ls_d_res_low                             43.8 
_refine.ls_extinction_coef                       ? 
_refine.ls_extinction_coef_esd                   ? 
_refine.ls_extinction_expression                 ? 
_refine.ls_extinction_method                     ? 
_refine.ls_goodness_of_fit_all                   ? 
_refine.ls_goodness_of_fit_all_esd               ? 
_refine.ls_goodness_of_fit_obs                   ? 
_refine.ls_goodness_of_fit_obs_esd               ? 
_refine.ls_hydrogen_treatment                    ? 
_refine.ls_matrix_type                           ? 
_refine.ls_number_constraints                    ? 
_refine.ls_number_parameters                     ? 
_refine.ls_number_reflns_all                     ? 
_refine.ls_number_reflns_obs                     6317 
_refine.ls_number_reflns_R_free                  316 
_refine.ls_number_reflns_R_work                  5993 
_refine.ls_number_restraints                     ? 
_refine.ls_percent_reflns_obs                    99.09 
_refine.ls_percent_reflns_R_free                 5.01 
_refine.ls_R_factor_all                          ? 
_refine.ls_R_factor_obs                          ? 
_refine.ls_R_factor_R_free                       0.2520 
_refine.ls_R_factor_R_free_error                 ? 
_refine.ls_R_factor_R_free_error_details         ? 
_refine.ls_R_factor_R_work                       0.2043 
_refine.ls_R_Fsqd_factor_obs                     ? 
_refine.ls_R_I_factor_obs                        ? 
_refine.ls_redundancy_reflns_all                 ? 
_refine.ls_redundancy_reflns_obs                 ? 
_refine.ls_restrained_S_all                      ? 
_refine.ls_restrained_S_obs                      ? 
_refine.ls_shift_over_esd_max                    ? 
_refine.ls_shift_over_esd_mean                   ? 
_refine.ls_structure_factor_coef                 ? 
_refine.ls_weighting_details                     ? 
_refine.ls_weighting_scheme                      ? 
_refine.ls_wR_factor_all                         ? 
_refine.ls_wR_factor_obs                         ? 
_refine.ls_wR_factor_R_free                      ? 
_refine.ls_wR_factor_R_work                      ? 
_refine.occupancy_max                            ? 
_refine.occupancy_min                            ? 
_refine.solvent_model_details                    'FLAT BULK SOLVENT MODEL' 
_refine.solvent_model_param_bsol                 ? 
_refine.solvent_model_param_ksol                 ? 
_refine.pdbx_R_complete                          ? 
_refine.ls_R_factor_gt                           ? 
_refine.ls_goodness_of_fit_gt                    ? 
_refine.ls_goodness_of_fit_ref                   ? 
_refine.ls_shift_over_su_max                     ? 
_refine.ls_shift_over_su_max_lt                  ? 
_refine.ls_shift_over_su_mean                    ? 
_refine.ls_shift_over_su_mean_lt                 ? 
_refine.pdbx_ls_sigma_I                          ? 
_refine.pdbx_ls_sigma_F                          ? 
_refine.pdbx_ls_sigma_Fsqd                       ? 
_refine.pdbx_data_cutoff_high_absF               ? 
_refine.pdbx_data_cutoff_high_rms_absF           ? 
_refine.pdbx_data_cutoff_low_absF                ? 
_refine.pdbx_isotropic_thermal_model             ? 
_refine.pdbx_ls_cross_valid_method               'FREE R-VALUE' 
_refine.pdbx_method_to_determine_struct          'MOLECULAR REPLACEMENT' 
_refine.pdbx_starting_model                      2NBH 
_refine.pdbx_stereochemistry_target_values       'GeoStd + Monomer Library + CDL v1.2' 
_refine.pdbx_R_Free_selection_details            ? 
_refine.pdbx_stereochem_target_val_spec_case     ? 
_refine.pdbx_overall_ESU_R                       ? 
_refine.pdbx_overall_ESU_R_Free                  ? 
_refine.pdbx_solvent_vdw_probe_radii             1.1100 
_refine.pdbx_solvent_ion_probe_radii             ? 
_refine.pdbx_solvent_shrinkage_radii             0.9000 
_refine.pdbx_real_space_R                        ? 
_refine.pdbx_density_correlation                 ? 
_refine.pdbx_pd_number_of_powder_patterns        ? 
_refine.pdbx_pd_number_of_points                 ? 
_refine.pdbx_pd_meas_number_of_points            ? 
_refine.pdbx_pd_proc_ls_prof_R_factor            ? 
_refine.pdbx_pd_proc_ls_prof_wR_factor           ? 
_refine.pdbx_pd_Marquardt_correlation_coeff      ? 
_refine.pdbx_pd_Fsqrd_R_factor                   ? 
_refine.pdbx_pd_ls_matrix_band_width             ? 
_refine.pdbx_overall_phase_error                 27.5604 
_refine.pdbx_overall_SU_R_free_Cruickshank_DPI   ? 
_refine.pdbx_overall_SU_R_free_Blow_DPI          ? 
_refine.pdbx_overall_SU_R_Blow_DPI               ? 
_refine.pdbx_TLS_residual_ADP_flag               ? 
_refine.pdbx_diffrn_id                           1 
_refine.overall_SU_B                             ? 
_refine.overall_SU_ML                            0.1117 
_refine.overall_SU_R_Cruickshank_DPI             ? 
_refine.overall_SU_R_free                        ? 
_refine.overall_FOM_free_R_set                   ? 
_refine.overall_FOM_work_R_set                   ? 
_refine.pdbx_average_fsc_overall                 ? 
_refine.pdbx_average_fsc_work                    ? 
_refine.pdbx_average_fsc_free                    ? 
# 
_refine_hist.pdbx_refine_id                   'X-RAY DIFFRACTION' 
_refine_hist.cycle_id                         LAST 
_refine_hist.details                          ? 
_refine_hist.d_res_high                       2.00 
_refine_hist.d_res_low                        43.8 
_refine_hist.number_atoms_solvent             50 
_refine_hist.number_atoms_total               653 
_refine_hist.number_reflns_all                ? 
_refine_hist.number_reflns_obs                ? 
_refine_hist.number_reflns_R_free             ? 
_refine_hist.number_reflns_R_work             ? 
_refine_hist.R_factor_all                     ? 
_refine_hist.R_factor_obs                     ? 
_refine_hist.R_factor_R_free                  ? 
_refine_hist.R_factor_R_work                  ? 
_refine_hist.pdbx_number_residues_total       ? 
_refine_hist.pdbx_B_iso_mean_ligand           ? 
_refine_hist.pdbx_B_iso_mean_solvent          ? 
_refine_hist.pdbx_number_atoms_protein        594 
_refine_hist.pdbx_number_atoms_nucleic_acid   0 
_refine_hist.pdbx_number_atoms_ligand         9 
_refine_hist.pdbx_number_atoms_lipid          ? 
_refine_hist.pdbx_number_atoms_carb           ? 
_refine_hist.pdbx_pseudo_atom_details         ? 
# 
loop_
_refine_ls_restr.pdbx_refine_id 
_refine_ls_restr.criterion 
_refine_ls_restr.dev_ideal 
_refine_ls_restr.dev_ideal_target 
_refine_ls_restr.number 
_refine_ls_restr.rejects 
_refine_ls_restr.type 
_refine_ls_restr.weight 
_refine_ls_restr.pdbx_restraint_function 
'X-RAY DIFFRACTION' ? 0.0035 ? 612 ? f_bond_d           ? ? 
'X-RAY DIFFRACTION' ? 0.6281 ? 829 ? f_angle_d          ? ? 
'X-RAY DIFFRACTION' ? 0.0412 ? 104 ? f_chiral_restr     ? ? 
'X-RAY DIFFRACTION' ? 0.0030 ? 105 ? f_plane_restr      ? ? 
'X-RAY DIFFRACTION' ? 6.0681 ? 88  ? f_dihedral_angle_d ? ? 
# 
_refine_ls_shell.pdbx_refine_id                   'X-RAY DIFFRACTION' 
_refine_ls_shell.d_res_high                       2.00 
_refine_ls_shell.d_res_low                        2.072 
_refine_ls_shell.number_reflns_all                ? 
_refine_ls_shell.number_reflns_obs                ? 
_refine_ls_shell.number_reflns_R_free             29 
_refine_ls_shell.number_reflns_R_work             588 
_refine_ls_shell.percent_reflns_obs               96.24 
_refine_ls_shell.percent_reflns_R_free            4.93 
_refine_ls_shell.R_factor_all                     ? 
_refine_ls_shell.R_factor_obs                     ? 
_refine_ls_shell.R_factor_R_free                  0.5689 
_refine_ls_shell.R_factor_R_free_error            ? 
_refine_ls_shell.R_factor_R_work                  0.4116 
_refine_ls_shell.redundancy_reflns_all            ? 
_refine_ls_shell.redundancy_reflns_obs            ? 
_refine_ls_shell.wR_factor_all                    ? 
_refine_ls_shell.wR_factor_obs                    ? 
_refine_ls_shell.wR_factor_R_free                 ? 
_refine_ls_shell.wR_factor_R_work                 ? 
_refine_ls_shell.pdbx_R_complete                  ? 
_refine_ls_shell.pdbx_total_number_of_bins_used   ? 
_refine_ls_shell.pdbx_phase_error                 ? 
_refine_ls_shell.pdbx_fsc_work                    ? 
_refine_ls_shell.pdbx_fsc_free                    ? 
# 
_struct.entry_id                     7S86 
_struct.title                        'Crystal structure of hydrophobin SC16, C2221' 
_struct.pdbx_model_details           ? 
_struct.pdbx_formula_weight          ? 
_struct.pdbx_formula_weight_method   ? 
_struct.pdbx_model_type_details      ? 
_struct.pdbx_CASP_flag               N 
# 
_struct_keywords.entry_id        7S86 
_struct_keywords.text            'hydrophobin, self-assembly, surface modifier, structural protein' 
_struct_keywords.pdbx_keywords   'STRUCTURAL PROTEIN' 
# 
loop_
_struct_asym.id 
_struct_asym.pdbx_blank_PDB_chainid_flag 
_struct_asym.pdbx_modified 
_struct_asym.entity_id 
_struct_asym.details 
A N N 1 ? 
B N N 2 ? 
C N N 2 ? 
D N N 3 ? 
E N N 4 ? 
# 
_struct_ref.id                         1 
_struct_ref.db_name                    UNP 
_struct_ref.db_code                    D8QCG9_SCHCM 
_struct_ref.pdbx_db_accession          D8QCG9 
_struct_ref.pdbx_db_isoform            ? 
_struct_ref.entity_id                  1 
_struct_ref.pdbx_seq_one_letter_code   
;TAVPRDVNGGTPPKSCSSGPVYCCNKTEDHLDKGTTALLGLLNIKIGDLKDLVGLNCSPLSVIGVGGNSCSAQTVCCTNT
YQHGLVNVGCTPINIGL
;
_struct_ref.pdbx_align_begin           18 
# 
_struct_ref_seq.align_id                      1 
_struct_ref_seq.ref_id                        1 
_struct_ref_seq.pdbx_PDB_id_code              7S86 
_struct_ref_seq.pdbx_strand_id                A 
_struct_ref_seq.seq_align_beg                 1 
_struct_ref_seq.pdbx_seq_align_beg_ins_code   ? 
_struct_ref_seq.seq_align_end                 99 
_struct_ref_seq.pdbx_seq_align_end_ins_code   ? 
_struct_ref_seq.pdbx_db_accession             D8QCG9 
_struct_ref_seq.db_align_beg                  18 
_struct_ref_seq.pdbx_db_align_beg_ins_code    ? 
_struct_ref_seq.db_align_end                  114 
_struct_ref_seq.pdbx_db_align_end_ins_code    ? 
_struct_ref_seq.pdbx_auth_seq_align_beg       1 
_struct_ref_seq.pdbx_auth_seq_align_end       99 
# 
loop_
_struct_ref_seq_dif.align_id 
_struct_ref_seq_dif.pdbx_pdb_id_code 
_struct_ref_seq_dif.mon_id 
_struct_ref_seq_dif.pdbx_pdb_strand_id 
_struct_ref_seq_dif.seq_num 
_struct_ref_seq_dif.pdbx_pdb_ins_code 
_struct_ref_seq_dif.pdbx_seq_db_name 
_struct_ref_seq_dif.pdbx_seq_db_accession_code 
_struct_ref_seq_dif.db_mon_id 
_struct_ref_seq_dif.pdbx_seq_db_seq_num 
_struct_ref_seq_dif.details 
_struct_ref_seq_dif.pdbx_auth_seq_num 
_struct_ref_seq_dif.pdbx_ordinal 
1 7S86 SER A 30 ? UNP D8QCG9 ? ? insertion 30 1 
1 7S86 LYS A 31 ? UNP D8QCG9 ? ? insertion 31 2 
# 
_pdbx_struct_assembly.id                   1 
_pdbx_struct_assembly.details              author_defined_assembly 
_pdbx_struct_assembly.method_details       ? 
_pdbx_struct_assembly.oligomeric_details   monomeric 
_pdbx_struct_assembly.oligomeric_count     1 
# 
loop_
_pdbx_struct_assembly_prop.biol_id 
_pdbx_struct_assembly_prop.type 
_pdbx_struct_assembly_prop.value 
_pdbx_struct_assembly_prop.details 
1 'ABSA (A^2)' 380  ? 
1 MORE         1    ? 
1 'SSA (A^2)'  5680 ? 
# 
_pdbx_struct_assembly_gen.assembly_id       1 
_pdbx_struct_assembly_gen.oper_expression   1 
_pdbx_struct_assembly_gen.asym_id_list      A,B,C,D,E 
# 
_pdbx_struct_assembly_auth_evidence.id                     1 
_pdbx_struct_assembly_auth_evidence.assembly_id            1 
_pdbx_struct_assembly_auth_evidence.experimental_support   'NMR relaxation study' 
_pdbx_struct_assembly_auth_evidence.details                'Exists as a monomer.' 
# 
_pdbx_struct_oper_list.id                   1 
_pdbx_struct_oper_list.type                 'identity operation' 
_pdbx_struct_oper_list.name                 1_555 
_pdbx_struct_oper_list.symmetry_operation   x,y,z 
_pdbx_struct_oper_list.matrix[1][1]         1.0000000000 
_pdbx_struct_oper_list.matrix[1][2]         0.0000000000 
_pdbx_struct_oper_list.matrix[1][3]         0.0000000000 
_pdbx_struct_oper_list.vector[1]            0.0000000000 
_pdbx_struct_oper_list.matrix[2][1]         0.0000000000 
_pdbx_struct_oper_list.matrix[2][2]         1.0000000000 
_pdbx_struct_oper_list.matrix[2][3]         0.0000000000 
_pdbx_struct_oper_list.vector[2]            0.0000000000 
_pdbx_struct_oper_list.matrix[3][1]         0.0000000000 
_pdbx_struct_oper_list.matrix[3][2]         0.0000000000 
_pdbx_struct_oper_list.matrix[3][3]         1.0000000000 
_pdbx_struct_oper_list.vector[3]            0.0000000000 
# 
loop_
_struct_conf.conf_type_id 
_struct_conf.id 
_struct_conf.pdbx_PDB_helix_id 
_struct_conf.beg_label_comp_id 
_struct_conf.beg_label_asym_id 
_struct_conf.beg_label_seq_id 
_struct_conf.pdbx_beg_PDB_ins_code 
_struct_conf.end_label_comp_id 
_struct_conf.end_label_asym_id 
_struct_conf.end_label_seq_id 
_struct_conf.pdbx_end_PDB_ins_code 
_struct_conf.beg_auth_comp_id 
_struct_conf.beg_auth_asym_id 
_struct_conf.beg_auth_seq_id 
_struct_conf.end_auth_comp_id 
_struct_conf.end_auth_asym_id 
_struct_conf.end_auth_seq_id 
_struct_conf.pdbx_PDB_helix_class 
_struct_conf.details 
_struct_conf.pdbx_PDB_helix_length 
HELX_P HELX_P1 AA1 ASP A 34 ? LEU A 44 ? ASP A 34 LEU A 44 1 ? 11 
HELX_P HELX_P2 AA2 LYS A 47 ? LEU A 51 ? LYS A 47 LEU A 51 5 ? 5  
# 
_struct_conf_type.id          HELX_P 
_struct_conf_type.criteria    ? 
_struct_conf_type.reference   ? 
# 
loop_
_struct_conn.id 
_struct_conn.conn_type_id 
_struct_conn.pdbx_leaving_atom_flag 
_struct_conn.pdbx_PDB_id 
_struct_conn.ptnr1_label_asym_id 
_struct_conn.ptnr1_label_comp_id 
_struct_conn.ptnr1_label_seq_id 
_struct_conn.ptnr1_label_atom_id 
_struct_conn.pdbx_ptnr1_label_alt_id 
_struct_conn.pdbx_ptnr1_PDB_ins_code 
_struct_conn.pdbx_ptnr1_standard_comp_id 
_struct_conn.ptnr1_symmetry 
_struct_conn.ptnr2_label_asym_id 
_struct_conn.ptnr2_label_comp_id 
_struct_conn.ptnr2_label_seq_id 
_struct_conn.ptnr2_label_atom_id 
_struct_conn.pdbx_ptnr2_label_alt_id 
_struct_conn.pdbx_ptnr2_PDB_ins_code 
_struct_conn.ptnr1_auth_asym_id 
_struct_conn.ptnr1_auth_comp_id 
_struct_conn.ptnr1_auth_seq_id 
_struct_conn.ptnr2_auth_asym_id 
_struct_conn.ptnr2_auth_comp_id 
_struct_conn.ptnr2_auth_seq_id 
_struct_conn.ptnr2_symmetry 
_struct_conn.pdbx_ptnr3_label_atom_id 
_struct_conn.pdbx_ptnr3_label_seq_id 
_struct_conn.pdbx_ptnr3_label_comp_id 
_struct_conn.pdbx_ptnr3_label_asym_id 
_struct_conn.pdbx_ptnr3_label_alt_id 
_struct_conn.pdbx_ptnr3_PDB_ins_code 
_struct_conn.details 
_struct_conn.pdbx_dist_value 
_struct_conn.pdbx_value_order 
_struct_conn.pdbx_role 
disulf1 disulf ? ? A CYS 16 SG ? ? ? 1_555 A CYS 78 SG ? ? A CYS 16 A CYS 78  1_555 ? ? ? ? ? ? ? 2.026 ? ? 
disulf2 disulf ? ? A CYS 23 SG ? ? ? 1_555 A CYS 72 SG ? ? A CYS 23 A CYS 72  1_555 ? ? ? ? ? ? ? 2.062 ? ? 
disulf3 disulf ? ? A CYS 24 SG ? ? ? 1_555 A CYS 59 SG ? ? A CYS 24 A CYS 59  1_555 ? ? ? ? ? ? ? 2.030 ? ? 
disulf4 disulf ? ? A CYS 79 SG ? ? ? 1_555 A CYS 92 SG ? ? A CYS 79 A CYS 92  1_555 ? ? ? ? ? ? ? 2.041 ? ? 
metalc1 metalc ? ? A SER 18 OG ? ? ? 1_555 D NA  .  NA ? ? A SER 18 A NA  103 6_445 ? ? ? ? ? ? ? 3.100 ? ? 
# 
loop_
_struct_conn_type.id 
_struct_conn_type.criteria 
_struct_conn_type.reference 
disulf ? ? 
metalc ? ? 
# 
loop_
_pdbx_modification_feature.ordinal 
_pdbx_modification_feature.label_comp_id 
_pdbx_modification_feature.label_asym_id 
_pdbx_modification_feature.label_seq_id 
_pdbx_modification_feature.label_alt_id 
_pdbx_modification_feature.modified_residue_label_comp_id 
_pdbx_modification_feature.modified_residue_label_asym_id 
_pdbx_modification_feature.modified_residue_label_seq_id 
_pdbx_modification_feature.modified_residue_label_alt_id 
_pdbx_modification_feature.auth_comp_id 
_pdbx_modification_feature.auth_asym_id 
_pdbx_modification_feature.auth_seq_id 
_pdbx_modification_feature.PDB_ins_code 
_pdbx_modification_feature.symmetry 
_pdbx_modification_feature.modified_residue_auth_comp_id 
_pdbx_modification_feature.modified_residue_auth_asym_id 
_pdbx_modification_feature.modified_residue_auth_seq_id 
_pdbx_modification_feature.modified_residue_PDB_ins_code 
_pdbx_modification_feature.modified_residue_symmetry 
_pdbx_modification_feature.comp_id_linking_atom 
_pdbx_modification_feature.modified_residue_id_linking_atom 
_pdbx_modification_feature.modified_residue_id 
_pdbx_modification_feature.ref_pcm_id 
_pdbx_modification_feature.ref_comp_id 
_pdbx_modification_feature.type 
_pdbx_modification_feature.category 
1 CYS A 16 ? CYS A 78 ? CYS A 16 ? 1_555 CYS A 78 ? 1_555 SG SG . . . None 'Disulfide bridge' 
2 CYS A 23 ? CYS A 72 ? CYS A 23 ? 1_555 CYS A 72 ? 1_555 SG SG . . . None 'Disulfide bridge' 
3 CYS A 24 ? CYS A 59 ? CYS A 24 ? 1_555 CYS A 59 ? 1_555 SG SG . . . None 'Disulfide bridge' 
4 CYS A 79 ? CYS A 92 ? CYS A 79 ? 1_555 CYS A 92 ? 1_555 SG SG . . . None 'Disulfide bridge' 
# 
_struct_sheet.id               AA1 
_struct_sheet.type             ? 
_struct_sheet.number_strands   6 
_struct_sheet.details          ? 
# 
loop_
_struct_sheet_order.sheet_id 
_struct_sheet_order.range_id_1 
_struct_sheet_order.range_id_2 
_struct_sheet_order.offset 
_struct_sheet_order.sense 
AA1 1 2 ? anti-parallel 
AA1 2 3 ? anti-parallel 
AA1 3 4 ? anti-parallel 
AA1 4 5 ? anti-parallel 
AA1 5 6 ? anti-parallel 
# 
loop_
_struct_sheet_range.sheet_id 
_struct_sheet_range.id 
_struct_sheet_range.beg_label_comp_id 
_struct_sheet_range.beg_label_asym_id 
_struct_sheet_range.beg_label_seq_id 
_struct_sheet_range.pdbx_beg_PDB_ins_code 
_struct_sheet_range.end_label_comp_id 
_struct_sheet_range.end_label_asym_id 
_struct_sheet_range.end_label_seq_id 
_struct_sheet_range.pdbx_end_PDB_ins_code 
_struct_sheet_range.beg_auth_comp_id 
_struct_sheet_range.beg_auth_asym_id 
_struct_sheet_range.beg_auth_seq_id 
_struct_sheet_range.end_auth_comp_id 
_struct_sheet_range.end_auth_asym_id 
_struct_sheet_range.end_auth_seq_id 
AA1 1 ASN A 81 ? TYR A 83 ? ASN A 81 TYR A 83 
AA1 2 VAL A 88 ? PRO A 94 ? VAL A 88 PRO A 94 
AA1 3 GLN A 75 ? CYS A 78 ? GLN A 75 CYS A 78 
AA1 4 TYR A 22 ? ASP A 29 ? TYR A 22 ASP A 29 
AA1 5 LEU A 54 ? PRO A 61 ? LEU A 54 PRO A 61 
AA1 6 VAL A 88 ? PRO A 94 ? VAL A 88 PRO A 94 
# 
loop_
_pdbx_struct_sheet_hbond.sheet_id 
_pdbx_struct_sheet_hbond.range_id_1 
_pdbx_struct_sheet_hbond.range_id_2 
_pdbx_struct_sheet_hbond.range_1_label_atom_id 
_pdbx_struct_sheet_hbond.range_1_label_comp_id 
_pdbx_struct_sheet_hbond.range_1_label_asym_id 
_pdbx_struct_sheet_hbond.range_1_label_seq_id 
_pdbx_struct_sheet_hbond.range_1_PDB_ins_code 
_pdbx_struct_sheet_hbond.range_1_auth_atom_id 
_pdbx_struct_sheet_hbond.range_1_auth_comp_id 
_pdbx_struct_sheet_hbond.range_1_auth_asym_id 
_pdbx_struct_sheet_hbond.range_1_auth_seq_id 
_pdbx_struct_sheet_hbond.range_2_label_atom_id 
_pdbx_struct_sheet_hbond.range_2_label_comp_id 
_pdbx_struct_sheet_hbond.range_2_label_asym_id 
_pdbx_struct_sheet_hbond.range_2_label_seq_id 
_pdbx_struct_sheet_hbond.range_2_PDB_ins_code 
_pdbx_struct_sheet_hbond.range_2_auth_atom_id 
_pdbx_struct_sheet_hbond.range_2_auth_comp_id 
_pdbx_struct_sheet_hbond.range_2_auth_asym_id 
_pdbx_struct_sheet_hbond.range_2_auth_seq_id 
AA1 1 2 N TYR A 83 ? N TYR A 83 O VAL A 88 ? O VAL A 88 
AA1 2 3 O THR A 93 ? O THR A 93 N CYS A 78 ? N CYS A 78 
AA1 3 4 O GLN A 75 ? O GLN A 75 N CYS A 24 ? N CYS A 24 
AA1 4 5 N CYS A 23 ? N CYS A 23 O SER A 60 ? O SER A 60 
AA1 5 6 N GLY A 56 ? N GLY A 56 O ASN A 89 ? O ASN A 89 
# 
_pdbx_entry_details.entry_id                   7S86 
_pdbx_entry_details.nonpolymer_details         ? 
_pdbx_entry_details.sequence_details           ? 
_pdbx_entry_details.compound_details           ? 
_pdbx_entry_details.source_details             ? 
_pdbx_entry_details.has_ligand_of_interest     N 
_pdbx_entry_details.has_protein_modification   Y 
# 
loop_
_pdbx_validate_torsion.id 
_pdbx_validate_torsion.PDB_model_num 
_pdbx_validate_torsion.auth_comp_id 
_pdbx_validate_torsion.auth_asym_id 
_pdbx_validate_torsion.auth_seq_id 
_pdbx_validate_torsion.PDB_ins_code 
_pdbx_validate_torsion.label_alt_id 
_pdbx_validate_torsion.phi 
_pdbx_validate_torsion.psi 
1 1 SER A 15 ? ? -133.02 -82.52  
2 1 HIS A 32 ? ? -142.55 49.56   
3 1 ASP A 53 ? ? 66.19   -138.99 
4 1 ASN A 58 ? ? 57.46   71.08   
5 1 ALA A 74 ? ? -114.19 -128.28 
# 
loop_
_pdbx_struct_special_symmetry.id 
_pdbx_struct_special_symmetry.PDB_model_num 
_pdbx_struct_special_symmetry.auth_asym_id 
_pdbx_struct_special_symmetry.auth_comp_id 
_pdbx_struct_special_symmetry.auth_seq_id 
_pdbx_struct_special_symmetry.PDB_ins_code 
_pdbx_struct_special_symmetry.label_asym_id 
_pdbx_struct_special_symmetry.label_comp_id 
_pdbx_struct_special_symmetry.label_seq_id 
1 1 A HOH 246 ? E HOH . 
2 1 A HOH 250 ? E HOH . 
# 
loop_
_space_group_symop.id 
_space_group_symop.operation_xyz 
1 x,y,z               
2 x,-y,-z             
3 -x,y,-z+1/2         
4 -x,-y,z+1/2         
5 x+1/2,y+1/2,z       
6 x+1/2,-y+1/2,-z     
7 -x+1/2,y+1/2,-z+1/2 
8 -x+1/2,-y+1/2,z+1/2 
# 
loop_
_pdbx_unobs_or_zero_occ_residues.id 
_pdbx_unobs_or_zero_occ_residues.PDB_model_num 
_pdbx_unobs_or_zero_occ_residues.polymer_flag 
_pdbx_unobs_or_zero_occ_residues.occupancy_flag 
_pdbx_unobs_or_zero_occ_residues.auth_asym_id 
_pdbx_unobs_or_zero_occ_residues.auth_comp_id 
_pdbx_unobs_or_zero_occ_residues.auth_seq_id 
_pdbx_unobs_or_zero_occ_residues.PDB_ins_code 
_pdbx_unobs_or_zero_occ_residues.label_asym_id 
_pdbx_unobs_or_zero_occ_residues.label_comp_id 
_pdbx_unobs_or_zero_occ_residues.label_seq_id 
1  1 Y 1 A THR 1  ? A THR 1  
2  1 Y 1 A ALA 2  ? A ALA 2  
3  1 Y 1 A VAL 3  ? A VAL 3  
4  1 Y 1 A PRO 4  ? A PRO 4  
5  1 Y 1 A ARG 5  ? A ARG 5  
6  1 Y 1 A ASP 6  ? A ASP 6  
7  1 Y 1 A VAL 7  ? A VAL 7  
8  1 Y 1 A ASN 8  ? A ASN 8  
9  1 Y 1 A GLY 9  ? A GLY 9  
10 1 Y 1 A VAL 64 ? A VAL 64 
11 1 Y 1 A ILE 65 ? A ILE 65 
12 1 Y 1 A GLY 66 ? A GLY 66 
13 1 Y 1 A VAL 67 ? A VAL 67 
14 1 Y 1 A GLY 68 ? A GLY 68 
15 1 Y 1 A GLY 69 ? A GLY 69 
16 1 Y 1 A ASN 70 ? A ASN 70 
# 
loop_
_chem_comp_atom.comp_id 
_chem_comp_atom.atom_id 
_chem_comp_atom.type_symbol 
_chem_comp_atom.pdbx_aromatic_flag 
_chem_comp_atom.pdbx_stereo_config 
_chem_comp_atom.pdbx_ordinal 
ALA N    N  N N 1   
ALA CA   C  N S 2   
ALA C    C  N N 3   
ALA O    O  N N 4   
ALA CB   C  N N 5   
ALA OXT  O  N N 6   
ALA H    H  N N 7   
ALA H2   H  N N 8   
ALA HA   H  N N 9   
ALA HB1  H  N N 10  
ALA HB2  H  N N 11  
ALA HB3  H  N N 12  
ALA HXT  H  N N 13  
ARG N    N  N N 14  
ARG CA   C  N S 15  
ARG C    C  N N 16  
ARG O    O  N N 17  
ARG CB   C  N N 18  
ARG CG   C  N N 19  
ARG CD   C  N N 20  
ARG NE   N  N N 21  
ARG CZ   C  N N 22  
ARG NH1  N  N N 23  
ARG NH2  N  N N 24  
ARG OXT  O  N N 25  
ARG H    H  N N 26  
ARG H2   H  N N 27  
ARG HA   H  N N 28  
ARG HB2  H  N N 29  
ARG HB3  H  N N 30  
ARG HG2  H  N N 31  
ARG HG3  H  N N 32  
ARG HD2  H  N N 33  
ARG HD3  H  N N 34  
ARG HE   H  N N 35  
ARG HH11 H  N N 36  
ARG HH12 H  N N 37  
ARG HH21 H  N N 38  
ARG HH22 H  N N 39  
ARG HXT  H  N N 40  
ASN N    N  N N 41  
ASN CA   C  N S 42  
ASN C    C  N N 43  
ASN O    O  N N 44  
ASN CB   C  N N 45  
ASN CG   C  N N 46  
ASN OD1  O  N N 47  
ASN ND2  N  N N 48  
ASN OXT  O  N N 49  
ASN H    H  N N 50  
ASN H2   H  N N 51  
ASN HA   H  N N 52  
ASN HB2  H  N N 53  
ASN HB3  H  N N 54  
ASN HD21 H  N N 55  
ASN HD22 H  N N 56  
ASN HXT  H  N N 57  
ASP N    N  N N 58  
ASP CA   C  N S 59  
ASP C    C  N N 60  
ASP O    O  N N 61  
ASP CB   C  N N 62  
ASP CG   C  N N 63  
ASP OD1  O  N N 64  
ASP OD2  O  N N 65  
ASP OXT  O  N N 66  
ASP H    H  N N 67  
ASP H2   H  N N 68  
ASP HA   H  N N 69  
ASP HB2  H  N N 70  
ASP HB3  H  N N 71  
ASP HD2  H  N N 72  
ASP HXT  H  N N 73  
CYS N    N  N N 74  
CYS CA   C  N R 75  
CYS C    C  N N 76  
CYS O    O  N N 77  
CYS CB   C  N N 78  
CYS SG   S  N N 79  
CYS OXT  O  N N 80  
CYS H    H  N N 81  
CYS H2   H  N N 82  
CYS HA   H  N N 83  
CYS HB2  H  N N 84  
CYS HB3  H  N N 85  
CYS HG   H  N N 86  
CYS HXT  H  N N 87  
EDO C1   C  N N 88  
EDO O1   O  N N 89  
EDO C2   C  N N 90  
EDO O2   O  N N 91  
EDO H11  H  N N 92  
EDO H12  H  N N 93  
EDO HO1  H  N N 94  
EDO H21  H  N N 95  
EDO H22  H  N N 96  
EDO HO2  H  N N 97  
GLN N    N  N N 98  
GLN CA   C  N S 99  
GLN C    C  N N 100 
GLN O    O  N N 101 
GLN CB   C  N N 102 
GLN CG   C  N N 103 
GLN CD   C  N N 104 
GLN OE1  O  N N 105 
GLN NE2  N  N N 106 
GLN OXT  O  N N 107 
GLN H    H  N N 108 
GLN H2   H  N N 109 
GLN HA   H  N N 110 
GLN HB2  H  N N 111 
GLN HB3  H  N N 112 
GLN HG2  H  N N 113 
GLN HG3  H  N N 114 
GLN HE21 H  N N 115 
GLN HE22 H  N N 116 
GLN HXT  H  N N 117 
GLU N    N  N N 118 
GLU CA   C  N S 119 
GLU C    C  N N 120 
GLU O    O  N N 121 
GLU CB   C  N N 122 
GLU CG   C  N N 123 
GLU CD   C  N N 124 
GLU OE1  O  N N 125 
GLU OE2  O  N N 126 
GLU OXT  O  N N 127 
GLU H    H  N N 128 
GLU H2   H  N N 129 
GLU HA   H  N N 130 
GLU HB2  H  N N 131 
GLU HB3  H  N N 132 
GLU HG2  H  N N 133 
GLU HG3  H  N N 134 
GLU HE2  H  N N 135 
GLU HXT  H  N N 136 
GLY N    N  N N 137 
GLY CA   C  N N 138 
GLY C    C  N N 139 
GLY O    O  N N 140 
GLY OXT  O  N N 141 
GLY H    H  N N 142 
GLY H2   H  N N 143 
GLY HA2  H  N N 144 
GLY HA3  H  N N 145 
GLY HXT  H  N N 146 
HIS N    N  N N 147 
HIS CA   C  N S 148 
HIS C    C  N N 149 
HIS O    O  N N 150 
HIS CB   C  N N 151 
HIS CG   C  Y N 152 
HIS ND1  N  Y N 153 
HIS CD2  C  Y N 154 
HIS CE1  C  Y N 155 
HIS NE2  N  Y N 156 
HIS OXT  O  N N 157 
HIS H    H  N N 158 
HIS H2   H  N N 159 
HIS HA   H  N N 160 
HIS HB2  H  N N 161 
HIS HB3  H  N N 162 
HIS HD1  H  N N 163 
HIS HD2  H  N N 164 
HIS HE1  H  N N 165 
HIS HE2  H  N N 166 
HIS HXT  H  N N 167 
HOH O    O  N N 168 
HOH H1   H  N N 169 
HOH H2   H  N N 170 
ILE N    N  N N 171 
ILE CA   C  N S 172 
ILE C    C  N N 173 
ILE O    O  N N 174 
ILE CB   C  N S 175 
ILE CG1  C  N N 176 
ILE CG2  C  N N 177 
ILE CD1  C  N N 178 
ILE OXT  O  N N 179 
ILE H    H  N N 180 
ILE H2   H  N N 181 
ILE HA   H  N N 182 
ILE HB   H  N N 183 
ILE HG12 H  N N 184 
ILE HG13 H  N N 185 
ILE HG21 H  N N 186 
ILE HG22 H  N N 187 
ILE HG23 H  N N 188 
ILE HD11 H  N N 189 
ILE HD12 H  N N 190 
ILE HD13 H  N N 191 
ILE HXT  H  N N 192 
LEU N    N  N N 193 
LEU CA   C  N S 194 
LEU C    C  N N 195 
LEU O    O  N N 196 
LEU CB   C  N N 197 
LEU CG   C  N N 198 
LEU CD1  C  N N 199 
LEU CD2  C  N N 200 
LEU OXT  O  N N 201 
LEU H    H  N N 202 
LEU H2   H  N N 203 
LEU HA   H  N N 204 
LEU HB2  H  N N 205 
LEU HB3  H  N N 206 
LEU HG   H  N N 207 
LEU HD11 H  N N 208 
LEU HD12 H  N N 209 
LEU HD13 H  N N 210 
LEU HD21 H  N N 211 
LEU HD22 H  N N 212 
LEU HD23 H  N N 213 
LEU HXT  H  N N 214 
LYS N    N  N N 215 
LYS CA   C  N S 216 
LYS C    C  N N 217 
LYS O    O  N N 218 
LYS CB   C  N N 219 
LYS CG   C  N N 220 
LYS CD   C  N N 221 
LYS CE   C  N N 222 
LYS NZ   N  N N 223 
LYS OXT  O  N N 224 
LYS H    H  N N 225 
LYS H2   H  N N 226 
LYS HA   H  N N 227 
LYS HB2  H  N N 228 
LYS HB3  H  N N 229 
LYS HG2  H  N N 230 
LYS HG3  H  N N 231 
LYS HD2  H  N N 232 
LYS HD3  H  N N 233 
LYS HE2  H  N N 234 
LYS HE3  H  N N 235 
LYS HZ1  H  N N 236 
LYS HZ2  H  N N 237 
LYS HZ3  H  N N 238 
LYS HXT  H  N N 239 
NA  NA   NA N N 240 
PRO N    N  N N 241 
PRO CA   C  N S 242 
PRO C    C  N N 243 
PRO O    O  N N 244 
PRO CB   C  N N 245 
PRO CG   C  N N 246 
PRO CD   C  N N 247 
PRO OXT  O  N N 248 
PRO H    H  N N 249 
PRO HA   H  N N 250 
PRO HB2  H  N N 251 
PRO HB3  H  N N 252 
PRO HG2  H  N N 253 
PRO HG3  H  N N 254 
PRO HD2  H  N N 255 
PRO HD3  H  N N 256 
PRO HXT  H  N N 257 
SER N    N  N N 258 
SER CA   C  N S 259 
SER C    C  N N 260 
SER O    O  N N 261 
SER CB   C  N N 262 
SER OG   O  N N 263 
SER OXT  O  N N 264 
SER H    H  N N 265 
SER H2   H  N N 266 
SER HA   H  N N 267 
SER HB2  H  N N 268 
SER HB3  H  N N 269 
SER HG   H  N N 270 
SER HXT  H  N N 271 
THR N    N  N N 272 
THR CA   C  N S 273 
THR C    C  N N 274 
THR O    O  N N 275 
THR CB   C  N R 276 
THR OG1  O  N N 277 
THR CG2  C  N N 278 
THR OXT  O  N N 279 
THR H    H  N N 280 
THR H2   H  N N 281 
THR HA   H  N N 282 
THR HB   H  N N 283 
THR HG1  H  N N 284 
THR HG21 H  N N 285 
THR HG22 H  N N 286 
THR HG23 H  N N 287 
THR HXT  H  N N 288 
TYR N    N  N N 289 
TYR CA   C  N S 290 
TYR C    C  N N 291 
TYR O    O  N N 292 
TYR CB   C  N N 293 
TYR CG   C  Y N 294 
TYR CD1  C  Y N 295 
TYR CD2  C  Y N 296 
TYR CE1  C  Y N 297 
TYR CE2  C  Y N 298 
TYR CZ   C  Y N 299 
TYR OH   O  N N 300 
TYR OXT  O  N N 301 
TYR H    H  N N 302 
TYR H2   H  N N 303 
TYR HA   H  N N 304 
TYR HB2  H  N N 305 
TYR HB3  H  N N 306 
TYR HD1  H  N N 307 
TYR HD2  H  N N 308 
TYR HE1  H  N N 309 
TYR HE2  H  N N 310 
TYR HH   H  N N 311 
TYR HXT  H  N N 312 
VAL N    N  N N 313 
VAL CA   C  N S 314 
VAL C    C  N N 315 
VAL O    O  N N 316 
VAL CB   C  N N 317 
VAL CG1  C  N N 318 
VAL CG2  C  N N 319 
VAL OXT  O  N N 320 
VAL H    H  N N 321 
VAL H2   H  N N 322 
VAL HA   H  N N 323 
VAL HB   H  N N 324 
VAL HG11 H  N N 325 
VAL HG12 H  N N 326 
VAL HG13 H  N N 327 
VAL HG21 H  N N 328 
VAL HG22 H  N N 329 
VAL HG23 H  N N 330 
VAL HXT  H  N N 331 
# 
loop_
_chem_comp_bond.comp_id 
_chem_comp_bond.atom_id_1 
_chem_comp_bond.atom_id_2 
_chem_comp_bond.value_order 
_chem_comp_bond.pdbx_aromatic_flag 
_chem_comp_bond.pdbx_stereo_config 
_chem_comp_bond.pdbx_ordinal 
ALA N   CA   sing N N 1   
ALA N   H    sing N N 2   
ALA N   H2   sing N N 3   
ALA CA  C    sing N N 4   
ALA CA  CB   sing N N 5   
ALA CA  HA   sing N N 6   
ALA C   O    doub N N 7   
ALA C   OXT  sing N N 8   
ALA CB  HB1  sing N N 9   
ALA CB  HB2  sing N N 10  
ALA CB  HB3  sing N N 11  
ALA OXT HXT  sing N N 12  
ARG N   CA   sing N N 13  
ARG N   H    sing N N 14  
ARG N   H2   sing N N 15  
ARG CA  C    sing N N 16  
ARG CA  CB   sing N N 17  
ARG CA  HA   sing N N 18  
ARG C   O    doub N N 19  
ARG C   OXT  sing N N 20  
ARG CB  CG   sing N N 21  
ARG CB  HB2  sing N N 22  
ARG CB  HB3  sing N N 23  
ARG CG  CD   sing N N 24  
ARG CG  HG2  sing N N 25  
ARG CG  HG3  sing N N 26  
ARG CD  NE   sing N N 27  
ARG CD  HD2  sing N N 28  
ARG CD  HD3  sing N N 29  
ARG NE  CZ   sing N N 30  
ARG NE  HE   sing N N 31  
ARG CZ  NH1  sing N N 32  
ARG CZ  NH2  doub N N 33  
ARG NH1 HH11 sing N N 34  
ARG NH1 HH12 sing N N 35  
ARG NH2 HH21 sing N N 36  
ARG NH2 HH22 sing N N 37  
ARG OXT HXT  sing N N 38  
ASN N   CA   sing N N 39  
ASN N   H    sing N N 40  
ASN N   H2   sing N N 41  
ASN CA  C    sing N N 42  
ASN CA  CB   sing N N 43  
ASN CA  HA   sing N N 44  
ASN C   O    doub N N 45  
ASN C   OXT  sing N N 46  
ASN CB  CG   sing N N 47  
ASN CB  HB2  sing N N 48  
ASN CB  HB3  sing N N 49  
ASN CG  OD1  doub N N 50  
ASN CG  ND2  sing N N 51  
ASN ND2 HD21 sing N N 52  
ASN ND2 HD22 sing N N 53  
ASN OXT HXT  sing N N 54  
ASP N   CA   sing N N 55  
ASP N   H    sing N N 56  
ASP N   H2   sing N N 57  
ASP CA  C    sing N N 58  
ASP CA  CB   sing N N 59  
ASP CA  HA   sing N N 60  
ASP C   O    doub N N 61  
ASP C   OXT  sing N N 62  
ASP CB  CG   sing N N 63  
ASP CB  HB2  sing N N 64  
ASP CB  HB3  sing N N 65  
ASP CG  OD1  doub N N 66  
ASP CG  OD2  sing N N 67  
ASP OD2 HD2  sing N N 68  
ASP OXT HXT  sing N N 69  
CYS N   CA   sing N N 70  
CYS N   H    sing N N 71  
CYS N   H2   sing N N 72  
CYS CA  C    sing N N 73  
CYS CA  CB   sing N N 74  
CYS CA  HA   sing N N 75  
CYS C   O    doub N N 76  
CYS C   OXT  sing N N 77  
CYS CB  SG   sing N N 78  
CYS CB  HB2  sing N N 79  
CYS CB  HB3  sing N N 80  
CYS SG  HG   sing N N 81  
CYS OXT HXT  sing N N 82  
EDO C1  O1   sing N N 83  
EDO C1  C2   sing N N 84  
EDO C1  H11  sing N N 85  
EDO C1  H12  sing N N 86  
EDO O1  HO1  sing N N 87  
EDO C2  O2   sing N N 88  
EDO C2  H21  sing N N 89  
EDO C2  H22  sing N N 90  
EDO O2  HO2  sing N N 91  
GLN N   CA   sing N N 92  
GLN N   H    sing N N 93  
GLN N   H2   sing N N 94  
GLN CA  C    sing N N 95  
GLN CA  CB   sing N N 96  
GLN CA  HA   sing N N 97  
GLN C   O    doub N N 98  
GLN C   OXT  sing N N 99  
GLN CB  CG   sing N N 100 
GLN CB  HB2  sing N N 101 
GLN CB  HB3  sing N N 102 
GLN CG  CD   sing N N 103 
GLN CG  HG2  sing N N 104 
GLN CG  HG3  sing N N 105 
GLN CD  OE1  doub N N 106 
GLN CD  NE2  sing N N 107 
GLN NE2 HE21 sing N N 108 
GLN NE2 HE22 sing N N 109 
GLN OXT HXT  sing N N 110 
GLU N   CA   sing N N 111 
GLU N   H    sing N N 112 
GLU N   H2   sing N N 113 
GLU CA  C    sing N N 114 
GLU CA  CB   sing N N 115 
GLU CA  HA   sing N N 116 
GLU C   O    doub N N 117 
GLU C   OXT  sing N N 118 
GLU CB  CG   sing N N 119 
GLU CB  HB2  sing N N 120 
GLU CB  HB3  sing N N 121 
GLU CG  CD   sing N N 122 
GLU CG  HG2  sing N N 123 
GLU CG  HG3  sing N N 124 
GLU CD  OE1  doub N N 125 
GLU CD  OE2  sing N N 126 
GLU OE2 HE2  sing N N 127 
GLU OXT HXT  sing N N 128 
GLY N   CA   sing N N 129 
GLY N   H    sing N N 130 
GLY N   H2   sing N N 131 
GLY CA  C    sing N N 132 
GLY CA  HA2  sing N N 133 
GLY CA  HA3  sing N N 134 
GLY C   O    doub N N 135 
GLY C   OXT  sing N N 136 
GLY OXT HXT  sing N N 137 
HIS N   CA   sing N N 138 
HIS N   H    sing N N 139 
HIS N   H2   sing N N 140 
HIS CA  C    sing N N 141 
HIS CA  CB   sing N N 142 
HIS CA  HA   sing N N 143 
HIS C   O    doub N N 144 
HIS C   OXT  sing N N 145 
HIS CB  CG   sing N N 146 
HIS CB  HB2  sing N N 147 
HIS CB  HB3  sing N N 148 
HIS CG  ND1  sing Y N 149 
HIS CG  CD2  doub Y N 150 
HIS ND1 CE1  doub Y N 151 
HIS ND1 HD1  sing N N 152 
HIS CD2 NE2  sing Y N 153 
HIS CD2 HD2  sing N N 154 
HIS CE1 NE2  sing Y N 155 
HIS CE1 HE1  sing N N 156 
HIS NE2 HE2  sing N N 157 
HIS OXT HXT  sing N N 158 
HOH O   H1   sing N N 159 
HOH O   H2   sing N N 160 
ILE N   CA   sing N N 161 
ILE N   H    sing N N 162 
ILE N   H2   sing N N 163 
ILE CA  C    sing N N 164 
ILE CA  CB   sing N N 165 
ILE CA  HA   sing N N 166 
ILE C   O    doub N N 167 
ILE C   OXT  sing N N 168 
ILE CB  CG1  sing N N 169 
ILE CB  CG2  sing N N 170 
ILE CB  HB   sing N N 171 
ILE CG1 CD1  sing N N 172 
ILE CG1 HG12 sing N N 173 
ILE CG1 HG13 sing N N 174 
ILE CG2 HG21 sing N N 175 
ILE CG2 HG22 sing N N 176 
ILE CG2 HG23 sing N N 177 
ILE CD1 HD11 sing N N 178 
ILE CD1 HD12 sing N N 179 
ILE CD1 HD13 sing N N 180 
ILE OXT HXT  sing N N 181 
LEU N   CA   sing N N 182 
LEU N   H    sing N N 183 
LEU N   H2   sing N N 184 
LEU CA  C    sing N N 185 
LEU CA  CB   sing N N 186 
LEU CA  HA   sing N N 187 
LEU C   O    doub N N 188 
LEU C   OXT  sing N N 189 
LEU CB  CG   sing N N 190 
LEU CB  HB2  sing N N 191 
LEU CB  HB3  sing N N 192 
LEU CG  CD1  sing N N 193 
LEU CG  CD2  sing N N 194 
LEU CG  HG   sing N N 195 
LEU CD1 HD11 sing N N 196 
LEU CD1 HD12 sing N N 197 
LEU CD1 HD13 sing N N 198 
LEU CD2 HD21 sing N N 199 
LEU CD2 HD22 sing N N 200 
LEU CD2 HD23 sing N N 201 
LEU OXT HXT  sing N N 202 
LYS N   CA   sing N N 203 
LYS N   H    sing N N 204 
LYS N   H2   sing N N 205 
LYS CA  C    sing N N 206 
LYS CA  CB   sing N N 207 
LYS CA  HA   sing N N 208 
LYS C   O    doub N N 209 
LYS C   OXT  sing N N 210 
LYS CB  CG   sing N N 211 
LYS CB  HB2  sing N N 212 
LYS CB  HB3  sing N N 213 
LYS CG  CD   sing N N 214 
LYS CG  HG2  sing N N 215 
LYS CG  HG3  sing N N 216 
LYS CD  CE   sing N N 217 
LYS CD  HD2  sing N N 218 
LYS CD  HD3  sing N N 219 
LYS CE  NZ   sing N N 220 
LYS CE  HE2  sing N N 221 
LYS CE  HE3  sing N N 222 
LYS NZ  HZ1  sing N N 223 
LYS NZ  HZ2  sing N N 224 
LYS NZ  HZ3  sing N N 225 
LYS OXT HXT  sing N N 226 
PRO N   CA   sing N N 227 
PRO N   CD   sing N N 228 
PRO N   H    sing N N 229 
PRO CA  C    sing N N 230 
PRO CA  CB   sing N N 231 
PRO CA  HA   sing N N 232 
PRO C   O    doub N N 233 
PRO C   OXT  sing N N 234 
PRO CB  CG   sing N N 235 
PRO CB  HB2  sing N N 236 
PRO CB  HB3  sing N N 237 
PRO CG  CD   sing N N 238 
PRO CG  HG2  sing N N 239 
PRO CG  HG3  sing N N 240 
PRO CD  HD2  sing N N 241 
PRO CD  HD3  sing N N 242 
PRO OXT HXT  sing N N 243 
SER N   CA   sing N N 244 
SER N   H    sing N N 245 
SER N   H2   sing N N 246 
SER CA  C    sing N N 247 
SER CA  CB   sing N N 248 
SER CA  HA   sing N N 249 
SER C   O    doub N N 250 
SER C   OXT  sing N N 251 
SER CB  OG   sing N N 252 
SER CB  HB2  sing N N 253 
SER CB  HB3  sing N N 254 
SER OG  HG   sing N N 255 
SER OXT HXT  sing N N 256 
THR N   CA   sing N N 257 
THR N   H    sing N N 258 
THR N   H2   sing N N 259 
THR CA  C    sing N N 260 
THR CA  CB   sing N N 261 
THR CA  HA   sing N N 262 
THR C   O    doub N N 263 
THR C   OXT  sing N N 264 
THR CB  OG1  sing N N 265 
THR CB  CG2  sing N N 266 
THR CB  HB   sing N N 267 
THR OG1 HG1  sing N N 268 
THR CG2 HG21 sing N N 269 
THR CG2 HG22 sing N N 270 
THR CG2 HG23 sing N N 271 
THR OXT HXT  sing N N 272 
TYR N   CA   sing N N 273 
TYR N   H    sing N N 274 
TYR N   H2   sing N N 275 
TYR CA  C    sing N N 276 
TYR CA  CB   sing N N 277 
TYR CA  HA   sing N N 278 
TYR C   O    doub N N 279 
TYR C   OXT  sing N N 280 
TYR CB  CG   sing N N 281 
TYR CB  HB2  sing N N 282 
TYR CB  HB3  sing N N 283 
TYR CG  CD1  doub Y N 284 
TYR CG  CD2  sing Y N 285 
TYR CD1 CE1  sing Y N 286 
TYR CD1 HD1  sing N N 287 
TYR CD2 CE2  doub Y N 288 
TYR CD2 HD2  sing N N 289 
TYR CE1 CZ   doub Y N 290 
TYR CE1 HE1  sing N N 291 
TYR CE2 CZ   sing Y N 292 
TYR CE2 HE2  sing N N 293 
TYR CZ  OH   sing N N 294 
TYR OH  HH   sing N N 295 
TYR OXT HXT  sing N N 296 
VAL N   CA   sing N N 297 
VAL N   H    sing N N 298 
VAL N   H2   sing N N 299 
VAL CA  C    sing N N 300 
VAL CA  CB   sing N N 301 
VAL CA  HA   sing N N 302 
VAL C   O    doub N N 303 
VAL C   OXT  sing N N 304 
VAL CB  CG1  sing N N 305 
VAL CB  CG2  sing N N 306 
VAL CB  HB   sing N N 307 
VAL CG1 HG11 sing N N 308 
VAL CG1 HG12 sing N N 309 
VAL CG1 HG13 sing N N 310 
VAL CG2 HG21 sing N N 311 
VAL CG2 HG22 sing N N 312 
VAL CG2 HG23 sing N N 313 
VAL OXT HXT  sing N N 314 
# 
_pdbx_audit_support.funding_organization   'Natural Sciences and Engineering Research Council (NSERC, Canada)' 
_pdbx_audit_support.country                Canada 
_pdbx_audit_support.grant_number           ? 
_pdbx_audit_support.ordinal                1 
# 
_pdbx_initial_refinement_model.id               1 
_pdbx_initial_refinement_model.entity_id_list   ? 
_pdbx_initial_refinement_model.type             'experimental model' 
_pdbx_initial_refinement_model.source_name      PDB 
_pdbx_initial_refinement_model.accession_code   2NBH 
_pdbx_initial_refinement_model.details          ? 
# 
_space_group.name_H-M_alt     'C 2 2 21' 
_space_group.name_Hall        'C 2c 2' 
_space_group.IT_number        20 
_space_group.crystal_system   orthorhombic 
_space_group.id               1 
# 
_atom_sites.entry_id                    7S86 
_atom_sites.Cartn_transf_matrix[1][1]   ? 
_atom_sites.Cartn_transf_matrix[1][2]   ? 
_atom_sites.Cartn_transf_matrix[1][3]   ? 
_atom_sites.Cartn_transf_matrix[2][1]   ? 
_atom_sites.Cartn_transf_matrix[2][2]   ? 
_atom_sites.Cartn_transf_matrix[2][3]   ? 
_atom_sites.Cartn_transf_matrix[3][1]   ? 
_atom_sites.Cartn_transf_matrix[3][2]   ? 
_atom_sites.Cartn_transf_matrix[3][3]   ? 
_atom_sites.Cartn_transf_vector[1]      ? 
_atom_sites.Cartn_transf_vector[2]      ? 
_atom_sites.Cartn_transf_vector[3]      ? 
_atom_sites.fract_transf_matrix[1][1]   -0.01671297 
_atom_sites.fract_transf_matrix[1][2]   -0.00924189 
_atom_sites.fract_transf_matrix[1][3]   0.00697819 
_atom_sites.fract_transf_matrix[2][1]   -0.00585000 
_atom_sites.fract_transf_matrix[2][2]   0.00581477 
_atom_sites.fract_transf_matrix[2][3]   -0.00630985 
_atom_sites.fract_transf_matrix[3][1]   0.00221824 
_atom_sites.fract_transf_matrix[3][2]   -0.01829260 
_atom_sites.fract_transf_matrix[3][3]   -0.01891393 
_atom_sites.fract_transf_vector[1]      -0.351631 
_atom_sites.fract_transf_vector[2]      -0.183470 
_atom_sites.fract_transf_vector[3]      0.061534 
_atom_sites.solution_primary            ? 
_atom_sites.solution_secondary          ? 
_atom_sites.solution_hydrogens          ? 
_atom_sites.special_details             ? 
# 
loop_
_atom_type.symbol 
_atom_type.scat_dispersion_real 
_atom_type.scat_dispersion_imag 
_atom_type.scat_Cromer_Mann_a1 
_atom_type.scat_Cromer_Mann_a2 
_atom_type.scat_Cromer_Mann_a3 
_atom_type.scat_Cromer_Mann_a4 
_atom_type.scat_Cromer_Mann_b1 
_atom_type.scat_Cromer_Mann_b2 
_atom_type.scat_Cromer_Mann_b3 
_atom_type.scat_Cromer_Mann_b4 
_atom_type.scat_Cromer_Mann_c 
_atom_type.scat_source 
_atom_type.scat_dispersion_source 
C  ? ? 3.54356 2.42580 ? ? 25.62398 1.50364  ? ? 0.0 
;2-Gaussian fit: Grosse-Kunstleve RW, Sauter NK, Adams PD: Newsletter of the IUCr Commission on Crystallographic Computing 2004, 3, 22-31.
;
? 
H  ? ? 0.51345 0.48472 ? ? 24.73122 6.32584  ? ? 0.0 
;2-Gaussian fit: Grosse-Kunstleve RW, Sauter NK, Adams PD: Newsletter of the IUCr Commission on Crystallographic Computing 2004, 3, 22-31.
;
? 
N  ? ? 4.01032 2.96436 ? ? 19.97189 1.75589  ? ? 0.0 
;2-Gaussian fit: Grosse-Kunstleve RW, Sauter NK, Adams PD: Newsletter of the IUCr Commission on Crystallographic Computing 2004, 3, 22-31.
;
? 
NA ? ? 9.38062 1.54875 ? ? 3.38349  72.32734 ? ? 0.0 
;2-Gaussian fit: Grosse-Kunstleve RW, Sauter NK, Adams PD: Newsletter of the IUCr Commission on Crystallographic Computing 2004, 3, 22-31.
;
? 
O  ? ? 4.49882 3.47563 ? ? 15.80542 1.70748  ? ? 0.0 
;2-Gaussian fit: Grosse-Kunstleve RW, Sauter NK, Adams PD: Newsletter of the IUCr Commission on Crystallographic Computing 2004, 3, 22-31.
;
? 
S  ? ? 9.55732 6.39887 ? ? 1.23737  29.19336 ? ? 0.0 
;2-Gaussian fit: Grosse-Kunstleve RW, Sauter NK, Adams PD: Newsletter of the IUCr Commission on Crystallographic Computing 2004, 3, 22-31.
;
? 
# 
loop_
_atom_site.group_PDB 
_atom_site.id 
_atom_site.type_symbol 
_atom_site.label_atom_id 
_atom_site.label_alt_id 
_atom_site.label_comp_id 
_atom_site.label_asym_id 
_atom_site.label_entity_id 
_atom_site.label_seq_id 
_atom_site.pdbx_PDB_ins_code 
_atom_site.Cartn_x 
_atom_site.Cartn_y 
_atom_site.Cartn_z 
_atom_site.occupancy 
_atom_site.B_iso_or_equiv 
_atom_site.pdbx_formal_charge 
_atom_site.auth_seq_id 
_atom_site.auth_comp_id 
_atom_site.auth_asym_id 
_atom_site.auth_atom_id 
_atom_site.pdbx_PDB_model_num 
ATOM   1    N  N    . GLY A 1 10 ? 18.04243  -23.06390 0.02184   1.000 64.56771  ? 10  GLY A N    1 
ATOM   2    C  CA   . GLY A 1 10 ? 17.41177  -23.23994 -1.27254  1.000 66.64229  ? 10  GLY A CA   1 
ATOM   3    C  C    . GLY A 1 10 ? 16.60644  -22.02942 -1.70075  1.000 66.37656  ? 10  GLY A C    1 
ATOM   4    O  O    . GLY A 1 10 ? 17.15489  -20.94459 -1.88633  1.000 75.49869  ? 10  GLY A O    1 
ATOM   5    H  HA2  . GLY A 1 10 ? 18.09509  -23.40318 -1.94136  1.000 79.97972  ? 10  GLY A HA2  1 
ATOM   6    H  HA3  . GLY A 1 10 ? 16.81614  -24.00466 -1.23641  1.000 79.97972  ? 10  GLY A HA3  1 
ATOM   7    N  N    . THR A 1 11 ? 15.29803  -22.21730 -1.86096  1.000 57.35381  ? 11  THR A N    1 
ATOM   8    C  CA   . THR A 1 11 ? 14.42101  -21.11841 -2.24092  1.000 59.73411  ? 11  THR A CA   1 
ATOM   9    C  C    . THR A 1 11 ? 14.07277  -20.27800 -1.01194  1.000 60.02454  ? 11  THR A C    1 
ATOM   10   O  O    . THR A 1 11 ? 13.86339  -20.82664 0.07401   1.000 57.04852  ? 11  THR A O    1 
ATOM   11   C  CB   . THR A 1 11 ? 13.13806  -21.65048 -2.88139  1.000 64.70386  ? 11  THR A CB   1 
ATOM   12   O  OG1  . THR A 1 11 ? 13.46752  -22.49813 -3.98997  1.000 61.46390  ? 11  THR A OG1  1 
ATOM   13   C  CG2  . THR A 1 11 ? 12.25594  -20.50457 -3.36322  1.000 56.73012  ? 11  THR A CG2  1 
ATOM   14   H  H    . THR A 1 11 ? 14.89575  -22.97008 -1.75555  1.000 68.83355  ? 11  THR A H    1 
ATOM   15   H  HA   . THR A 1 11 ? 14.87059  -20.55154 -2.88701  1.000 71.68990  ? 11  THR A HA   1 
ATOM   16   H  HB   . THR A 1 11 ? 12.63919  -22.15889 -2.22294  1.000 77.65361  ? 11  THR A HB   1 
ATOM   17   H  HG1  . THR A 1 11 ? 12.76543  -22.78937 -4.34754  1.000 73.76565  ? 11  THR A HG1  1 
ATOM   18   H  HG21 . THR A 1 11 ? 11.46214  -20.85623 -3.79580  1.000 68.08511  ? 11  THR A HG21 1 
ATOM   19   H  HG22 . THR A 1 11 ? 11.98695  -19.95414 -2.61119  1.000 68.08511  ? 11  THR A HG22 1 
ATOM   20   H  HG23 . THR A 1 11 ? 12.74276  -19.95514 -3.99728  1.000 68.08511  ? 11  THR A HG23 1 
ATOM   21   N  N    . PRO A 1 12 ? 14.01599  -18.95495 -1.14603  1.000 55.29443  ? 12  PRO A N    1 
ATOM   22   C  CA   . PRO A 1 12 ? 13.60450  -18.11463 -0.01283  1.000 61.08671  ? 12  PRO A CA   1 
ATOM   23   C  C    . PRO A 1 12 ? 12.09215  -18.00257 0.06357   1.000 48.80728  ? 12  PRO A C    1 
ATOM   24   O  O    . PRO A 1 12 ? 11.38763  -18.29039 -0.91724  1.000 48.83196  ? 12  PRO A O    1 
ATOM   25   C  CB   . PRO A 1 12 ? 14.25521  -16.75951 -0.32282  1.000 63.83354  ? 12  PRO A CB   1 
ATOM   26   C  CG   . PRO A 1 12 ? 14.32270  -16.71757 -1.81992  1.000 58.76386  ? 12  PRO A CG   1 
ATOM   27   C  CD   . PRO A 1 12 ? 14.45544  -18.15067 -2.30408  1.000 57.85821  ? 12  PRO A CD   1 
ATOM   28   H  HA   . PRO A 1 12 ? 13.95019  -18.46187 0.82432   1.000 73.31302  ? 12  PRO A HA   1 
ATOM   29   H  HB2  . PRO A 1 12 ? 13.70565  -16.03894 0.02310   1.000 76.60922  ? 12  PRO A HB2  1 
ATOM   30   H  HB3  . PRO A 1 12 ? 15.14166  -16.71804 0.06881   1.000 76.60922  ? 12  PRO A HB3  1 
ATOM   31   H  HG2  . PRO A 1 12 ? 13.51060  -16.31672 -2.16733  1.000 70.52560  ? 12  PRO A HG2  1 
ATOM   32   H  HG3  . PRO A 1 12 ? 15.09335  -16.19540 -2.09257  1.000 70.52560  ? 12  PRO A HG3  1 
ATOM   33   H  HD2  . PRO A 1 12 ? 13.88146  -18.30902 -3.06983  1.000 69.43883  ? 12  PRO A HD2  1 
ATOM   34   H  HD3  . PRO A 1 12 ? 15.37638  -18.35211 -2.53248  1.000 69.43883  ? 12  PRO A HD3  1 
ATOM   35   N  N    . PRO A 1 13 ? 11.55244  -17.59117 1.21138   1.000 48.12135  ? 13  PRO A N    1 
ATOM   36   C  CA   . PRO A 1 13 ? 10.09215  -17.48339 1.33647   1.000 45.30135  ? 13  PRO A CA   1 
ATOM   37   C  C    . PRO A 1 13 ? 9.55454   -16.29492 0.55482   1.000 34.02578  ? 13  PRO A C    1 
ATOM   38   O  O    . PRO A 1 13 ? 10.17999  -15.23409 0.49035   1.000 38.12573  ? 13  PRO A O    1 
ATOM   39   C  CB   . PRO A 1 13 ? 9.87386   -17.31321 2.84344   1.000 38.33026  ? 13  PRO A CB   1 
ATOM   40   C  CG   . PRO A 1 13 ? 11.13738  -16.66712 3.32840   1.000 46.27615  ? 13  PRO A CG   1 
ATOM   41   C  CD   . PRO A 1 13 ? 12.25222  -17.19539 2.44784   1.000 43.63176  ? 13  PRO A CD   1 
ATOM   42   H  HA   . PRO A 1 13 ? 9.65775   -18.29615 1.03376   1.000 54.37059  ? 13  PRO A HA   1 
ATOM   43   H  HB2  . PRO A 1 13 ? 9.10512   -16.74461 3.00669   1.000 46.00528  ? 13  PRO A HB2  1 
ATOM   44   H  HB3  . PRO A 1 13 ? 9.74093   -18.17870 3.26074   1.000 46.00528  ? 13  PRO A HB3  1 
ATOM   45   H  HG2  . PRO A 1 13 ? 11.06289  -15.70365 3.24419   1.000 55.54035  ? 13  PRO A HG2  1 
ATOM   46   H  HG3  . PRO A 1 13 ? 11.29075  -16.90826 4.25534   1.000 55.54035  ? 13  PRO A HG3  1 
ATOM   47   H  HD2  . PRO A 1 13 ? 12.90660  -16.50256 2.26706   1.000 52.36708  ? 13  PRO A HD2  1 
ATOM   48   H  HD3  . PRO A 1 13 ? 12.68395  -17.96019 2.85965   1.000 52.36708  ? 13  PRO A HD3  1 
ATOM   49   N  N    . LYS A 1 14 ? 8.37995   -16.48277 -0.04083  1.000 26.60240  ? 14  LYS A N    1 
ATOM   50   C  CA   . LYS A 1 14 ? 7.77757   -15.48574 -0.91110  1.000 32.65355  ? 14  LYS A CA   1 
ATOM   51   C  C    . LYS A 1 14 ? 6.32201   -15.26984 -0.52272  1.000 30.92866  ? 14  LYS A C    1 
ATOM   52   O  O    . LYS A 1 14 ? 5.63448   -16.19507 -0.08307  1.000 26.70577  ? 14  LYS A O    1 
ATOM   53   C  CB   . LYS A 1 14 ? 7.86705   -15.91098 -2.38744  1.000 34.05628  ? 14  LYS A CB   1 
ATOM   54   C  CG   . LYS A 1 14 ? 9.28901   -16.01581 -2.92875  1.000 44.75410  ? 14  LYS A CG   1 
ATOM   55   C  CD   . LYS A 1 14 ? 10.05441  -14.70791 -2.76287  1.000 60.50518  ? 14  LYS A CD   1 
ATOM   56   C  CE   . LYS A 1 14 ? 10.89553  -14.38820 -3.99308  1.000 84.08081  ? 14  LYS A CE   1 
ATOM   57   N  NZ   . LYS A 1 14 ? 11.89991  -13.31594 -3.73004  1.000 68.57126  ? 14  LYS A NZ   1 
ATOM   58   H  H    . LYS A 1 14 ? 7.90587   -17.19484 0.04742   1.000 31.93185  ? 14  LYS A H    1 
ATOM   59   H  HA   . LYS A 1 14 ? 8.24129   -14.64033 -0.80555  1.000 39.19323  ? 14  LYS A HA   1 
ATOM   60   H  HB2  . LYS A 1 14 ? 7.45156   -16.78216 -2.48397  1.000 40.87651  ? 14  LYS A HB2  1 
ATOM   61   H  HB3  . LYS A 1 14 ? 7.39548   -15.25694 -2.92667  1.000 40.87651  ? 14  LYS A HB3  1 
ATOM   62   H  HG2  . LYS A 1 14 ? 9.76510   -16.70971 -2.44632  1.000 53.71389  ? 14  LYS A HG2  1 
ATOM   63   H  HG3  . LYS A 1 14 ? 9.25690   -16.23123 -3.87398  1.000 53.71389  ? 14  LYS A HG3  1 
ATOM   64   H  HD2  . LYS A 1 14 ? 9.42454   -13.98263 -2.62821  1.000 72.61519  ? 14  LYS A HD2  1 
ATOM   65   H  HD3  . LYS A 1 14 ? 10.64768  -14.77826 -1.99869  1.000 72.61519  ? 14  LYS A HD3  1 
ATOM   66   H  HE2  . LYS A 1 14 ? 11.37214  -15.18680 -4.26872  1.000 100.90595 ? 14  LYS A HE2  1 
ATOM   67   H  HE3  . LYS A 1 14 ? 10.31253  -14.08667 -4.70729  1.000 100.90595 ? 14  LYS A HE3  1 
ATOM   68   H  HZ1  . LYS A 1 14 ? 12.45983  -13.57415 -3.08823  1.000 82.29448  ? 14  LYS A HZ1  1 
ATOM   69   H  HZ2  . LYS A 1 14 ? 12.36592  -13.14738 -4.46931  1.000 82.29448  ? 14  LYS A HZ2  1 
ATOM   70   H  HZ3  . LYS A 1 14 ? 11.48849  -12.57025 -3.47162  1.000 82.29448  ? 14  LYS A HZ3  1 
ATOM   71   N  N    . SER A 1 15 ? 5.86363   -14.02821 -0.68236  1.000 26.06209  ? 15  SER A N    1 
ATOM   72   C  CA   . SER A 1 15 ? 4.46786   -13.68167 -0.44433  1.000 27.69049  ? 15  SER A CA   1 
ATOM   73   C  C    . SER A 1 15 ? 3.93992   -12.84028 -1.60103  1.000 31.39219  ? 15  SER A C    1 
ATOM   74   O  O    . SER A 1 15 ? 3.30716   -13.37031 -2.51902  1.000 29.58936  ? 15  SER A O    1 
ATOM   75   C  CB   . SER A 1 15 ? 4.30884   -12.94299 0.88857   1.000 31.17891  ? 15  SER A CB   1 
ATOM   76   O  OG   . SER A 1 15 ? 5.18349   -11.83487 0.97868   1.000 30.91169  ? 15  SER A OG   1 
ATOM   77   H  H    . SER A 1 15 ? 6.34831   -13.36264 -0.93073  1.000 31.28347  ? 15  SER A H    1 
ATOM   78   H  HA   . SER A 1 15 ? 3.93689   -14.49133 -0.38579  1.000 33.23756  ? 15  SER A HA   1 
ATOM   79   H  HB2  . SER A 1 15 ? 3.39493   -12.62668 0.96350   1.000 37.42366  ? 15  SER A HB2  1 
ATOM   80   H  HB3  . SER A 1 15 ? 4.50755   -13.55765 1.61217   1.000 37.42366  ? 15  SER A HB3  1 
ATOM   81   H  HG   . SER A 1 15 ? 5.98118   -12.09396 0.93202   1.000 37.10300  ? 15  SER A HG   1 
ATOM   82   N  N    . CYS A 1 16 ? 4.20149   -11.53441 -1.58033  1.000 26.85432  ? 16  CYS A N    1 
ATOM   83   C  CA   . CYS A 1 16 ? 3.73932   -10.67307 -2.66039  1.000 20.10438  ? 16  CYS A CA   1 
ATOM   84   C  C    . CYS A 1 16 ? 4.30406   -11.13959 -3.99664  1.000 27.99593  ? 16  CYS A C    1 
ATOM   85   O  O    . CYS A 1 16 ? 5.47128   -11.52587 -4.09688  1.000 29.71904  ? 16  CYS A O    1 
ATOM   86   C  CB   . CYS A 1 16 ? 4.15592   -9.22448  -2.40158  1.000 28.27951  ? 16  CYS A CB   1 
ATOM   87   S  SG   . CYS A 1 16 ? 3.69159   -8.59182  -0.77673  1.000 27.34910  ? 16  CYS A SG   1 
ATOM   88   H  H    . CYS A 1 16 ? 4.63872   -11.12966 -0.96016  1.000 32.23415  ? 16  CYS A H    1 
ATOM   89   H  HA   . CYS A 1 16 ? 2.77100   -10.71057 -2.70328  1.000 24.13423  ? 16  CYS A HA   1 
ATOM   90   H  HB2  . CYS A 1 16 ? 5.12114   -9.16278  -2.47532  1.000 33.94438  ? 16  CYS A HB2  1 
ATOM   91   H  HB3  . CYS A 1 16 ? 3.73545   -8.65844  -3.06767  1.000 33.94438  ? 16  CYS A HB3  1 
ATOM   92   N  N    . SER A 1 17 ? 3.46317   -11.11049 -5.03288  1.000 24.48288  ? 17  SER A N    1 
ATOM   93   C  CA   . SER A 1 17 ? 3.96774   -11.36151 -6.37727  1.000 34.90009  ? 17  SER A CA   1 
ATOM   94   C  C    . SER A 1 17 ? 4.99628   -10.31415 -6.77571  1.000 41.76664  ? 17  SER A C    1 
ATOM   95   O  O    . SER A 1 17 ? 5.95832   -10.62516 -7.49008  1.000 41.82858  ? 17  SER A O    1 
ATOM   96   C  CB   . SER A 1 17 ? 2.81509   -11.37737 -7.38114  1.000 38.84889  ? 17  SER A CB   1 
ATOM   97   O  OG   . SER A 1 17 ? 2.23544   -10.09061 -7.50635  1.000 51.52893  ? 17  SER A OG   1 
ATOM   98   H  H    . SER A 1 17 ? 2.61936   -10.95190 -4.98345  1.000 29.38843  ? 17  SER A H    1 
ATOM   99   H  HA   . SER A 1 17 ? 4.39037   -12.23434 -6.39837  1.000 41.88909  ? 17  SER A HA   1 
ATOM   100  H  HB2  . SER A 1 17 ? 3.15399   -11.65622 -8.24618  1.000 46.62765  ? 17  SER A HB2  1 
ATOM   101  H  HB3  . SER A 1 17 ? 2.13770   -11.99995 -7.07383  1.000 46.62765  ? 17  SER A HB3  1 
ATOM   102  H  HG   . SER A 1 17 ? 1.60560   -10.11204 -8.06172  1.000 61.84369  ? 17  SER A HG   1 
ATOM   103  N  N    . SER A 1 18 ? 4.82037   -9.07760  -6.31062  1.000 32.66646  ? 18  SER A N    1 
ATOM   104  C  CA   . SER A 1 18 ? 5.68032   -7.95837  -6.66047  1.000 45.30244  ? 18  SER A CA   1 
ATOM   105  C  C    . SER A 1 18 ? 6.02020   -7.16985  -5.40832  1.000 40.67861  ? 18  SER A C    1 
ATOM   106  O  O    . SER A 1 18 ? 5.14581   -6.89977  -4.57873  1.000 32.03130  ? 18  SER A O    1 
ATOM   107  C  CB   . SER A 1 18 ? 4.99866   -7.03348  -7.67902  1.000 37.28882  ? 18  SER A CB   1 
ATOM   108  O  OG   . SER A 1 18 ? 3.99788   -6.24641  -7.04938  1.000 61.87779  ? 18  SER A OG   1 
ATOM   109  H  H    . SER A 1 18 ? 4.18648   -8.85837  -5.77236  1.000 39.20872  ? 18  SER A H    1 
ATOM   110  H  HA   . SER A 1 18 ? 6.50586   -8.29253  -7.04483  1.000 54.37190  ? 18  SER A HA   1 
ATOM   111  H  HB2  . SER A 1 18 ? 5.66493   -6.44592  -8.06859  1.000 44.75555  ? 18  SER A HB2  1 
ATOM   112  H  HB3  . SER A 1 18 ? 4.58725   -7.57385  -8.37157  1.000 44.75555  ? 18  SER A HB3  1 
ATOM   113  H  HG   . SER A 1 18 ? 3.61712   -5.75805  -7.61693  1.000 74.26232  ? 18  SER A HG   1 
ATOM   114  N  N    . GLY A 1 19 ? 7.29060   -6.79865  -5.27468  1.000 39.93838  ? 19  GLY A N    1 
ATOM   115  C  CA   . GLY A 1 19 ? 7.71990   -5.90316  -4.22899  1.000 36.75226  ? 19  GLY A CA   1 
ATOM   116  C  C    . GLY A 1 19 ? 7.68505   -6.52122  -2.84736  1.000 38.27679  ? 19  GLY A C    1 
ATOM   117  O  O    . GLY A 1 19 ? 7.29689   -7.67925  -2.66377  1.000 33.90040  ? 19  GLY A O    1 
ATOM   118  H  H    . GLY A 1 19 ? 7.92701   -7.06100  -5.79019  1.000 47.93503  ? 19  GLY A H    1 
ATOM   119  H  HA2  . GLY A 1 19 ? 8.63034   -5.62081  -4.40860  1.000 44.11168  ? 19  GLY A HA2  1 
ATOM   120  H  HA3  . GLY A 1 19 ? 7.14273   -5.12358  -4.22369  1.000 44.11168  ? 19  GLY A HA3  1 
ATOM   121  N  N    . PRO A 1 20 ? 8.09002   -5.75074  -1.84281  1.000 32.47670  ? 20  PRO A N    1 
ATOM   122  C  CA   . PRO A 1 20 ? 8.10365   -6.26319  -0.47036  1.000 36.27468  ? 20  PRO A CA   1 
ATOM   123  C  C    . PRO A 1 20 ? 6.71162   -6.22899  0.14611   1.000 23.48903  ? 20  PRO A C    1 
ATOM   124  O  O    . PRO A 1 20 ? 5.77581   -5.62576  -0.38145  1.000 30.43709  ? 20  PRO A O    1 
ATOM   125  C  CB   . PRO A 1 20 ? 9.04643   -5.29836  0.25274   1.000 35.51294  ? 20  PRO A CB   1 
ATOM   126  C  CG   . PRO A 1 20 ? 8.79519   -3.97902  -0.44900  1.000 39.46342  ? 20  PRO A CG   1 
ATOM   127  C  CD   . PRO A 1 20 ? 8.48717   -4.32986  -1.90605  1.000 37.47108  ? 20  PRO A CD   1 
ATOM   128  H  HA   . PRO A 1 20 ? 8.45938   -7.16495  -0.43589  1.000 43.53859  ? 20  PRO A HA   1 
ATOM   129  H  HB2  . PRO A 1 20 ? 8.81949   -5.24698  1.19442   1.000 42.62450  ? 20  PRO A HB2  1 
ATOM   130  H  HB3  . PRO A 1 20 ? 9.96731   -5.58471  0.14854   1.000 42.62450  ? 20  PRO A HB3  1 
ATOM   131  H  HG2  . PRO A 1 20 ? 8.04102   -3.52854  -0.03767  1.000 47.36507  ? 20  PRO A HG2  1 
ATOM   132  H  HG3  . PRO A 1 20 ? 9.58690   -3.42167  -0.39019  1.000 47.36507  ? 20  PRO A HG3  1 
ATOM   133  H  HD2  . PRO A 1 20 ? 7.76068   -3.78406  -2.24546  1.000 44.97427  ? 20  PRO A HD2  1 
ATOM   134  H  HD3  . PRO A 1 20 ? 9.27447   -4.21678  -2.46128  1.000 44.97427  ? 20  PRO A HD3  1 
ATOM   135  N  N    . VAL A 1 21 ? 6.59049   -6.90446  1.28670   1.000 27.69968  ? 21  VAL A N    1 
ATOM   136  C  CA   . VAL A 1 21 ? 5.44738   -6.68212  2.15928   1.000 26.53962  ? 21  VAL A CA   1 
ATOM   137  C  C    . VAL A 1 21 ? 5.59602   -5.30852  2.79616   1.000 26.88855  ? 21  VAL A C    1 
ATOM   138  O  O    . VAL A 1 21 ? 6.67115   -4.95614  3.29930   1.000 33.44558  ? 21  VAL A O    1 
ATOM   139  C  CB   . VAL A 1 21 ? 5.35166   -7.78441  3.22447   1.000 28.55895  ? 21  VAL A CB   1 
ATOM   140  C  CG1  . VAL A 1 21 ? 4.26034   -7.44747  4.23339   1.000 30.10289  ? 21  VAL A CG1  1 
ATOM   141  C  CG2  . VAL A 1 21 ? 5.08575   -9.13339  2.57425   1.000 33.96399  ? 21  VAL A CG2  1 
ATOM   142  H  H    . VAL A 1 21 ? 7.15152   -7.49005  1.57293   1.000 33.24858  ? 21  VAL A H    1 
ATOM   143  H  HA   . VAL A 1 21 ? 4.62944   -6.70595  1.63840   1.000 31.85652  ? 21  VAL A HA   1 
ATOM   144  H  HB   . VAL A 1 21 ? 6.19649   -7.84231  3.69756   1.000 34.27972  ? 21  VAL A HB   1 
ATOM   145  H  HG11 . VAL A 1 21 ? 4.12263   -8.21050  4.81626   1.000 36.13244  ? 21  VAL A HG11 1 
ATOM   146  H  HG12 . VAL A 1 21 ? 4.53906   -6.67872  4.75515   1.000 36.13244  ? 21  VAL A HG12 1 
ATOM   147  H  HG13 . VAL A 1 21 ? 3.44090   -7.24374  3.75600   1.000 36.13244  ? 21  VAL A HG13 1 
ATOM   148  H  HG21 . VAL A 1 21 ? 5.44748   -9.83342  3.13994   1.000 40.76576  ? 21  VAL A HG21 1 
ATOM   149  H  HG22 . VAL A 1 21 ? 4.12836   -9.25180  2.47275   1.000 40.76576  ? 21  VAL A HG22 1 
ATOM   150  H  HG23 . VAL A 1 21 ? 5.51573   -9.15525  1.70505   1.000 40.76576  ? 21  VAL A HG23 1 
ATOM   151  N  N    . TYR A 1 22 ? 4.52750   -4.51944  2.76321   1.000 23.16001  ? 22  TYR A N    1 
ATOM   152  C  CA   . TYR A 1 22 ? 4.51533   -3.19606  3.37128   1.000 24.16052  ? 22  TYR A CA   1 
ATOM   153  C  C    . TYR A 1 22 ? 3.69231   -3.21997  4.65279   1.000 29.52067  ? 22  TYR A C    1 
ATOM   154  O  O    . TYR A 1 22 ? 2.69996   -3.94342  4.75885   1.000 22.66084  ? 22  TYR A O    1 
ATOM   155  C  CB   . TYR A 1 22 ? 3.92928   -2.14202  2.42192   1.000 20.85008  ? 22  TYR A CB   1 
ATOM   156  C  CG   . TYR A 1 22 ? 4.78076   -1.82347  1.21172   1.000 28.46141  ? 22  TYR A CG   1 
ATOM   157  C  CD1  . TYR A 1 22 ? 5.83661   -0.92579  1.29557   1.000 27.16082  ? 22  TYR A CD1  1 
ATOM   158  C  CD2  . TYR A 1 22 ? 4.51587   -2.40948  -0.01732  1.000 20.02432  ? 22  TYR A CD2  1 
ATOM   159  C  CE1  . TYR A 1 22 ? 6.61316   -0.62962  0.18651   1.000 27.06861  ? 22  TYR A CE1  1 
ATOM   160  C  CE2  . TYR A 1 22 ? 5.28575   -2.12079  -1.12982  1.000 28.01232  ? 22  TYR A CE2  1 
ATOM   161  C  CZ   . TYR A 1 22 ? 6.33250   -1.23036  -1.02132  1.000 26.27484  ? 22  TYR A CZ   1 
ATOM   162  O  OH   . TYR A 1 22 ? 7.09861   -0.93940  -2.12617  1.000 32.01166  ? 22  TYR A OH   1 
ATOM   163  H  H    . TYR A 1 22 ? 3.78441   -4.73376  2.38705   1.000 27.80099  ? 22  TYR A H    1 
ATOM   164  H  HA   . TYR A 1 22 ? 5.42663   -2.94081  3.58407   1.000 29.00160  ? 22  TYR A HA   1 
ATOM   165  H  HB2  . TYR A 1 22 ? 3.07317   -2.46317  2.09813   1.000 25.02907  ? 22  TYR A HB2  1 
ATOM   166  H  HB3  . TYR A 1 22 ? 3.80831   -1.31677  2.91713   1.000 25.02907  ? 22  TYR A HB3  1 
ATOM   167  H  HD1  . TYR A 1 22 ? 6.02580   -0.51666  2.10902   1.000 32.60196  ? 22  TYR A HD1  1 
ATOM   168  H  HD2  . TYR A 1 22 ? 3.80777   -3.00737  -0.09485  1.000 24.03816  ? 22  TYR A HD2  1 
ATOM   169  H  HE1  . TYR A 1 22 ? 7.31958   -0.02889  0.25711   1.000 32.49130  ? 22  TYR A HE1  1 
ATOM   170  H  HE2  . TYR A 1 22 ? 5.09825   -2.52505  -1.94610  1.000 33.62375  ? 22  TYR A HE2  1 
ATOM   171  H  HH   . TYR A 1 22 ? 6.80758   -1.35556  -2.79527  1.000 38.42297  ? 22  TYR A HH   1 
ATOM   172  N  N    . CYS A 1 23 ? 4.11433   -2.41721  5.62824   1.000 29.07237  ? 23  CYS A N    1 
ATOM   173  C  CA   . CYS A 1 23 ? 3.33092   -2.13148  6.82519   1.000 25.99309  ? 23  CYS A CA   1 
ATOM   174  C  C    . CYS A 1 23 ? 2.84125   -0.69208  6.71554   1.000 29.06000  ? 23  CYS A C    1 
ATOM   175  O  O    . CYS A 1 23 ? 3.64141   0.24465   6.79501   1.000 24.93366  ? 23  CYS A O    1 
ATOM   176  C  CB   . CYS A 1 23 ? 4.16582   -2.33577  8.08718   1.000 26.91320  ? 23  CYS A CB   1 
ATOM   177  S  SG   . CYS A 1 23 ? 3.27962   -1.94684  9.61332   1.000 31.81414  ? 23  CYS A SG   1 
ATOM   178  H  H    . CYS A 1 23 ? 4.87453   -2.01525  5.61711   1.000 34.89582  ? 23  CYS A H    1 
ATOM   179  H  HA   . CYS A 1 23 ? 2.56584   -2.72594  6.87169   1.000 31.20068  ? 23  CYS A HA   1 
ATOM   180  H  HB2  . CYS A 1 23 ? 4.44100   -3.26482  8.13240   1.000 32.30481  ? 23  CYS A HB2  1 
ATOM   181  H  HB3  . CYS A 1 23 ? 4.94560   -1.76062  8.04207   1.000 32.30481  ? 23  CYS A HB3  1 
ATOM   182  N  N    . CYS A 1 24 ? 1.53559   -0.52126  6.51892   1.000 23.58425  ? 24  CYS A N    1 
ATOM   183  C  CA   . CYS A 1 24 ? 0.93237   0.78459   6.27935   1.000 23.34328  ? 24  CYS A CA   1 
ATOM   184  C  C    . CYS A 1 24 ? 0.09255   1.19955   7.48141   1.000 27.31535  ? 24  CYS A C    1 
ATOM   185  O  O    . CYS A 1 24 ? -0.73927  0.42111   7.95973   1.000 23.25451  ? 24  CYS A O    1 
ATOM   186  C  CB   . CYS A 1 24 ? 0.04894   0.76828   5.02817   1.000 28.63828  ? 24  CYS A CB   1 
ATOM   187  S  SG   . CYS A 1 24 ? 0.88128   0.52716   3.43465   1.000 28.59075  ? 24  CYS A SG   1 
ATOM   188  H  H    . CYS A 1 24 ? 0.96532   -1.16499  6.52013   1.000 28.31007  ? 24  CYS A H    1 
ATOM   189  H  HA   . CYS A 1 24 ? 1.64223   1.43399   6.15573   1.000 28.02090  ? 24  CYS A HA   1 
ATOM   190  H  HB2  . CYS A 1 24 ? -0.59173  0.04629   5.12396   1.000 34.37491  ? 24  CYS A HB2  1 
ATOM   191  H  HB3  . CYS A 1 24 ? -0.41471  1.61884   4.97848   1.000 34.37491  ? 24  CYS A HB3  1 
ATOM   192  N  N    . ASN A 1 25 ? 0.29569   2.43413   7.94957   1.000 25.60278  ? 25  ASN A N    1 
ATOM   193  C  CA   . ASN A 1 25 ? -0.48464  2.93059   9.07917   1.000 22.34873  ? 25  ASN A CA   1 
ATOM   194  C  C    . ASN A 1 25 ? -1.97843  2.89604   8.77845   1.000 24.20116  ? 25  ASN A C    1 
ATOM   195  O  O    . ASN A 1 25 ? -2.79027  2.62528   9.67091   1.000 23.98219  ? 25  ASN A O    1 
ATOM   196  C  CB   . ASN A 1 25 ? -0.04594  4.35459   9.43336   1.000 22.23652  ? 25  ASN A CB   1 
ATOM   197  C  CG   . ASN A 1 25 ? 1.18580   4.38728   10.32159  1.000 26.02372  ? 25  ASN A CG   1 
ATOM   198  O  OD1  . ASN A 1 25 ? 1.08576   4.50112   11.54475  1.000 23.28754  ? 25  ASN A OD1  1 
ATOM   199  N  ND2  . ASN A 1 25 ? 2.35716   4.29495   9.70658   1.000 24.77381  ? 25  ASN A ND2  1 
ATOM   200  H  H    . ASN A 1 25 ? 0.86917   2.99278   7.63553   1.000 30.73230  ? 25  ASN A H    1 
ATOM   201  H  HA   . ASN A 1 25 ? -0.31810  2.36102   9.84647   1.000 26.82745  ? 25  ASN A HA   1 
ATOM   202  H  HB2  . ASN A 1 25 ? 0.16120   4.83390   8.61589   1.000 26.69280  ? 25  ASN A HB2  1 
ATOM   203  H  HB3  . ASN A 1 25 ? -0.76748  4.79937   9.90499   1.000 26.69280  ? 25  ASN A HB3  1 
ATOM   204  H  HD21 . ASN A 1 25 ? 3.08526   4.30856   10.16406  1.000 29.73754  ? 25  ASN A HD21 1 
ATOM   205  H  HD22 . ASN A 1 25 ? 2.38863   4.22148   8.85031   1.000 29.73754  ? 25  ASN A HD22 1 
ATOM   206  N  N    . LYS A 1 26 ? -2.36217  3.16159   7.52864   1.000 21.94801  ? 26  LYS A N    1 
ATOM   207  C  CA   . LYS A 1 26 ? -3.77020  3.26358   7.16880   1.000 33.83671  ? 26  LYS A CA   1 
ATOM   208  C  C    . LYS A 1 26 ? -3.97769  2.82629   5.72548   1.000 31.84985  ? 26  LYS A C    1 
ATOM   209  O  O    . LYS A 1 26 ? -3.14453  3.10341   4.85781   1.000 26.51322  ? 26  LYS A O    1 
ATOM   210  C  CB   . LYS A 1 26 ? -4.28074  4.70012   7.35816   1.000 28.99493  ? 26  LYS A CB   1 
ATOM   211  C  CG   . LYS A 1 26 ? -5.70069  4.92990   6.86141   1.000 32.44463  ? 26  LYS A CG   1 
ATOM   212  C  CD   . LYS A 1 26 ? -6.36349  6.12216   7.54642   1.000 33.88562  ? 26  LYS A CD   1 
ATOM   213  C  CE   . LYS A 1 26 ? -5.86575  7.44950   6.98907   1.000 51.20945  ? 26  LYS A CE   1 
ATOM   214  N  NZ   . LYS A 1 26 ? -6.57085  8.61031   7.61038   1.000 45.69973  ? 26  LYS A NZ   1 
ATOM   215  H  H    . LYS A 1 26 ? -1.82167  3.28661   6.87151   1.000 26.34659  ? 26  LYS A H    1 
ATOM   216  H  HA   . LYS A 1 26 ? -4.28440  2.66376   7.73159   1.000 40.61302  ? 26  LYS A HA   1 
ATOM   217  H  HB2  . LYS A 1 26 ? -4.26219  4.91331   8.30426   1.000 34.80288  ? 26  LYS A HB2  1 
ATOM   218  H  HB3  . LYS A 1 26 ? -3.69765  5.30291   6.87076   1.000 34.80288  ? 26  LYS A HB3  1 
ATOM   219  H  HG2  . LYS A 1 26 ? -5.68070  5.10239   5.90708   1.000 38.94252  ? 26  LYS A HG2  1 
ATOM   220  H  HG3  . LYS A 1 26 ? -6.23433  4.14092   7.04483   1.000 38.94252  ? 26  LYS A HG3  1 
ATOM   221  H  HD2  . LYS A 1 26 ? -7.32266  6.07676   7.40914   1.000 40.67171  ? 26  LYS A HD2  1 
ATOM   222  H  HD3  . LYS A 1 26 ? -6.16261  6.09772   8.49508   1.000 40.67171  ? 26  LYS A HD3  1 
ATOM   223  H  HE2  . LYS A 1 26 ? -4.91700  7.53742   7.17088   1.000 61.46031  ? 26  LYS A HE2  1 
ATOM   224  H  HE3  . LYS A 1 26 ? -6.02390  7.47444   6.03237   1.000 61.46031  ? 26  LYS A HE3  1 
ATOM   225  H  HZ1  . LYS A 1 26 ? -6.26121  9.37217   7.27012   1.000 54.84865  ? 26  LYS A HZ1  1 
ATOM   226  H  HZ2  . LYS A 1 26 ? -7.44474  8.55668   7.45056   1.000 54.84865  ? 26  LYS A HZ2  1 
ATOM   227  H  HZ3  . LYS A 1 26 ? -6.43773  8.61181   8.49037   1.000 54.84865  ? 26  LYS A HZ3  1 
ATOM   228  N  N    . THR A 1 27 ? -5.09384  2.14445   5.47531   1.000 27.73229  ? 27  THR A N    1 
ATOM   229  C  CA   . THR A 1 27 ? -5.48265  1.76057   4.12565   1.000 27.90304  ? 27  THR A CA   1 
ATOM   230  C  C    . THR A 1 27 ? -6.91255  2.20745   3.86080   1.000 23.17993  ? 27  THR A C    1 
ATOM   231  O  O    . THR A 1 27 ? -7.75488  2.22156   4.76396   1.000 28.57068  ? 27  THR A O    1 
ATOM   232  C  CB   . THR A 1 27 ? -5.36853  0.24286   3.89441   1.000 24.08188  ? 27  THR A CB   1 
ATOM   233  O  OG1  . THR A 1 27 ? -6.27806  -0.45430  4.75623   1.000 32.38527  ? 27  THR A OG1  1 
ATOM   234  C  CG2  . THR A 1 27 ? -3.94793  -0.23162  4.15300   1.000 25.65558  ? 27  THR A CG2  1 
ATOM   235  H  H    . THR A 1 27 ? -5.64835  1.89041   6.08159   1.000 33.28772  ? 27  THR A H    1 
ATOM   236  H  HA   . THR A 1 27 ? -4.89565  2.20271   3.49253   1.000 33.49262  ? 27  THR A HA   1 
ATOM   237  H  HB   . THR A 1 27 ? -5.59208  0.04074   2.97241   1.000 28.90723  ? 27  THR A HB   1 
ATOM   238  H  HG1  . THR A 1 27 ? -6.20762  -1.28298  4.63821   1.000 38.87129  ? 27  THR A HG1  1 
ATOM   239  H  HG21 . THR A 1 27 ? -3.87706  -1.18165  3.97043   1.000 30.79566  ? 27  THR A HG21 1 
ATOM   240  H  HG22 . THR A 1 27 ? -3.32891  0.24626   3.57911   1.000 30.79566  ? 27  THR A HG22 1 
ATOM   241  H  HG23 . THR A 1 27 ? -3.70758  -0.07018  5.07878   1.000 30.79566  ? 27  THR A HG23 1 
ATOM   242  N  N    . GLU A 1 28 ? -7.17901  2.56852   2.60732   1.000 24.73764  ? 28  GLU A N    1 
ATOM   243  C  CA   . GLU A 1 28 ? -8.49538  3.03036   2.19287   1.000 28.77524  ? 28  GLU A CA   1 
ATOM   244  C  C    . GLU A 1 28 ? -8.86666  2.42189   0.84835   1.000 27.85019  ? 28  GLU A C    1 
ATOM   245  O  O    . GLU A 1 28 ? -8.01355  2.26726   -0.02915  1.000 25.97028  ? 28  GLU A O    1 
ATOM   246  C  CB   . GLU A 1 28 ? -8.54594  4.55956   2.07675   1.000 25.47145  ? 28  GLU A CB   1 
ATOM   247  C  CG   . GLU A 1 28 ? -8.42401  5.31485   3.38607   1.000 31.35463  ? 28  GLU A CG   1 
ATOM   248  C  CD   . GLU A 1 28 ? -8.32190  6.81511   3.17048   1.000 39.14815  ? 28  GLU A CD   1 
ATOM   249  O  OE1  . GLU A 1 28 ? -9.07659  7.34771   2.32994   1.000 35.65656  ? 28  GLU A OE1  1 
ATOM   250  O  OE2  . GLU A 1 28 ? -7.48443  7.46098   3.83412   1.000 48.11766  ? 28  GLU A OE2  1 
ATOM   251  H  H    . GLU A 1 28 ? -6.60189  2.55346   1.96990   1.000 29.69414  ? 28  GLU A H    1 
ATOM   252  H  HA   . GLU A 1 28 ? -9.14532  2.73918   2.85143   1.000 34.53926  ? 28  GLU A HA   1 
ATOM   253  H  HB2  . GLU A 1 28 ? -7.81486  4.84712   1.50778   1.000 30.57471  ? 28  GLU A HB2  1 
ATOM   254  H  HB3  . GLU A 1 28 ? -9.39443  4.80779   1.67756   1.000 30.57471  ? 28  GLU A HB3  1 
ATOM   255  H  HG2  . GLU A 1 28 ? -9.20796  5.13942   3.92970   1.000 37.63453  ? 28  GLU A HG2  1 
ATOM   256  H  HG3  . GLU A 1 28 ? -7.62523  5.02039   3.85098   1.000 37.63453  ? 28  GLU A HG3  1 
ATOM   257  N  N    . ASP A 1 29 ? -10.14819 2.09128   0.69550   1.000 29.29958  ? 29  ASP A N    1 
ATOM   258  C  CA   . ASP A 1 29 ? -10.67881 1.65416   -0.58959  1.000 24.12246  ? 29  ASP A CA   1 
ATOM   259  C  C    . ASP A 1 29 ? -10.46023 2.73143   -1.64498  1.000 28.37476  ? 29  ASP A C    1 
ATOM   260  O  O    . ASP A 1 29 ? -10.85369 3.88686   -1.46136  1.000 30.99718  ? 29  ASP A O    1 
ATOM   261  C  CB   . ASP A 1 29 ? -12.17063 1.34390   -0.44632  1.000 39.53409  ? 29  ASP A CB   1 
ATOM   262  C  CG   . ASP A 1 29 ? -12.75438 0.65824   -1.66805  1.000 49.23596  ? 29  ASP A CG   1 
ATOM   263  O  OD1  . ASP A 1 29 ? -12.16534 0.76213   -2.76392  1.000 37.66266  ? 29  ASP A OD1  1 
ATOM   264  O  OD2  . ASP A 1 29 ? -13.81640 0.01612   -1.52855  1.000 47.80310  ? 29  ASP A OD2  1 
ATOM   265  H  H    . ASP A 1 29 ? -10.73359 2.11216   1.32517   1.000 35.16847  ? 29  ASP A H    1 
ATOM   266  H  HA   . ASP A 1 29 ? -10.22155 0.84914   -0.87901  1.000 28.95593  ? 29  ASP A HA   1 
ATOM   267  H  HB2  . ASP A 1 29 ? -12.29868 0.75711   0.31537   1.000 47.44989  ? 29  ASP A HB2  1 
ATOM   268  H  HB3  . ASP A 1 29 ? -12.65347 2.17414   -0.31039  1.000 47.44989  ? 29  ASP A HB3  1 
ATOM   269  N  N    . SER A 1 30 ? -9.84582  2.34459   -2.76544  1.000 30.57347  ? 30  SER A N    1 
ATOM   270  C  CA   . SER A 1 30 ? -9.54016  3.31243   -3.81098  1.000 31.18158  ? 30  SER A CA   1 
ATOM   271  C  C    . SER A 1 30 ? -10.78844 3.98188   -4.37227  1.000 42.30686  ? 30  SER A C    1 
ATOM   272  O  O    . SER A 1 30 ? -10.68180 5.06668   -4.95439  1.000 37.24576  ? 30  SER A O    1 
ATOM   273  C  CB   . SER A 1 30 ? -8.75705  2.64497   -4.94597  1.000 35.26036  ? 30  SER A CB   1 
ATOM   274  O  OG   . SER A 1 30 ? -9.44353  1.51954   -5.46820  1.000 36.94272  ? 30  SER A OG   1 
ATOM   275  H  H    . SER A 1 30 ? -9.60030  1.53893   -2.93933  1.000 36.69713  ? 30  SER A H    1 
ATOM   276  H  HA   . SER A 1 30 ? -8.97904  4.00353   -3.42570  1.000 37.42687  ? 30  SER A HA   1 
ATOM   277  H  HB2  . SER A 1 30 ? -8.62913  3.29061   -5.65849  1.000 42.32140  ? 30  SER A HB2  1 
ATOM   278  H  HB3  . SER A 1 30 ? -7.89738  2.35456   -4.60313  1.000 42.32140  ? 30  SER A HB3  1 
ATOM   279  H  HG   . SER A 1 30 ? -9.56617  0.95110   -4.86203  1.000 44.34024  ? 30  SER A HG   1 
ATOM   280  N  N    . LYS A 1 31 ? -11.96525 3.37360   -4.22046  1.000 34.45028  ? 31  LYS A N    1 
ATOM   281  C  CA   . LYS A 1 31 ? -13.19569 3.99117   -4.70358  1.000 41.96459  ? 31  LYS A CA   1 
ATOM   282  C  C    . LYS A 1 31 ? -13.94619 4.75002   -3.61147  1.000 41.75558  ? 31  LYS A C    1 
ATOM   283  O  O    . LYS A 1 31 ? -15.04983 5.24861   -3.86222  1.000 48.94843  ? 31  LYS A O    1 
ATOM   284  C  CB   . LYS A 1 31 ? -14.12787 2.93331   -5.32883  1.000 43.29151  ? 31  LYS A CB   1 
ATOM   285  C  CG   . LYS A 1 31 ? -13.47490 1.65184   -5.89893  1.000 52.33194  ? 31  LYS A CG   1 
ATOM   286  C  CD   . LYS A 1 31 ? -12.43366 1.91016   -7.00344  1.000 70.71218  ? 31  LYS A CD   1 
ATOM   287  C  CE   . LYS A 1 31 ? -12.04400 0.60959   -7.75455  1.000 79.06987  ? 31  LYS A CE   1 
ATOM   288  N  NZ   . LYS A 1 31 ? -11.28717 -0.38856  -6.92356  1.000 63.18568  ? 31  LYS A NZ   1 
ATOM   289  H  H    . LYS A 1 31 ? -12.07339 2.60831   -3.84331  1.000 41.34931  ? 31  LYS A H    1 
ATOM   290  H  HA   . LYS A 1 31 ? -12.96184 4.62251   -5.40189  1.000 50.36648  ? 31  LYS A HA   1 
ATOM   291  H  HB2  . LYS A 1 31 ? -14.75400 2.64793   -4.64515  1.000 51.95878  ? 31  LYS A HB2  1 
ATOM   292  H  HB3  . LYS A 1 31 ? -14.60518 3.35373   -6.06117  1.000 51.95878  ? 31  LYS A HB3  1 
ATOM   293  H  HG2  . LYS A 1 31 ? -13.02659 1.18397   -5.17710  1.000 62.80730  ? 31  LYS A HG2  1 
ATOM   294  H  HG3  . LYS A 1 31 ? -14.16998 1.09062   -6.27682  1.000 62.80730  ? 31  LYS A HG3  1 
ATOM   295  H  HD2  . LYS A 1 31 ? -12.80162 2.53345   -7.64921  1.000 84.86359  ? 31  LYS A HD2  1 
ATOM   296  H  HD3  . LYS A 1 31 ? -11.63092 2.28093   -6.60464  1.000 84.86359  ? 31  LYS A HD3  1 
ATOM   297  H  HE2  . LYS A 1 31 ? -12.85475 0.17660   -8.06458  1.000 94.89281  ? 31  LYS A HE2  1 
ATOM   298  H  HE3  . LYS A 1 31 ? -11.48366 0.84493   -8.51054  1.000 94.89281  ? 31  LYS A HE3  1 
ATOM   299  H  HZ1  . LYS A 1 31 ? -11.02053 -1.06838  -7.43234  1.000 75.83179  ? 31  LYS A HZ1  1 
ATOM   300  H  HZ2  . LYS A 1 31 ? -10.57256 -0.00235  -6.55986  1.000 75.83179  ? 31  LYS A HZ2  1 
ATOM   301  H  HZ3  . LYS A 1 31 ? -11.80863 -0.70134  -6.27368  1.000 75.83179  ? 31  LYS A HZ3  1 
ATOM   302  N  N    . HIS A 1 32 ? -13.39464 4.84553   -2.40535  1.000 39.38224  ? 32  HIS A N    1 
ATOM   303  C  CA   . HIS A 1 32 ? -14.02561 5.59211   -1.32194  1.000 40.48529  ? 32  HIS A CA   1 
ATOM   304  C  C    . HIS A 1 32 ? -12.95029 6.30307   -0.50814  1.000 31.48753  ? 32  HIS A C    1 
ATOM   305  O  O    . HIS A 1 32 ? -12.90459 6.22922   0.72010   1.000 38.08022  ? 32  HIS A O    1 
ATOM   306  C  CB   . HIS A 1 32 ? -14.88455 4.66242   -0.46687  1.000 45.32056  ? 32  HIS A CB   1 
ATOM   307  C  CG   . HIS A 1 32 ? -16.06789 4.10548   -1.19709  1.000 54.09061  ? 32  HIS A CG   1 
ATOM   308  N  ND1  . HIS A 1 32 ? -16.12004 2.80395   -1.64897  1.000 54.39304  ? 32  HIS A ND1  1 
ATOM   309  C  CD2  . HIS A 1 32 ? -17.23984 4.67726   -1.56240  1.000 54.67352  ? 32  HIS A CD2  1 
ATOM   310  C  CE1  . HIS A 1 32 ? -17.27543 2.59682   -2.25605  1.000 55.58681  ? 32  HIS A CE1  1 
ATOM   311  N  NE2  . HIS A 1 32 ? -17.97375 3.71722   -2.21580  1.000 58.91407  ? 32  HIS A NE2  1 
ATOM   312  H  H    . HIS A 1 32 ? -12.64620 4.48204   -2.18783  1.000 47.26766  ? 32  HIS A H    1 
ATOM   313  H  HA   . HIS A 1 32 ? -14.60771 6.27611   -1.68829  1.000 48.59132  ? 32  HIS A HA   1 
ATOM   314  H  HB2  . HIS A 1 32 ? -14.33957 3.91653   -0.17100  1.000 54.39364  ? 32  HIS A HB2  1 
ATOM   315  H  HB3  . HIS A 1 32 ? -15.21394 5.15724   0.29965   1.000 54.39364  ? 32  HIS A HB3  1 
ATOM   316  H  HD2  . HIS A 1 32 ? -17.49934 5.55564   -1.40109  1.000 65.61719  ? 32  HIS A HD2  1 
ATOM   317  H  HE1  . HIS A 1 32 ? -17.55008 1.79812   -2.64534  1.000 66.71315  ? 32  HIS A HE1  1 
ATOM   318  H  HE2  . HIS A 1 32 ? -18.76039 3.82780   -2.54527  1.000 70.70585  ? 32  HIS A HE2  1 
ATOM   319  N  N    . LEU A 1 33 ? -12.06472 7.00756   -1.20739  1.000 31.04449  ? 33  LEU A N    1 
ATOM   320  C  CA   . LEU A 1 33 ? -11.04560 7.79786   -0.53740  1.000 31.00540  ? 33  LEU A CA   1 
ATOM   321  C  C    . LEU A 1 33 ? -11.67797 9.00887   0.13677   1.000 31.40808  ? 33  LEU A C    1 
ATOM   322  O  O    . LEU A 1 33 ? -12.64394 9.59107   -0.36420  1.000 32.03515  ? 33  LEU A O    1 
ATOM   323  C  CB   . LEU A 1 33 ? -9.98467  8.26309   -1.53361  1.000 31.39235  ? 33  LEU A CB   1 
ATOM   324  C  CG   . LEU A 1 33 ? -9.25412  7.18553   -2.33231  1.000 30.92817  ? 33  LEU A CG   1 
ATOM   325  C  CD1  . LEU A 1 33 ? -8.25993  7.83421   -3.29021  1.000 32.44400  ? 33  LEU A CD1  1 
ATOM   326  C  CD2  . LEU A 1 33 ? -8.55266  6.20125   -1.41476  1.000 26.79296  ? 33  LEU A CD2  1 
ATOM   327  H  H    . LEU A 1 33 ? -12.03498 7.04277   -2.06615  1.000 37.26236  ? 33  LEU A H    1 
ATOM   328  H  HA   . LEU A 1 33 ? -10.60845 7.25540   0.13752   1.000 37.21545  ? 33  LEU A HA   1 
ATOM   329  H  HB2  . LEU A 1 33 ? -10.41647 8.84653   -2.17707  1.000 37.67979  ? 33  LEU A HB2  1 
ATOM   330  H  HB3  . LEU A 1 33 ? -9.30930  8.75490   -1.04076  1.000 37.67979  ? 33  LEU A HB3  1 
ATOM   331  H  HG   . LEU A 1 33 ? -9.90189  6.68305   -2.85079  1.000 37.12277  ? 33  LEU A HG   1 
ATOM   332  H  HD11 . LEU A 1 33 ? -7.80203  7.13925   -3.78847  1.000 38.94177  ? 33  LEU A HD11 1 
ATOM   333  H  HD12 . LEU A 1 33 ? -8.74159  8.41535   -3.89945  1.000 38.94177  ? 33  LEU A HD12 1 
ATOM   334  H  HD13 . LEU A 1 33 ? -7.61869  8.35092   -2.77765  1.000 38.94177  ? 33  LEU A HD13 1 
ATOM   335  H  HD21 . LEU A 1 33 ? -8.02051  5.59326   -1.95150  1.000 32.16053  ? 33  LEU A HD21 1 
ATOM   336  H  HD22 . LEU A 1 33 ? -7.97989  6.69150   -0.80444  1.000 32.16053  ? 33  LEU A HD22 1 
ATOM   337  H  HD23 . LEU A 1 33 ? -9.21962  5.70446   -0.91549  1.000 32.16053  ? 33  LEU A HD23 1 
ATOM   338  N  N    . ASP A 1 34 ? -11.13084 9.38352   1.29094   1.000 34.68609  ? 34  ASP A N    1 
ATOM   339  C  CA   . ASP A 1 34 ? -11.54808 10.62514  1.91688   1.000 39.18547  ? 34  ASP A CA   1 
ATOM   340  C  C    . ASP A 1 34 ? -10.95665 11.80872  1.15346   1.000 37.49706  ? 34  ASP A C    1 
ATOM   341  O  O    . ASP A 1 34 ? -10.07272 11.66070  0.30376   1.000 32.70937  ? 34  ASP A O    1 
ATOM   342  C  CB   . ASP A 1 34 ? -11.14383 10.66063  3.39438   1.000 41.84471  ? 34  ASP A CB   1 
ATOM   343  C  CG   . ASP A 1 34 ? -9.66442  10.41720  3.61033   1.000 41.57886  ? 34  ASP A CG   1 
ATOM   344  O  OD1  . ASP A 1 34 ? -8.83927  11.07953  2.94723   1.000 38.90097  ? 34  ASP A OD1  1 
ATOM   345  O  OD2  . ASP A 1 34 ? -9.32772  9.56990   4.46471   1.000 45.54453  ? 34  ASP A OD2  1 
ATOM   346  H  H    . ASP A 1 34 ? -10.52922 8.94309   1.71951   1.000 41.63228  ? 34  ASP A H    1 
ATOM   347  H  HA   . ASP A 1 34 ? -12.51509 10.69590  1.88904   1.000 47.03153  ? 34  ASP A HA   1 
ATOM   348  H  HB2  . ASP A 1 34 ? -11.35933 11.53326  3.75904   1.000 50.22262  ? 34  ASP A HB2  1 
ATOM   349  H  HB3  . ASP A 1 34 ? -11.63265 9.97182   3.87133   1.000 50.22262  ? 34  ASP A HB3  1 
ATOM   350  N  N    . LYS A 1 35 ? -11.46448 13.00363  1.45842   1.000 35.00161  ? 35  LYS A N    1 
ATOM   351  C  CA   . LYS A 1 35 ? -11.06620 14.17786  0.69038   1.000 36.29267  ? 35  LYS A CA   1 
ATOM   352  C  C    . LYS A 1 35 ? -9.59556  14.51624  0.91417   1.000 33.03334  ? 35  LYS A C    1 
ATOM   353  O  O    . LYS A 1 35 ? -8.91263  14.96958  -0.01058  1.000 32.21112  ? 35  LYS A O    1 
ATOM   354  C  CB   . LYS A 1 35 ? -11.96398 15.36346  1.05361   1.000 54.75565  ? 35  LYS A CB   1 
ATOM   355  C  CG   . LYS A 1 35 ? -13.44471 15.12521  0.76517   1.000 72.17714  ? 35  LYS A CG   1 
ATOM   356  C  CD   . LYS A 1 35 ? -13.83924 15.58606  -0.63757  1.000 80.32438  ? 35  LYS A CD   1 
ATOM   357  C  CE   . LYS A 1 35 ? -15.08525 14.85659  -1.13459  1.000 80.66643  ? 35  LYS A CE   1 
ATOM   358  N  NZ   . LYS A 1 35 ? -16.09470 15.78008  -1.73127  1.000 68.29309  ? 35  LYS A NZ   1 
ATOM   359  H  H    . LYS A 1 35 ? -12.02760 13.15639  2.09022   1.000 42.01090  ? 35  LYS A H    1 
ATOM   360  H  HA   . LYS A 1 35 ? -11.18304 13.99262  -0.25457  1.000 43.56018  ? 35  LYS A HA   1 
ATOM   361  H  HB2  . LYS A 1 35 ? -11.87249 15.54471  2.00212   1.000 65.71576  ? 35  LYS A HB2  1 
ATOM   362  H  HB3  . LYS A 1 35 ? -11.68279 16.13645  0.53950   1.000 65.71576  ? 35  LYS A HB3  1 
ATOM   363  H  HG2  . LYS A 1 35 ? -13.63489 14.17670  0.83631   1.000 86.62154  ? 35  LYS A HG2  1 
ATOM   364  H  HG3  . LYS A 1 35 ? -13.97821 15.61960  1.40693   1.000 86.62154  ? 35  LYS A HG3  1 
ATOM   365  H  HD2  . LYS A 1 35 ? -14.02832 16.53733  -0.62221  1.000 96.39823  ? 35  LYS A HD2  1 
ATOM   366  H  HD3  . LYS A 1 35 ? -13.11222 15.40221  -1.25281  1.000 96.39823  ? 35  LYS A HD3  1 
ATOM   367  H  HE2  . LYS A 1 35 ? -14.82631 14.21548  -1.81490  1.000 96.80869  ? 35  LYS A HE2  1 
ATOM   368  H  HE3  . LYS A 1 35 ? -15.50233 14.39823  -0.38837  1.000 96.80869  ? 35  LYS A HE3  1 
ATOM   369  H  HZ1  . LYS A 1 35 ? -16.80201 15.31806  -2.01119  1.000 81.96068  ? 35  LYS A HZ1  1 
ATOM   370  H  HZ2  . LYS A 1 35 ? -16.35979 16.37451  -1.12425  1.000 81.96068  ? 35  LYS A HZ2  1 
ATOM   371  H  HZ3  . LYS A 1 35 ? -15.73991 16.21267  -2.42343  1.000 81.96068  ? 35  LYS A HZ3  1 
ATOM   372  N  N    . GLY A 1 36 ? -9.08659  14.30034  2.12382   1.000 39.96814  ? 36  GLY A N    1 
ATOM   373  C  CA   . GLY A 1 36 ? -7.67135  14.53409  2.36073   1.000 33.39425  ? 36  GLY A CA   1 
ATOM   374  C  C    . GLY A 1 36 ? -6.78420  13.63552  1.52092   1.000 35.90722  ? 36  GLY A C    1 
ATOM   375  O  O    . GLY A 1 36 ? -5.80456  14.08924  0.92654   1.000 30.49329  ? 36  GLY A O    1 
ATOM   376  H  H    . GLY A 1 36 ? -9.52978  14.02498  2.80745   1.000 47.97073  ? 36  GLY A H    1 
ATOM   377  H  HA2  . GLY A 1 36 ? -7.45919  15.45650  2.14849   1.000 40.08207  ? 36  GLY A HA2  1 
ATOM   378  H  HA3  . GLY A 1 36 ? -7.47206  14.37134  3.29599   1.000 40.08207  ? 36  GLY A HA3  1 
ATOM   379  N  N    . THR A 1 37 ? -7.12126  12.34433  1.45397   1.000 33.78904  ? 37  THR A N    1 
ATOM   380  C  CA   . THR A 1 37 ? -6.31116  11.41110  0.67794   1.000 36.91838  ? 37  THR A CA   1 
ATOM   381  C  C    . THR A 1 37 ? -6.43101  11.68667  -0.81574  1.000 27.44955  ? 37  THR A C    1 
ATOM   382  O  O    . THR A 1 37 ? -5.42968  11.64790  -1.54032  1.000 28.40737  ? 37  THR A O    1 
ATOM   383  C  CB   . THR A 1 37 ? -6.72416  9.97346   0.99481   1.000 29.36866  ? 37  THR A CB   1 
ATOM   384  O  OG1  . THR A 1 37 ? -6.67998  9.76283   2.41165   1.000 35.73750  ? 37  THR A OG1  1 
ATOM   385  C  CG2  . THR A 1 37 ? -5.79461  8.98018   0.30722   1.000 27.16729  ? 37  THR A CG2  1 
ATOM   386  H  H    . THR A 1 37 ? -7.80257  11.99161  1.84255   1.000 40.55583  ? 37  THR A H    1 
ATOM   387  H  HA   . THR A 1 37 ? -5.38045  11.51923  0.92892   1.000 44.31103  ? 37  THR A HA   1 
ATOM   388  H  HB   . THR A 1 37 ? -7.62557  9.81924   0.67142   1.000 35.25136  ? 37  THR A HB   1 
ATOM   389  H  HG1  . THR A 1 37 ? -7.20311  10.29475  2.79763   1.000 42.89398  ? 37  THR A HG1  1 
ATOM   390  H  HG21 . THR A 1 37 ? -5.95333  8.08622   0.64861   1.000 32.60972  ? 37  THR A HG21 1 
ATOM   391  H  HG22 . THR A 1 37 ? -5.95367  8.98458   -0.64964  1.000 32.60972  ? 37  THR A HG22 1 
ATOM   392  H  HG23 . THR A 1 37 ? -4.86990  9.22117   0.47374   1.000 32.60972  ? 37  THR A HG23 1 
ATOM   393  N  N    . THR A 1 38 ? -7.64557  11.96110  -1.29694  1.000 30.37152  ? 38  THR A N    1 
ATOM   394  C  CA   . THR A 1 38 ? -7.81571  12.30958  -2.70426  1.000 36.40531  ? 38  THR A CA   1 
ATOM   395  C  C    . THR A 1 38 ? -6.95046  13.50718  -3.07582  1.000 34.42713  ? 38  THR A C    1 
ATOM   396  O  O    . THR A 1 38 ? -6.31330  13.51818  -4.13570  1.000 29.94167  ? 38  THR A O    1 
ATOM   397  C  CB   . THR A 1 38 ? -9.28973  12.59983  -3.00122  1.000 33.38994  ? 38  THR A CB   1 
ATOM   398  O  OG1  . THR A 1 38 ? -10.08491 11.45766  -2.65686  1.000 34.60869  ? 38  THR A OG1  1 
ATOM   399  C  CG2  . THR A 1 38 ? -9.49599  12.93044  -4.47499  1.000 43.19441  ? 38  THR A CG2  1 
ATOM   400  H  H    . THR A 1 38 ? -8.37246  11.95237  -0.83742  1.000 36.45479  ? 38  THR A H    1 
ATOM   401  H  HA   . THR A 1 38 ? -7.54412  11.55551  -3.25063  1.000 43.69534  ? 38  THR A HA   1 
ATOM   402  H  HB   . THR A 1 38 ? -9.57407  13.36520  -2.47753  1.000 40.07691  ? 38  THR A HB   1 
ATOM   403  H  HG1  . THR A 1 38 ? -10.02709 11.30523  -1.83284  1.000 41.53940  ? 38  THR A HG1  1 
ATOM   404  H  HG21 . THR A 1 38 ? -10.32546 13.41942  -4.59238  1.000 51.84226  ? 38  THR A HG21 1 
ATOM   405  H  HG22 . THR A 1 38 ? -8.76124  13.47460  -4.79891  1.000 51.84226  ? 38  THR A HG22 1 
ATOM   406  H  HG23 . THR A 1 38 ? -9.53594  12.11315  -4.99591  1.000 51.84226  ? 38  THR A HG23 1 
ATOM   407  N  N    . ALA A 1 39 ? -6.91554  14.52635  -2.21423  1.000 35.08615  ? 39  ALA A N    1 
ATOM   408  C  CA   . ALA A 1 39 ? -6.11796  15.71412  -2.50442  1.000 38.40675  ? 39  ALA A CA   1 
ATOM   409  C  C    . ALA A 1 39 ? -4.63186  15.38522  -2.54068  1.000 30.76081  ? 39  ALA A C    1 
ATOM   410  O  O    . ALA A 1 39 ? -3.90775  15.84569  -3.43202  1.000 38.07568  ? 39  ALA A O    1 
ATOM   411  C  CB   . ALA A 1 39 ? -6.40218  16.79850  -1.46457  1.000 35.93316  ? 39  ALA A CB   1 
ATOM   412  H  H    . ALA A 1 39 ? -7.33874  14.55344  -1.46607  1.000 42.11235  ? 39  ALA A H    1 
ATOM   413  H  HA   . ALA A 1 39 ? -6.37037  16.05678  -3.37606  1.000 46.09707  ? 39  ALA A HA   1 
ATOM   414  H  HB1  . ALA A 1 39 ? -5.71310  17.47882  -1.52131  1.000 43.12877  ? 39  ALA A HB1  1 
ATOM   415  H  HB2  . ALA A 1 39 ? -7.27031  17.19099  -1.64679  1.000 43.12877  ? 39  ALA A HB2  1 
ATOM   416  H  HB3  . ALA A 1 39 ? -6.39925  16.39757  -0.58131  1.000 43.12877  ? 39  ALA A HB3  1 
ATOM   417  N  N    . LEU A 1 40 ? -4.15684  14.59665  -1.57500  1.000 35.63313  ? 40  LEU A N    1 
ATOM   418  C  CA   . LEU A 1 40 ? -2.74667  14.22361  -1.55938  1.000 31.41700  ? 40  LEU A CA   1 
ATOM   419  C  C    . LEU A 1 40 ? -2.36260  13.48450  -2.83387  1.000 30.81379  ? 40  LEU A C    1 
ATOM   420  O  O    . LEU A 1 40 ? -1.30266  13.74359  -3.41324  1.000 28.36914  ? 40  LEU A O    1 
ATOM   421  C  CB   . LEU A 1 40 ? -2.44696  13.36894  -0.32882  1.000 35.75452  ? 40  LEU A CB   1 
ATOM   422  C  CG   . LEU A 1 40 ? -1.02993  12.81190  -0.19109  1.000 38.31258  ? 40  LEU A CG   1 
ATOM   423  C  CD1  . LEU A 1 40 ? 0.00313   13.91467  -0.30915  1.000 42.08687  ? 40  LEU A CD1  1 
ATOM   424  C  CD2  . LEU A 1 40 ? -0.88919  12.08089  1.13908   1.000 35.05729  ? 40  LEU A CD2  1 
ATOM   425  H  H    . LEU A 1 40 ? -4.62270  14.27090  -0.92967  1.000 42.76873  ? 40  LEU A H    1 
ATOM   426  H  HA   . LEU A 1 40 ? -2.20718  15.02783  -1.50401  1.000 37.70937  ? 40  LEU A HA   1 
ATOM   427  H  HB2  . LEU A 1 40 ? -2.61416  13.91129  0.45783   1.000 42.91439  ? 40  LEU A HB2  1 
ATOM   428  H  HB3  . LEU A 1 40 ? -3.04871  12.60824  -0.34135  1.000 42.91439  ? 40  LEU A HB3  1 
ATOM   429  H  HG   . LEU A 1 40 ? -0.86397  12.18238  -0.91016  1.000 45.98407  ? 40  LEU A HG   1 
ATOM   430  H  HD11 . LEU A 1 40 ? 0.88051   13.54711  -0.11942  1.000 50.51321  ? 40  LEU A HD11 1 
ATOM   431  H  HD12 . LEU A 1 40 ? -0.01794  14.27192  -1.21071  1.000 50.51321  ? 40  LEU A HD12 1 
ATOM   432  H  HD13 . LEU A 1 40 ? -0.20745  14.61429  0.32889   1.000 50.51321  ? 40  LEU A HD13 1 
ATOM   433  H  HD21 . LEU A 1 40 ? -0.04592  11.60160  1.14836   1.000 42.07772  ? 40  LEU A HD21 1 
ATOM   434  H  HD22 . LEU A 1 40 ? -0.90872  12.72990  1.85971   1.000 42.07772  ? 40  LEU A HD22 1 
ATOM   435  H  HD23 . LEU A 1 40 ? -1.62544  11.45683  1.23592   1.000 42.07772  ? 40  LEU A HD23 1 
ATOM   436  N  N    . LEU A 1 41 ? -3.21528  12.56489  -3.29192  1.000 28.50217  ? 41  LEU A N    1 
ATOM   437  C  CA   . LEU A 1 41 ? -2.92756  11.87015  -4.54238  1.000 34.31715  ? 41  LEU A CA   1 
ATOM   438  C  C    . LEU A 1 41 ? -2.94085  12.83680  -5.71845  1.000 29.92971  ? 41  LEU A C    1 
ATOM   439  O  O    . LEU A 1 41 ? -2.09690  12.74330  -6.61850  1.000 32.77760  ? 41  LEU A O    1 
ATOM   440  C  CB   . LEU A 1 41 ? -3.93261  10.73620  -4.75405  1.000 33.44796  ? 41  LEU A CB   1 
ATOM   441  C  CG   . LEU A 1 41 ? -3.50323  9.38559   -4.17086  1.000 41.23040  ? 41  LEU A CG   1 
ATOM   442  C  CD1  . LEU A 1 41 ? -3.19444  9.51094   -2.68353  1.000 41.95206  ? 41  LEU A CD1  1 
ATOM   443  C  CD2  . LEU A 1 41 ? -4.56932  8.32783   -4.41040  1.000 37.87828  ? 41  LEU A CD2  1 
ATOM   444  H  H    . LEU A 1 41 ? -3.94793  12.33202  -2.90642  1.000 34.21157  ? 41  LEU A H    1 
ATOM   445  H  HA   . LEU A 1 41 ? -2.04317  11.47504  -4.49099  1.000 41.18955  ? 41  LEU A HA   1 
ATOM   446  H  HB2  . LEU A 1 41 ? -4.77020  10.98456  -4.33254  1.000 40.14652  ? 41  LEU A HB2  1 
ATOM   447  H  HB3  . LEU A 1 41 ? -4.06406  10.61535  -5.70748  1.000 40.14652  ? 41  LEU A HB3  1 
ATOM   448  H  HG   . LEU A 1 41 ? -2.69318  9.09848   -4.62061  1.000 49.48545  ? 41  LEU A HG   1 
ATOM   449  H  HD11 . LEU A 1 41 ? -3.02309  8.62769   -2.32104  1.000 50.35145  ? 41  LEU A HD11 1 
ATOM   450  H  HD12 . LEU A 1 41 ? -2.41192  10.07273  -2.56971  1.000 50.35145  ? 41  LEU A HD12 1 
ATOM   451  H  HD13 . LEU A 1 41 ? -3.95638  9.91032   -2.23537  1.000 50.35145  ? 41  LEU A HD13 1 
ATOM   452  H  HD21 . LEU A 1 41 ? -4.27323  7.48817   -4.02542  1.000 45.46291  ? 41  LEU A HD21 1 
ATOM   453  H  HD22 . LEU A 1 41 ? -5.39588  8.61151   -3.98941  1.000 45.46291  ? 41  LEU A HD22 1 
ATOM   454  H  HD23 . LEU A 1 41 ? -4.70301  8.22485   -5.36561  1.000 45.46291  ? 41  LEU A HD23 1 
ATOM   455  N  N    . GLY A 1 42 ? -3.88458  13.77992  -5.73351  1.000 33.51914  ? 42  GLY A N    1 
ATOM   456  C  CA   . GLY A 1 42 ? -3.86184  14.80733  -6.75993  1.000 35.94926  ? 42  GLY A CA   1 
ATOM   457  C  C    . GLY A 1 42 ? -2.56496  15.59145  -6.75149  1.000 34.85954  ? 42  GLY A C    1 
ATOM   458  O  O    . GLY A 1 42 ? -1.97768  15.85502  -7.80424  1.000 33.36745  ? 42  GLY A O    1 
ATOM   459  H  H    . GLY A 1 42 ? -4.53265  13.84232  -5.17163  1.000 40.23194  ? 42  GLY A H    1 
ATOM   460  H  HA2  . GLY A 1 42 ? -3.96550  14.39449  -7.63154  1.000 43.14808  ? 42  GLY A HA2  1 
ATOM   461  H  HA3  . GLY A 1 42 ? -4.59526  15.42512  -6.61385  1.000 43.14808  ? 42  GLY A HA3  1 
ATOM   462  N  N    . LEU A 1 43 ? -2.09520  15.96331  -5.55818  1.000 32.88001  ? 43  LEU A N    1 
ATOM   463  C  CA   . LEU A 1 43 ? -0.82294  16.66629  -5.43364  1.000 39.19120  ? 43  LEU A CA   1 
ATOM   464  C  C    . LEU A 1 43 ? 0.31573   15.86580  -6.05104  1.000 37.97655  ? 43  LEU A C    1 
ATOM   465  O  O    . LEU A 1 43 ? 1.21064   16.43551  -6.68532  1.000 39.29959  ? 43  LEU A O    1 
ATOM   466  C  CB   . LEU A 1 43 ? -0.54530  16.94961  -3.95743  1.000 43.00308  ? 43  LEU A CB   1 
ATOM   467  C  CG   . LEU A 1 43 ? 0.65139   17.80808  -3.55530  1.000 42.60700  ? 43  LEU A CG   1 
ATOM   468  C  CD1  . LEU A 1 43 ? 0.37802   18.44754  -2.19417  1.000 43.73208  ? 43  LEU A CD1  1 
ATOM   469  C  CD2  . LEU A 1 43 ? 1.92433   16.99427  -3.50916  1.000 39.27584  ? 43  LEU A CD2  1 
ATOM   470  H  H    . LEU A 1 43 ? -2.49347  15.82036  -4.80950  1.000 39.46499  ? 43  LEU A H    1 
ATOM   471  H  HA   . LEU A 1 43 ? -0.87666  17.51198  -5.90569  1.000 47.03842  ? 43  LEU A HA   1 
ATOM   472  H  HB2  . LEU A 1 43 ? -1.32897  17.39498  -3.59909  1.000 51.61267  ? 43  LEU A HB2  1 
ATOM   473  H  HB3  . LEU A 1 43 ? -0.42148  16.09283  -3.51984  1.000 51.61267  ? 43  LEU A HB3  1 
ATOM   474  H  HG   . LEU A 1 43 ? 0.78147   18.50434  -4.21802  1.000 51.13738  ? 43  LEU A HG   1 
ATOM   475  H  HD11 . LEU A 1 43 ? 1.16317   18.94411  -1.91513  1.000 52.48747  ? 43  LEU A HD11 1 
ATOM   476  H  HD12 . LEU A 1 43 ? -0.38114  19.04615  -2.27324  1.000 52.48747  ? 43  LEU A HD12 1 
ATOM   477  H  HD13 . LEU A 1 43 ? 0.18258   17.74870  -1.55047  1.000 52.48747  ? 43  LEU A HD13 1 
ATOM   478  H  HD21 . LEU A 1 43 ? 2.62852   17.53160  -3.11383  1.000 47.13998  ? 43  LEU A HD21 1 
ATOM   479  H  HD22 . LEU A 1 43 ? 1.77262   16.20086  -2.97213  1.000 47.13998  ? 43  LEU A HD22 1 
ATOM   480  H  HD23 . LEU A 1 43 ? 2.16969   16.74026  -4.41257  1.000 47.13998  ? 43  LEU A HD23 1 
ATOM   481  N  N    . LEU A 1 44 ? 0.30396   14.54543  -5.87349  1.000 37.63698  ? 44  LEU A N    1 
ATOM   482  C  CA   . LEU A 1 44 ? 1.34139   13.69014  -6.43693  1.000 35.46128  ? 44  LEU A CA   1 
ATOM   483  C  C    . LEU A 1 44 ? 1.08144   13.32009  -7.89339  1.000 34.76484  ? 44  LEU A C    1 
ATOM   484  O  O    . LEU A 1 44 ? 1.84763   12.53375  -8.45977  1.000 37.47586  ? 44  LEU A O    1 
ATOM   485  C  CB   . LEU A 1 44 ? 1.47794   12.41180  -5.60486  1.000 34.48868  ? 44  LEU A CB   1 
ATOM   486  C  CG   . LEU A 1 44 ? 1.60733   12.58146  -4.09011  1.000 42.84710  ? 44  LEU A CG   1 
ATOM   487  C  CD1  . LEU A 1 44 ? 1.80347   11.22938  -3.41248  1.000 40.21652  ? 44  LEU A CD1  1 
ATOM   488  C  CD2  . LEU A 1 44 ? 2.75256   13.51917  -3.74501  1.000 43.55210  ? 44  LEU A CD2  1 
ATOM   489  H  H    . LEU A 1 44 ? -0.29745  14.12132  -5.42848  1.000 45.17335  ? 44  LEU A H    1 
ATOM   490  H  HA   . LEU A 1 44 ? 2.18538   14.16653  -6.39657  1.000 42.56251  ? 44  LEU A HA   1 
ATOM   491  H  HB2  . LEU A 1 44 ? 0.69088   11.86723  -5.76258  1.000 41.39538  ? 44  LEU A HB2  1 
ATOM   492  H  HB3  . LEU A 1 44 ? 2.27174   11.94270  -5.90607  1.000 41.39538  ? 44  LEU A HB3  1 
ATOM   493  H  HG   . LEU A 1 44 ? 0.78750   12.97419  -3.75164  1.000 51.42549  ? 44  LEU A HG   1 
ATOM   494  H  HD11 . LEU A 1 44 ? 1.86973   11.36314  -2.45402  1.000 48.26880  ? 44  LEU A HD11 1 
ATOM   495  H  HD12 . LEU A 1 44 ? 1.04389   10.66127  -3.61544  1.000 48.26880  ? 44  LEU A HD12 1 
ATOM   496  H  HD13 . LEU A 1 44 ? 2.61863   10.82377  -3.74699  1.000 48.26880  ? 44  LEU A HD13 1 
ATOM   497  H  HD21 . LEU A 1 44 ? 2.80368   13.61382  -2.78099  1.000 52.27149  ? 44  LEU A HD21 1 
ATOM   498  H  HD22 . LEU A 1 44 ? 3.58043   13.14508  -4.08501  1.000 52.27149  ? 44  LEU A HD22 1 
ATOM   499  H  HD23 . LEU A 1 44 ? 2.58747   14.38314  -4.15391  1.000 52.27149  ? 44  LEU A HD23 1 
ATOM   500  N  N    . ASN A 1 45 ? 0.02318   13.85527  -8.50344  1.000 37.68690  ? 45  ASN A N    1 
ATOM   501  C  CA   . ASN A 1 45 ? -0.29541  13.60958  -9.91144  1.000 37.06150  ? 45  ASN A CA   1 
ATOM   502  C  C    . ASN A 1 45 ? -0.53730  12.12966  -10.19522 1.000 35.80181  ? 45  ASN A C    1 
ATOM   503  O  O    . ASN A 1 45 ? -0.26345  11.64392  -11.29643 1.000 35.29407  ? 45  ASN A O    1 
ATOM   504  C  CB   . ASN A 1 45 ? 0.80111   14.15522  -10.82802 1.000 35.59474  ? 45  ASN A CB   1 
ATOM   505  C  CG   . ASN A 1 45 ? 0.91328   15.66616  -10.76453 1.000 49.07555  ? 45  ASN A CG   1 
ATOM   506  O  OD1  . ASN A 1 45 ? 1.99915   16.21192  -10.57012 1.000 66.14185  ? 45  ASN A OD1  1 
ATOM   507  N  ND2  . ASN A 1 45 ? -0.21419  16.35118  -10.92354 1.000 57.65657  ? 45  ASN A ND2  1 
ATOM   508  H  H    . ASN A 1 45 ? -0.53899  14.37666  -8.11394  1.000 45.23326  ? 45  ASN A H    1 
ATOM   509  H  HA   . ASN A 1 45 ? -1.12046  14.07678  -10.11616 1.000 44.48277  ? 45  ASN A HA   1 
ATOM   510  H  HB2  . ASN A 1 45 ? 1.65413   13.77871  -10.56063 1.000 42.72266  ? 45  ASN A HB2  1 
ATOM   511  H  HB3  . ASN A 1 45 ? 0.60126   13.90660  -11.74407 1.000 42.72266  ? 45  ASN A HB3  1 
ATOM   512  H  HD21 . ASN A 1 45 ? -0.95538  15.93504  -11.05423 1.000 69.19686  ? 45  ASN A HD21 1 
ATOM   513  H  HD22 . ASN A 1 45 ? -0.20270  17.21065  -10.89577 1.000 69.19686  ? 45  ASN A HD22 1 
ATOM   514  N  N    . ILE A 1 46 ? -1.05574  11.40536  -9.21326  1.000 35.64822  ? 46  ILE A N    1 
ATOM   515  C  CA   . ILE A 1 46 ? -1.50785  10.03477  -9.41304  1.000 34.65068  ? 46  ILE A CA   1 
ATOM   516  C  C    . ILE A 1 46 ? -2.94414  10.08521  -9.90470  1.000 38.84465  ? 46  ILE A C    1 
ATOM   517  O  O    . ILE A 1 46 ? -3.76719  10.83931  -9.37496  1.000 41.05347  ? 46  ILE A O    1 
ATOM   518  C  CB   . ILE A 1 46 ? -1.38764  9.21974   -8.11238  1.000 41.90074  ? 46  ILE A CB   1 
ATOM   519  C  CG1  . ILE A 1 46 ? 0.04086   9.30115   -7.57138  1.000 40.64478  ? 46  ILE A CG1  1 
ATOM   520  C  CG2  . ILE A 1 46 ? -1.77252  7.77077   -8.35674  1.000 43.77747  ? 46  ILE A CG2  1 
ATOM   521  C  CD1  . ILE A 1 46 ? 0.19624   8.78103   -6.15613  1.000 37.55170  ? 46  ILE A CD1  1 
ATOM   522  H  H    . ILE A 1 46 ? -1.15822  11.68978  -8.40814  1.000 42.78683  ? 46  ILE A H    1 
ATOM   523  H  HA   . ILE A 1 46 ? -0.96199  9.60014   -10.08686 1.000 41.58979  ? 46  ILE A HA   1 
ATOM   524  H  HB   . ILE A 1 46 ? -1.99504  9.59665   -7.45672  1.000 50.28986  ? 46  ILE A HB   1 
ATOM   525  H  HG12 . ILE A 1 46 ? 0.62048   8.77492   -8.14411  1.000 48.78271  ? 46  ILE A HG12 1 
ATOM   526  H  HG13 . ILE A 1 46 ? 0.32279   10.22926  -7.57693  1.000 48.78271  ? 46  ILE A HG13 1 
ATOM   527  H  HG21 . ILE A 1 46 ? -1.66911  7.27293   -7.53068  1.000 52.54194  ? 46  ILE A HG21 1 
ATOM   528  H  HG22 . ILE A 1 46 ? -2.69602  7.73470   -8.65128  1.000 52.54194  ? 46  ILE A HG22 1 
ATOM   529  H  HG23 . ILE A 1 46 ? -1.19251  7.40098   -9.04064  1.000 52.54194  ? 46  ILE A HG23 1 
ATOM   530  H  HD11 . ILE A 1 46 ? 1.09883   8.96210   -5.85045  1.000 45.07101  ? 46  ILE A HD11 1 
ATOM   531  H  HD12 . ILE A 1 46 ? -0.44375  9.23064   -5.58240  1.000 45.07101  ? 46  ILE A HD12 1 
ATOM   532  H  HD13 . ILE A 1 46 ? 0.03075   7.82526   -6.15099  1.000 45.07101  ? 46  ILE A HD13 1 
ATOM   533  N  N    . LYS A 1 47 ? -3.24896  9.29732   -10.93369 1.000 39.30797  ? 47  LYS A N    1 
ATOM   534  C  CA   . LYS A 1 47 ? -4.55602  9.33737   -11.57990 1.000 40.08988  ? 47  LYS A CA   1 
ATOM   535  C  C    . LYS A 1 47 ? -5.46667  8.32784   -10.88883 1.000 40.38538  ? 47  LYS A C    1 
ATOM   536  O  O    . LYS A 1 47 ? -5.28236  7.11337   -11.02451 1.000 39.47048  ? 47  LYS A O    1 
ATOM   537  C  CB   . LYS A 1 47 ? -4.41342  9.06188   -13.07467 1.000 53.45500  ? 47  LYS A CB   1 
ATOM   538  C  CG   . LYS A 1 47 ? -3.37656  9.95837   -13.76167 1.000 53.83458  ? 47  LYS A CG   1 
ATOM   539  C  CD   . LYS A 1 47 ? -3.91678  11.36380  -14.03587 1.000 45.70406  ? 47  LYS A CD   1 
ATOM   540  C  CE   . LYS A 1 47 ? -2.84573  12.27047  -14.64177 1.000 49.41086  ? 47  LYS A CE   1 
ATOM   541  N  NZ   . LYS A 1 47 ? -2.46038  13.39380  -13.73718 1.000 58.65288  ? 47  LYS A NZ   1 
ATOM   542  H  H    . LYS A 1 47 ? -2.70802  8.72473   -11.27882 1.000 47.17854  ? 47  LYS A H    1 
ATOM   543  H  HA   . LYS A 1 47 ? -4.95630  10.21492  -11.47704 1.000 48.11683  ? 47  LYS A HA   1 
ATOM   544  H  HB2  . LYS A 1 47 ? -4.13877  8.13987   -13.19857 1.000 64.15497  ? 47  LYS A HB2  1 
ATOM   545  H  HB3  . LYS A 1 47 ? -5.26972  9.21357   -13.50435 1.000 64.15497  ? 47  LYS A HB3  1 
ATOM   546  H  HG2  . LYS A 1 47 ? -2.59774  10.04085  -13.18936 1.000 64.61047  ? 47  LYS A HG2  1 
ATOM   547  H  HG3  . LYS A 1 47 ? -3.12434  9.56127   -14.60996 1.000 64.61047  ? 47  LYS A HG3  1 
ATOM   548  H  HD2  . LYS A 1 47 ? -4.65650  11.30695  -14.66074 1.000 54.85385  ? 47  LYS A HD2  1 
ATOM   549  H  HD3  . LYS A 1 47 ? -4.21590  11.76073  -13.20288 1.000 54.85385  ? 47  LYS A HD3  1 
ATOM   550  H  HE2  . LYS A 1 47 ? -2.05085  11.74444  -14.82168 1.000 59.30201  ? 47  LYS A HE2  1 
ATOM   551  H  HE3  . LYS A 1 47 ? -3.18439  12.65255  -15.46652 1.000 59.30201  ? 47  LYS A HE3  1 
ATOM   552  H  HZ1  . LYS A 1 47 ? -1.83486  13.89512  -14.12382 1.000 70.39243  ? 47  LYS A HZ1  1 
ATOM   553  H  HZ2  . LYS A 1 47 ? -3.17033  13.90140  -13.56274 1.000 70.39243  ? 47  LYS A HZ2  1 
ATOM   554  H  HZ3  . LYS A 1 47 ? -2.14025  13.07203  -12.97162 1.000 70.39243  ? 47  LYS A HZ3  1 
ATOM   555  N  N    . ILE A 1 48 ? -6.45443  8.83887   -10.15034 1.000 36.94295  ? 48  ILE A N    1 
ATOM   556  C  CA   . ILE A 1 48 ? -7.23113  8.00101   -9.24029  1.000 37.62043  ? 48  ILE A CA   1 
ATOM   557  C  C    . ILE A 1 48 ? -8.07950  6.99620   -10.01074 1.000 38.85516  ? 48  ILE A C    1 
ATOM   558  O  O    . ILE A 1 48 ? -8.28731  5.86543   -9.55603  1.000 36.04260  ? 48  ILE A O    1 
ATOM   559  C  CB   . ILE A 1 48 ? -8.09221  8.88737   -8.32121  1.000 39.36855  ? 48  ILE A CB   1 
ATOM   560  C  CG1  . ILE A 1 48 ? -7.19040  9.84048   -7.52867  1.000 50.18035  ? 48  ILE A CG1  1 
ATOM   561  C  CG2  . ILE A 1 48 ? -8.94362  8.03658   -7.38947  1.000 41.85875  ? 48  ILE A CG2  1 
ATOM   562  C  CD1  . ILE A 1 48 ? -7.85191  10.48888  -6.33307  1.000 43.64703  ? 48  ILE A CD1  1 
ATOM   563  H  H    . ILE A 1 48 ? -6.69337  9.66498   -10.15837 1.000 44.34051  ? 48  ILE A H    1 
ATOM   564  H  HA   . ILE A 1 48 ? -6.61496  7.49447   -8.68833  1.000 45.15349  ? 48  ILE A HA   1 
ATOM   565  H  HB   . ILE A 1 48 ? -8.69433  9.41342   -8.87042  1.000 47.25123  ? 48  ILE A HB   1 
ATOM   566  H  HG12 . ILE A 1 48 ? -6.42468  9.34148   -7.20375  1.000 60.22539  ? 48  ILE A HG12 1 
ATOM   567  H  HG13 . ILE A 1 48 ? -6.89672  10.55056  -8.12065  1.000 60.22539  ? 48  ILE A HG13 1 
ATOM   568  H  HG21 . ILE A 1 48 ? -9.55020  8.61426   -6.90034  1.000 50.23947  ? 48  ILE A HG21 1 
ATOM   569  H  HG22 . ILE A 1 48 ? -9.44831  7.39835   -7.91753  1.000 50.23947  ? 48  ILE A HG22 1 
ATOM   570  H  HG23 . ILE A 1 48 ? -8.36229  7.56757   -6.77061  1.000 50.23947  ? 48  ILE A HG23 1 
ATOM   571  H  HD11 . ILE A 1 48 ? -7.31754  11.24696  -6.04904  1.000 52.38541  ? 48  ILE A HD11 1 
ATOM   572  H  HD12 . ILE A 1 48 ? -8.73981  10.78634  -6.58616  1.000 52.38541  ? 48  ILE A HD12 1 
ATOM   573  H  HD13 . ILE A 1 48 ? -7.91276  9.83952   -5.61508  1.000 52.38541  ? 48  ILE A HD13 1 
ATOM   574  N  N    . GLY A 1 49 ? -8.59970  7.38924   -11.17363 1.000 38.60080  ? 49  GLY A N    1 
ATOM   575  C  CA   . GLY A 1 49 ? -9.45484  6.48905   -11.92684 1.000 39.70744  ? 49  GLY A CA   1 
ATOM   576  C  C    . GLY A 1 49 ? -8.75274  5.23442   -12.40332 1.000 42.64980  ? 49  GLY A C    1 
ATOM   577  O  O    . GLY A 1 49 ? -9.41818  4.23764   -12.70804 1.000 48.96626  ? 49  GLY A O    1 
ATOM   578  H  H    . GLY A 1 49 ? -8.47259  8.15808   -11.53740 1.000 46.32993  ? 49  GLY A H    1 
ATOM   579  H  HA2  . GLY A 1 49 ? -10.20078 6.22139   -11.36754 1.000 47.65790  ? 49  GLY A HA2  1 
ATOM   580  H  HA3  . GLY A 1 49 ? -9.79572  6.95622   -12.70560 1.000 47.65790  ? 49  GLY A HA3  1 
ATOM   581  N  N    . ASP A 1 50 ? -7.42755  5.26949   -12.50015 1.000 37.43605  ? 50  ASP A N    1 
ATOM   582  C  CA   . ASP A 1 50 ? -6.64530  4.11737   -12.92213 1.000 38.98487  ? 50  ASP A CA   1 
ATOM   583  C  C    . ASP A 1 50 ? -6.29320  3.19219   -11.76730 1.000 46.75634  ? 50  ASP A C    1 
ATOM   584  O  O    . ASP A 1 50 ? -5.66750  2.15123   -11.99508 1.000 50.68314  ? 50  ASP A O    1 
ATOM   585  C  CB   . ASP A 1 50 ? -5.35564  4.57732   -13.61019 1.000 44.83557  ? 50  ASP A CB   1 
ATOM   586  C  CG   . ASP A 1 50 ? -5.61572  5.30483   -14.91411 1.000 56.34871  ? 50  ASP A CG   1 
ATOM   587  O  OD1  . ASP A 1 50 ? -6.66220  5.04569   -15.54523 1.000 59.33396  ? 50  ASP A OD1  1 
ATOM   588  O  OD2  . ASP A 1 50 ? -4.77098  6.13609   -15.30843 1.000 54.89593  ? 50  ASP A OD2  1 
ATOM   589  H  H    . ASP A 1 50 ? -6.95134  5.96335   -12.32303 1.000 44.93223  ? 50  ASP A H    1 
ATOM   590  H  HA   . ASP A 1 50 ? -7.16518  3.61233   -13.56677 1.000 46.79082  ? 50  ASP A HA   1 
ATOM   591  H  HB2  . ASP A 1 50 ? -4.87993  5.18160   -13.01904 1.000 53.81166  ? 50  ASP A HB2  1 
ATOM   592  H  HB3  . ASP A 1 50 ? -4.80636  3.80160   -13.80365 1.000 53.81166  ? 50  ASP A HB3  1 
ATOM   593  N  N    . LEU A 1 51 ? -6.67258  3.53999   -10.54325 1.000 35.85664  ? 51  LEU A N    1 
ATOM   594  C  CA   . LEU A 1 51 ? -6.29736  2.75541   -9.37893  1.000 44.80601  ? 51  LEU A CA   1 
ATOM   595  C  C    . LEU A 1 51 ? -7.31526  1.65567   -9.11271  1.000 38.25037  ? 51  LEU A C    1 
ATOM   596  O  O    . LEU A 1 51 ? -8.51329  1.80719   -9.36727  1.000 44.35395  ? 51  LEU A O    1 
ATOM   597  C  CB   . LEU A 1 51 ? -6.17314  3.64492   -8.14103  1.000 33.57141  ? 51  LEU A CB   1 
ATOM   598  C  CG   . LEU A 1 51 ? -5.01871  4.64539   -8.09077  1.000 35.51425  ? 51  LEU A CG   1 
ATOM   599  C  CD1  . LEU A 1 51 ? -4.72749  5.02194   -6.63417  1.000 34.51908  ? 51  LEU A CD1  1 
ATOM   600  C  CD2  . LEU A 1 51 ? -3.76400  4.12236   -8.76177  1.000 43.39363  ? 51  LEU A CD2  1 
ATOM   601  H  H    . LEU A 1 51 ? -7.15099  4.23126   -10.36198 1.000 43.03694  ? 51  LEU A H    1 
ATOM   602  H  HA   . LEU A 1 51 ? -5.43724  2.33948   -9.54655  1.000 53.77619  ? 51  LEU A HA   1 
ATOM   603  H  HB2  . LEU A 1 51 ? -6.99169  4.15976   -8.06472  1.000 40.29467  ? 51  LEU A HB2  1 
ATOM   604  H  HB3  . LEU A 1 51 ? -6.07300  3.06480   -7.37011  1.000 40.29467  ? 51  LEU A HB3  1 
ATOM   605  H  HG   . LEU A 1 51 ? -5.28382  5.43694   -8.58481  1.000 42.62608  ? 51  LEU A HG   1 
ATOM   606  H  HD11 . LEU A 1 51 ? -3.99427  5.65660   -6.61259  1.000 41.43186  ? 51  LEU A HD11 1 
ATOM   607  H  HD12 . LEU A 1 51 ? -5.52194  5.42103   -6.24627  1.000 41.43186  ? 51  LEU A HD12 1 
ATOM   608  H  HD13 . LEU A 1 51 ? -4.48623  4.22096   -6.14311  1.000 41.43186  ? 51  LEU A HD13 1 
ATOM   609  H  HD21 . LEU A 1 51 ? -3.06183  4.78655   -8.67996  1.000 52.08133  ? 51  LEU A HD21 1 
ATOM   610  H  HD22 . LEU A 1 51 ? -3.49287  3.29902   -8.32646  1.000 52.08133  ? 51  LEU A HD22 1 
ATOM   611  H  HD23 . LEU A 1 51 ? -3.95318  3.95464   -9.69824  1.000 52.08133  ? 51  LEU A HD23 1 
ATOM   612  N  N    . LYS A 1 52 ? -6.81630  0.53839   -8.59381  1.000 42.82076  ? 52  LYS A N    1 
ATOM   613  C  CA   . LYS A 1 52 ? -7.64077  -0.57278  -8.15151  1.000 45.64762  ? 52  LYS A CA   1 
ATOM   614  C  C    . LYS A 1 52 ? -7.22296  -0.95399  -6.73799  1.000 32.31815  ? 52  LYS A C    1 
ATOM   615  O  O    . LYS A 1 52 ? -6.10832  -0.65619  -6.29995  1.000 32.10685  ? 52  LYS A O    1 
ATOM   616  C  CB   . LYS A 1 52 ? -7.50681  -1.77864  -9.09081  1.000 47.95820  ? 52  LYS A CB   1 
ATOM   617  C  CG   . LYS A 1 52 ? -7.78886  -1.45093  -10.54652 1.000 50.92212  ? 52  LYS A CG   1 
ATOM   618  C  CD   . LYS A 1 52 ? -7.68432  -2.68262  -11.43377 1.000 53.72079  ? 52  LYS A CD   1 
ATOM   619  C  CE   . LYS A 1 52 ? -7.71353  -2.29253  -12.90604 1.000 81.11610  ? 52  LYS A CE   1 
ATOM   620  N  NZ   . LYS A 1 52 ? -7.68691  -3.47184  -13.81596 1.000 79.13475  ? 52  LYS A NZ   1 
ATOM   621  H  H    . LYS A 1 52 ? -5.97467  0.39872   -8.48543  1.000 51.39389  ? 52  LYS A H    1 
ATOM   622  H  HA   . LYS A 1 52 ? -8.57488  -0.31176  -8.13760  1.000 54.78612  ? 52  LYS A HA   1 
ATOM   623  H  HB2  . LYS A 1 52 ? -6.60055  -2.11971  -9.03375  1.000 57.55881  ? 52  LYS A HB2  1 
ATOM   624  H  HB3  . LYS A 1 52 ? -8.13662  -2.46213  -8.81321  1.000 57.55881  ? 52  LYS A HB3  1 
ATOM   625  H  HG2  . LYS A 1 52 ? -8.68761  -1.09486  -10.62616 1.000 61.11551  ? 52  LYS A HG2  1 
ATOM   626  H  HG3  . LYS A 1 52 ? -7.14401  -0.79674  -10.85813 1.000 61.11551  ? 52  LYS A HG3  1 
ATOM   627  H  HD2  . LYS A 1 52 ? -6.84914  -3.14185  -11.25351 1.000 64.47392  ? 52  LYS A HD2  1 
ATOM   628  H  HD3  . LYS A 1 52 ? -8.43281  -3.27374  -11.25703 1.000 64.47392  ? 52  LYS A HD3  1 
ATOM   629  H  HE2  . LYS A 1 52 ? -8.52629  -1.79427  -13.08507 1.000 97.34829  ? 52  LYS A HE2  1 
ATOM   630  H  HE3  . LYS A 1 52 ? -6.93802  -1.74431  -13.10336 1.000 97.34829  ? 52  LYS A HE3  1 
ATOM   631  H  HZ1  . LYS A 1 52 ? -7.70270  -3.20238  -14.66405 1.000 94.97067  ? 52  LYS A HZ1  1 
ATOM   632  H  HZ2  . LYS A 1 52 ? -6.94694  -3.94655  -13.67745 1.000 94.97067  ? 52  LYS A HZ2  1 
ATOM   633  H  HZ3  . LYS A 1 52 ? -8.39480  -3.98949  -13.66415 1.000 94.97067  ? 52  LYS A HZ3  1 
ATOM   634  N  N    . ASP A 1 53 ? -8.13792  -1.60837  -6.02051  1.000 27.31467  ? 53  ASP A N    1 
ATOM   635  C  CA   . ASP A 1 53 ? -7.84143  -2.12722  -4.69201  1.000 25.68606  ? 53  ASP A CA   1 
ATOM   636  C  C    . ASP A 1 53 ? -7.59016  -0.97483  -3.72513  1.000 27.33354  ? 53  ASP A C    1 
ATOM   637  O  O    . ASP A 1 53 ? -8.30995  0.02828   -3.76803  1.000 30.45460  ? 53  ASP A O    1 
ATOM   638  C  CB   . ASP A 1 53 ? -6.66417  -3.09892  -4.78052  1.000 25.10580  ? 53  ASP A CB   1 
ATOM   639  C  CG   . ASP A 1 53 ? -6.96777  -4.28052  -5.69695  1.000 38.58220  ? 53  ASP A CG   1 
ATOM   640  O  OD1  . ASP A 1 53 ? -8.15483  -4.65927  -5.80145  1.000 40.16467  ? 53  ASP A OD1  1 
ATOM   641  O  OD2  . ASP A 1 53 ? -6.03194  -4.82409  -6.31814  1.000 39.97915  ? 53  ASP A OD2  1 
ATOM   642  H  H    . ASP A 1 53 ? -8.94122  -1.76396  -6.28526  1.000 32.78658  ? 53  ASP A H    1 
ATOM   643  H  HA   . ASP A 1 53 ? -8.59193  -2.62654  -4.33381  1.000 30.83225  ? 53  ASP A HA   1 
ATOM   644  H  HB2  . ASP A 1 53 ? -5.89074  -2.63201  -5.13363  1.000 30.13593  ? 53  ASP A HB2  1 
ATOM   645  H  HB3  . ASP A 1 53 ? -6.46787  -3.44401  -3.89549  1.000 30.13593  ? 53  ASP A HB3  1 
ATOM   646  N  N    . LEU A 1 54 ? -6.60152  -1.09509  -2.84815  1.000 25.73574  ? 54  LEU A N    1 
ATOM   647  C  CA   . LEU A 1 54 ? -6.47918  -0.16681  -1.73205  1.000 24.86973  ? 54  LEU A CA   1 
ATOM   648  C  C    . LEU A 1 54 ? -5.36577  0.85421   -1.94408  1.000 27.23796  ? 54  LEU A C    1 
ATOM   649  O  O    . LEU A 1 54 ? -4.43332  0.65296   -2.72599  1.000 25.60351  ? 54  LEU A O    1 
ATOM   650  C  CB   . LEU A 1 54 ? -6.22027  -0.92169  -0.42799  1.000 19.86744  ? 54  LEU A CB   1 
ATOM   651  C  CG   . LEU A 1 54 ? -7.25448  -1.95232  0.02039   1.000 31.60143  ? 54  LEU A CG   1 
ATOM   652  C  CD1  . LEU A 1 54 ? -6.71790  -2.70679  1.23226   1.000 27.87096  ? 54  LEU A CD1  1 
ATOM   653  C  CD2  . LEU A 1 54 ? -8.58096  -1.29531  0.33676   1.000 33.19313  ? 54  LEU A CD2  1 
ATOM   654  H  H    . LEU A 1 54 ? -5.99340  -1.70244  -2.87851  1.000 30.89186  ? 54  LEU A H    1 
ATOM   655  H  HA   . LEU A 1 54 ? -7.31455  0.32145   -1.66380  1.000 29.85265  ? 54  LEU A HA   1 
ATOM   656  H  HB2  . LEU A 1 54 ? -5.37877  -1.39462  -0.52339  1.000 23.84990  ? 54  LEU A HB2  1 
ATOM   657  H  HB3  . LEU A 1 54 ? -6.15353  -0.26603  0.28373   1.000 23.84990  ? 54  LEU A HB3  1 
ATOM   658  H  HG   . LEU A 1 54 ? -7.41661  -2.58339  -0.69820  1.000 37.93069  ? 54  LEU A HG   1 
ATOM   659  H  HD11 . LEU A 1 54 ? -7.37987  -3.35519  1.51911   1.000 33.45412  ? 54  LEU A HD11 1 
ATOM   660  H  HD12 . LEU A 1 54 ? -5.89692  -3.15989  0.98409   1.000 33.45412  ? 54  LEU A HD12 1 
ATOM   661  H  HD13 . LEU A 1 54 ? -6.54357  -2.07397  1.94645   1.000 33.45412  ? 54  LEU A HD13 1 
ATOM   662  H  HD21 . LEU A 1 54 ? -9.16678  -1.94915  0.74935   1.000 39.84073  ? 54  LEU A HD21 1 
ATOM   663  H  HD22 . LEU A 1 54 ? -8.42974  -0.55571  0.94586   1.000 39.84073  ? 54  LEU A HD22 1 
ATOM   664  H  HD23 . LEU A 1 54 ? -8.97660  -0.96989  -0.48693  1.000 39.84073  ? 54  LEU A HD23 1 
ATOM   665  N  N    . VAL A 1 55 ? -5.48587  1.96463   -1.21878  1.000 29.89165  ? 55  VAL A N    1 
ATOM   666  C  CA   . VAL A 1 55 ? -4.43871  2.97091   -1.09085  1.000 31.54603  ? 55  VAL A CA   1 
ATOM   667  C  C    . VAL A 1 55 ? -3.91096  2.90096   0.33409   1.000 31.35948  ? 55  VAL A C    1 
ATOM   668  O  O    . VAL A 1 55 ? -4.69513  2.86590   1.28880   1.000 29.14812  ? 55  VAL A O    1 
ATOM   669  C  CB   . VAL A 1 55 ? -4.96435  4.38208   -1.41074  1.000 27.19596  ? 55  VAL A CB   1 
ATOM   670  C  CG1  . VAL A 1 55 ? -3.91263  5.43764   -1.08018  1.000 26.36385  ? 55  VAL A CG1  1 
ATOM   671  C  CG2  . VAL A 1 55 ? -5.38956  4.47361   -2.86959  1.000 28.82890  ? 55  VAL A CG2  1 
ATOM   672  H  H    . VAL A 1 55 ? -6.19480  2.16321   -0.77428  1.000 35.87895  ? 55  VAL A H    1 
ATOM   673  H  HA   . VAL A 1 55 ? -3.71732  2.77237   -1.70816  1.000 37.86421  ? 55  VAL A HA   1 
ATOM   674  H  HB   . VAL A 1 55 ? -5.74320  4.55902   -0.86030  1.000 32.64413  ? 55  VAL A HB   1 
ATOM   675  H  HG11 . VAL A 1 55 ? -4.15098  6.26919   -1.51905  1.000 31.64559  ? 55  VAL A HG11 1 
ATOM   676  H  HG12 . VAL A 1 55 ? -3.88588  5.56666   -0.11917  1.000 31.64559  ? 55  VAL A HG12 1 
ATOM   677  H  HG13 . VAL A 1 55 ? -3.04822  5.13226   -1.39711  1.000 31.64559  ? 55  VAL A HG13 1 
ATOM   678  H  HG21 . VAL A 1 55 ? -5.72684  5.36605   -3.04484  1.000 34.60365  ? 55  VAL A HG21 1 
ATOM   679  H  HG22 . VAL A 1 55 ? -4.62171  4.29342   -3.43424  1.000 34.60365  ? 55  VAL A HG22 1 
ATOM   680  H  HG23 . VAL A 1 55 ? -6.08476  3.81836   -3.03763  1.000 34.60365  ? 55  VAL A HG23 1 
ATOM   681  N  N    . GLY A 1 56 ? -2.59311  2.86519   0.47925   1.000 26.11740  ? 56  GLY A N    1 
ATOM   682  C  CA   . GLY A 1 56 ? -1.94785  2.86467   1.78427   1.000 22.35555  ? 56  GLY A CA   1 
ATOM   683  C  C    . GLY A 1 56 ? -1.26919  4.20545   2.02000   1.000 26.38827  ? 56  GLY A C    1 
ATOM   684  O  O    . GLY A 1 56 ? -0.72929  4.80442   1.08899   1.000 28.80292  ? 56  GLY A O    1 
ATOM   685  H  H    . GLY A 1 56 ? -2.03943  2.84026   -0.17832  1.000 31.34985  ? 56  GLY A H    1 
ATOM   686  H  HA2  . GLY A 1 56 ? -2.60677  2.71644   2.48051   1.000 26.83564  ? 56  GLY A HA2  1 
ATOM   687  H  HA3  . GLY A 1 56 ? -1.28156  2.16090   1.82504   1.000 26.83564  ? 56  GLY A HA3  1 
ATOM   688  N  N    . LEU A 1 57 ? -1.32071  4.67420   3.26119   1.000 23.67250  ? 57  LEU A N    1 
ATOM   689  C  CA   . LEU A 1 57 ? -0.66521  5.91053   3.65822   1.000 29.70564  ? 57  LEU A CA   1 
ATOM   690  C  C    . LEU A 1 57 ? 0.31310   5.62658   4.78974   1.000 33.09211  ? 57  LEU A C    1 
ATOM   691  O  O    . LEU A 1 57 ? 0.00574   4.86082   5.71352   1.000 27.29973  ? 57  LEU A O    1 
ATOM   692  C  CB   . LEU A 1 57 ? -1.69474  6.96607   4.06984   1.000 29.92907  ? 57  LEU A CB   1 
ATOM   693  C  CG   . LEU A 1 57 ? -2.81644  7.15929   3.04381   1.000 31.25341  ? 57  LEU A CG   1 
ATOM   694  C  CD1  . LEU A 1 57 ? -3.87242  8.12852   3.54794   1.000 35.53180  ? 57  LEU A CD1  1 
ATOM   695  C  CD2  . LEU A 1 57 ? -2.25416  7.63186   1.70912   1.000 36.66794  ? 57  LEU A CD2  1 
ATOM   696  H  H    . LEU A 1 57 ? -1.73877  4.28402   3.90353   1.000 28.41597  ? 57  LEU A H    1 
ATOM   697  H  HA   . LEU A 1 57 ? -0.15508  6.27340   2.91729   1.000 35.65574  ? 57  LEU A HA   1 
ATOM   698  H  HB2  . LEU A 1 57 ? -2.10120  6.69538   4.90794   1.000 35.92386  ? 57  LEU A HB2  1 
ATOM   699  H  HB3  . LEU A 1 57 ? -1.24227  7.81696   4.18013   1.000 35.92386  ? 57  LEU A HB3  1 
ATOM   700  H  HG   . LEU A 1 57 ? -3.24848  6.30185   2.90584   1.000 37.51306  ? 57  LEU A HG   1 
ATOM   701  H  HD11 . LEU A 1 57 ? -4.56416  8.22038   2.87418   1.000 42.64713  ? 57  LEU A HD11 1 
ATOM   702  H  HD12 . LEU A 1 57 ? -4.25436  7.78048   4.36884   1.000 42.64713  ? 57  LEU A HD12 1 
ATOM   703  H  HD13 . LEU A 1 57 ? -3.45716  8.98905   3.71513   1.000 42.64713  ? 57  LEU A HD13 1 
ATOM   704  H  HD21 . LEU A 1 57 ? -2.98446  7.74367   1.08058   1.000 44.01050  ? 57  LEU A HD21 1 
ATOM   705  H  HD22 . LEU A 1 57 ? -1.79819  8.47790   1.84030   1.000 44.01050  ? 57  LEU A HD22 1 
ATOM   706  H  HD23 . LEU A 1 57 ? -1.63016  6.96789   1.37644   1.000 44.01050  ? 57  LEU A HD23 1 
ATOM   707  N  N    . ASN A 1 58 ? 1.50030   6.22525   4.69011   1.000 25.90945  ? 58  ASN A N    1 
ATOM   708  C  CA   . ASN A 1 58 ? 2.58222   6.05039   5.65459   1.000 28.29559  ? 58  ASN A CA   1 
ATOM   709  C  C    . ASN A 1 58 ? 2.95829   4.57150   5.78380   1.000 33.22955  ? 58  ASN A C    1 
ATOM   710  O  O    . ASN A 1 58 ? 2.72371   3.90145   6.79481   1.000 24.04579  ? 58  ASN A O    1 
ATOM   711  C  CB   . ASN A 1 58 ? 2.19126   6.68600   6.99019   1.000 26.21514  ? 58  ASN A CB   1 
ATOM   712  C  CG   . ASN A 1 58 ? 1.96644   8.18170   6.85686   1.000 29.04611  ? 58  ASN A CG   1 
ATOM   713  O  OD1  . ASN A 1 58 ? 2.84122   8.90780   6.38074   1.000 33.28877  ? 58  ASN A OD1  1 
ATOM   714  N  ND2  . ASN A 1 58 ? 0.78506   8.64535   7.24620   1.000 30.10377  ? 58  ASN A ND2  1 
ATOM   715  H  H    . ASN A 1 58 ? 1.70883   6.75725   4.04740   1.000 31.10032  ? 58  ASN A H    1 
ATOM   716  H  HA   . ASN A 1 58 ? 3.37880   6.50213   5.33475   1.000 33.96368  ? 58  ASN A HA   1 
ATOM   717  H  HB2  . ASN A 1 58 ? 1.36882   6.28190   7.30830   1.000 31.46714  ? 58  ASN A HB2  1 
ATOM   718  H  HB3  . ASN A 1 58 ? 2.90249   6.54143   7.63373   1.000 31.46714  ? 58  ASN A HB3  1 
ATOM   719  H  HD21 . ASN A 1 58 ? 0.61297   9.48602   7.18899   1.000 36.13349  ? 58  ASN A HD21 1 
ATOM   720  H  HD22 . ASN A 1 58 ? 0.19183   8.10507   7.55565   1.000 36.13349  ? 58  ASN A HD22 1 
ATOM   721  N  N    . CYS A 1 59 ? 3.58545   4.10013   4.71019   1.000 24.53266  ? 59  CYS A N    1 
ATOM   722  C  CA   . CYS A 1 59 ? 3.93824   2.70280   4.52493   1.000 26.01020  ? 59  CYS A CA   1 
ATOM   723  C  C    . CYS A 1 59 ? 5.45124   2.52920   4.55653   1.000 26.10557  ? 59  CYS A C    1 
ATOM   724  O  O    . CYS A 1 59 ? 6.19266   3.34120   3.99467   1.000 27.99247  ? 59  CYS A O    1 
ATOM   725  C  CB   . CYS A 1 59 ? 3.39574   2.18140   3.18963   1.000 29.54359  ? 59  CYS A CB   1 
ATOM   726  S  SG   . CYS A 1 59 ? 1.61280   2.36468   2.97601   1.000 28.71099  ? 59  CYS A SG   1 
ATOM   727  H  H    . CYS A 1 59 ? 3.82588   4.59462   4.04893   1.000 29.44816  ? 59  CYS A H    1 
ATOM   728  H  HA   . CYS A 1 59 ? 3.55818   2.17912   5.24757   1.000 31.22122  ? 59  CYS A HA   1 
ATOM   729  H  HB2  . CYS A 1 59 ? 3.82769   2.66838   2.47050   1.000 35.46128  ? 59  CYS A HB2  1 
ATOM   730  H  HB3  . CYS A 1 59 ? 3.60250   1.23617   3.12123   1.000 35.46128  ? 59  CYS A HB3  1 
ATOM   731  N  N    . SER A 1 60 ? 5.90526   1.46342   5.20861   1.000 24.63857  ? 60  SER A N    1 
ATOM   732  C  CA   . SER A 1 60 ? 7.31079   1.09929   5.19744   1.000 29.42953  ? 60  SER A CA   1 
ATOM   733  C  C    . SER A 1 60 ? 7.44317   -0.37952  4.86526   1.000 26.59996  ? 60  SER A C    1 
ATOM   734  O  O    . SER A 1 60 ? 6.62755   -1.19465  5.31885   1.000 28.59103  ? 60  SER A O    1 
ATOM   735  C  CB   . SER A 1 60 ? 7.97849   1.39909   6.54905   1.000 29.64964  ? 60  SER A CB   1 
ATOM   736  O  OG   . SER A 1 60 ? 7.40173   0.64148   7.59527   1.000 49.05457  ? 60  SER A OG   1 
ATOM   737  H  H    . SER A 1 60 ? 5.41025   0.93174   5.66890   1.000 29.57525  ? 60  SER A H    1 
ATOM   738  H  HA   . SER A 1 60 ? 7.77764   1.61404   4.52069   1.000 35.32441  ? 60  SER A HA   1 
ATOM   739  H  HB2  . SER A 1 60 ? 8.92135   1.17977   6.48737   1.000 35.58854  ? 60  SER A HB2  1 
ATOM   740  H  HB3  . SER A 1 60 ? 7.86959   2.34196   6.74915   1.000 35.58854  ? 60  SER A HB3  1 
ATOM   741  H  HG   . SER A 1 60 ? 7.53082   -0.17772  7.46169   1.000 58.87445  ? 60  SER A HG   1 
ATOM   742  N  N    . PRO A 1 61 ? 8.44024   -0.76005  4.06958   1.000 24.80118  ? 61  PRO A N    1 
ATOM   743  C  CA   . PRO A 1 61 ? 8.60108   -2.17817  3.73172   1.000 32.44197  ? 61  PRO A CA   1 
ATOM   744  C  C    . PRO A 1 61 ? 9.12715   -2.97685  4.91296   1.000 37.49622  ? 61  PRO A C    1 
ATOM   745  O  O    . PRO A 1 61 ? 9.89764   -2.48026  5.73954   1.000 34.21280  ? 61  PRO A O    1 
ATOM   746  C  CB   . PRO A 1 61 ? 9.60751   -2.16255  2.57444   1.000 31.40287  ? 61  PRO A CB   1 
ATOM   747  C  CG   . PRO A 1 61 ? 10.38828  -0.89887  2.75999   1.000 35.16232  ? 61  PRO A CG   1 
ATOM   748  C  CD   . PRO A 1 61 ? 9.48857   0.08775   3.46714   1.000 28.85577  ? 61  PRO A CD   1 
ATOM   749  H  HA   . PRO A 1 61 ? 7.76222   -2.55805  3.42693   1.000 38.93934  ? 61  PRO A HA   1 
ATOM   750  H  HB2  . PRO A 1 61 ? 10.18578  -2.93943  2.62884   1.000 37.69241  ? 61  PRO A HB2  1 
ATOM   751  H  HB3  . PRO A 1 61 ? 9.13622   -2.15849  1.72664   1.000 37.69241  ? 61  PRO A HB3  1 
ATOM   752  H  HG2  . PRO A 1 61 ? 11.17496  -1.08357  3.29657   1.000 42.20376  ? 61  PRO A HG2  1 
ATOM   753  H  HG3  . PRO A 1 61 ? 10.65186  -0.55420  1.89246   1.000 42.20376  ? 61  PRO A HG3  1 
ATOM   754  H  HD2  . PRO A 1 61 ? 9.97801   0.56796   4.15325   1.000 34.63590  ? 61  PRO A HD2  1 
ATOM   755  H  HD3  . PRO A 1 61 ? 9.10235   0.71416   2.83520   1.000 34.63590  ? 61  PRO A HD3  1 
ATOM   756  N  N    . LEU A 1 62 ? 8.68638   -4.22698  4.99354   1.000 31.49657  ? 62  LEU A N    1 
ATOM   757  C  CA   . LEU A 1 62 ? 9.17698   -5.15656  5.99662   1.000 41.06777  ? 62  LEU A CA   1 
ATOM   758  C  C    . LEU A 1 62 ? 10.31118  -5.99801  5.42282   1.000 45.89736  ? 62  LEU A C    1 
ATOM   759  O  O    . LEU A 1 62 ? 10.39257  -6.22362  4.21208   1.000 44.23314  ? 62  LEU A O    1 
ATOM   760  C  CB   . LEU A 1 62 ? 8.05621   -6.07193  6.48962   1.000 36.62283  ? 62  LEU A CB   1 
ATOM   761  C  CG   . LEU A 1 62 ? 6.87829   -5.42034  7.21281   1.000 43.13648  ? 62  LEU A CG   1 
ATOM   762  C  CD1  . LEU A 1 62 ? 5.74893   -6.42823  7.39099   1.000 38.70712  ? 62  LEU A CD1  1 
ATOM   763  C  CD2  . LEU A 1 62 ? 7.31041   -4.85864  8.55549   1.000 54.95906  ? 62  LEU A CD2  1 
ATOM   764  H  H    . LEU A 1 62 ? 8.09380   -4.56383  4.46916   1.000 37.80486  ? 62  LEU A H    1 
ATOM   765  H  HA   . LEU A 1 62 ? 9.51298   -4.65823  6.75798   1.000 49.29030  ? 62  LEU A HA   1 
ATOM   766  H  HB2  . LEU A 1 62 ? 7.69114   -6.53471  5.71925   1.000 43.95637  ? 62  LEU A HB2  1 
ATOM   767  H  HB3  . LEU A 1 62 ? 8.44550   -6.71103  7.10680   1.000 43.95637  ? 62  LEU A HB3  1 
ATOM   768  H  HG   . LEU A 1 62 ? 6.54852   -4.68165  6.67756   1.000 51.77274  ? 62  LEU A HG   1 
ATOM   769  H  HD11 . LEU A 1 62 ? 4.91511   -5.94909  7.51772   1.000 46.45751  ? 62  LEU A HD11 1 
ATOM   770  H  HD12 . LEU A 1 62 ? 5.69375   -6.98416  6.59803   1.000 46.45751  ? 62  LEU A HD12 1 
ATOM   771  H  HD13 . LEU A 1 62 ? 5.93592   -6.97796  8.16800   1.000 46.45751  ? 62  LEU A HD13 1 
ATOM   772  H  HD21 . LEU A 1 62 ? 6.53865   -4.47471  9.00034   1.000 65.95984  ? 62  LEU A HD21 1 
ATOM   773  H  HD22 . LEU A 1 62 ? 7.67960   -5.57607  9.09390   1.000 65.95984  ? 62  LEU A HD22 1 
ATOM   774  H  HD23 . LEU A 1 62 ? 7.98262   -4.17461  8.41007   1.000 65.95984  ? 62  LEU A HD23 1 
ATOM   775  N  N    . SER A 1 63 ? 11.18335  -6.46695  6.31007   1.000 50.50569  ? 63  SER A N    1 
ATOM   776  C  CA   . SER A 1 63 ? 12.28461  -7.34262  5.92271   1.000 51.26052  ? 63  SER A CA   1 
ATOM   777  C  C    . SER A 1 63 ? 12.22965  -8.64575  6.71307   1.000 53.02680  ? 63  SER A C    1 
ATOM   778  O  O    . SER A 1 63 ? 12.04639  -8.63516  7.93168   1.000 58.79322  ? 63  SER A O    1 
ATOM   779  C  CB   . SER A 1 63 ? 13.62733  -6.65033  6.14824   1.000 67.66985  ? 63  SER A CB   1 
ATOM   780  O  OG   . SER A 1 63 ? 13.57788  -5.82109  7.29538   1.000 84.39752  ? 63  SER A OG   1 
ATOM   781  H  H    . SER A 1 63 ? 11.15884  -6.29083  7.15149   1.000 60.61580  ? 63  SER A H    1 
ATOM   782  H  HA   . SER A 1 63 ? 12.21275  -7.55032  4.97794   1.000 61.52160  ? 63  SER A HA   1 
ATOM   783  H  HB2  . SER A 1 63 ? 14.31327  -7.32441  6.27476   1.000 81.21279  ? 63  SER A HB2  1 
ATOM   784  H  HB3  . SER A 1 63 ? 13.83634  -6.10573  5.37324   1.000 81.21279  ? 63  SER A HB3  1 
ATOM   785  H  HG   . SER A 1 63 ? 14.31837  -5.44052  7.40691   1.000 101.28599 ? 63  SER A HG   1 
ATOM   786  N  N    . SER A 1 71 ? 7.34173   -7.76488  11.81141  1.000 62.69820  ? 71  SER A N    1 
ATOM   787  C  CA   . SER A 1 71 ? 6.38866   -7.28941  12.80691  1.000 53.99158  ? 71  SER A CA   1 
ATOM   788  C  C    . SER A 1 71 ? 5.70828   -6.01027  12.33040  1.000 45.03749  ? 71  SER A C    1 
ATOM   789  O  O    . SER A 1 71 ? 6.36749   -5.05065  11.93727  1.000 51.66952  ? 71  SER A O    1 
ATOM   790  C  CB   . SER A 1 71 ? 7.08534   -7.04912  14.14717  1.000 49.67703  ? 71  SER A CB   1 
ATOM   791  O  OG   . SER A 1 71 ? 8.02071   -5.98845  14.05833  1.000 58.04091  ? 71  SER A OG   1 
ATOM   792  H  H    . SER A 1 71 ? 8.12144   -7.40690  11.87297  1.000 75.24681  ? 71  SER A H    1 
ATOM   793  H  HA   . SER A 1 71 ? 5.70611   -7.96477  12.94448  1.000 64.79887  ? 71  SER A HA   1 
ATOM   794  H  HB2  . SER A 1 71 ? 6.41663   -6.82304  14.81246  1.000 59.62141  ? 71  SER A HB2  1 
ATOM   795  H  HB3  . SER A 1 71 ? 7.55225   -7.85841  14.40779  1.000 59.62141  ? 71  SER A HB3  1 
ATOM   796  H  HG   . SER A 1 71 ? 7.62169   -5.26574  13.90313  1.000 69.65806  ? 71  SER A HG   1 
ATOM   797  N  N    . CYS A 1 72 ? 4.37893   -6.00850  12.36208  1.000 39.32937  ? 72  CYS A N    1 
ATOM   798  C  CA   . CYS A 1 72 ? 3.60592   -4.83838  11.94981  1.000 34.54687  ? 72  CYS A CA   1 
ATOM   799  C  C    . CYS A 1 72 ? 2.28226   -4.83163  12.70402  1.000 40.95306  ? 72  CYS A C    1 
ATOM   800  O  O    . CYS A 1 72 ? 1.48642   -5.75876  12.56819  1.000 28.21323  ? 72  CYS A O    1 
ATOM   801  C  CB   . CYS A 1 72 ? 3.35232   -4.85021  10.44415  1.000 38.62147  ? 72  CYS A CB   1 
ATOM   802  S  SG   . CYS A 1 72 ? 2.12740   -3.63341  9.89852   1.000 33.20136  ? 72  CYS A SG   1 
ATOM   803  H  H    . CYS A 1 72 ? 3.89880   -6.67414  12.61899  1.000 47.20421  ? 72  CYS A H    1 
ATOM   804  H  HA   . CYS A 1 72 ? 4.09901   -4.03539  12.17993  1.000 41.46522  ? 72  CYS A HA   1 
ATOM   805  H  HB2  . CYS A 1 72 ? 4.18547   -4.65695  9.98655   1.000 46.35474  ? 72  CYS A HB2  1 
ATOM   806  H  HB3  . CYS A 1 72 ? 3.03010   -5.72900  10.18958  1.000 46.35474  ? 72  CYS A HB3  1 
ATOM   807  N  N    . SER A 1 73 ? 2.06427   -3.77908  13.48011  1.000 33.34415  ? 73  SER A N    1 
ATOM   808  C  CA   . SER A 1 73 ? 0.85789   -3.63642  14.28568  1.000 27.70327  ? 73  SER A CA   1 
ATOM   809  C  C    . SER A 1 73 ? -0.30166  -3.01646  13.52003  1.000 29.63448  ? 73  SER A C    1 
ATOM   810  O  O    . SER A 1 73 ? -1.39393  -2.89485  14.08155  1.000 34.56052  ? 73  SER A O    1 
ATOM   811  C  CB   . SER A 1 73 ? 1.16713   -2.78174  15.51905  1.000 39.45281  ? 73  SER A CB   1 
ATOM   812  O  OG   . SER A 1 73 ? 1.68781   -1.51586  15.14366  1.000 41.20429  ? 73  SER A OG   1 
ATOM   813  H  H    . SER A 1 73 ? 2.61098   -3.11999  13.55947  1.000 40.02195  ? 73  SER A H    1 
ATOM   814  H  HA   . SER A 1 73 ? 0.57487   -4.51556  14.58217  1.000 33.25289  ? 73  SER A HA   1 
ATOM   815  H  HB2  . SER A 1 73 ? 0.34931   -2.64902  16.02349  1.000 47.35235  ? 73  SER A HB2  1 
ATOM   816  H  HB3  . SER A 1 73 ? 1.82282   -3.24266  16.06543  1.000 47.35235  ? 73  SER A HB3  1 
ATOM   817  H  HG   . SER A 1 73 ? 1.85096   -1.05773  15.82857  1.000 49.45412  ? 73  SER A HG   1 
ATOM   818  N  N    . ALA A 1 74 ? -0.10258  -2.63405  12.26778  1.000 29.21659  ? 74  ALA A N    1 
ATOM   819  C  CA   . ALA A 1 74 ? -1.12718  -1.95737  11.47369  1.000 27.78138  ? 74  ALA A CA   1 
ATOM   820  C  C    . ALA A 1 74 ? -1.53587  -2.87568  10.32080  1.000 27.39610  ? 74  ALA A C    1 
ATOM   821  O  O    . ALA A 1 74 ? -1.86916  -4.03602  10.58234  1.000 25.98944  ? 74  ALA A O    1 
ATOM   822  C  CB   . ALA A 1 74 ? -0.61550  -0.58721  11.04905  1.000 27.92902  ? 74  ALA A CB   1 
ATOM   823  H  H    . ALA A 1 74 ? 0.63483   -2.75693  11.84265  1.000 35.06888  ? 74  ALA A H    1 
ATOM   824  H  HA   . ALA A 1 74 ? -1.90564  -1.83292  12.03886  1.000 33.34663  ? 74  ALA A HA   1 
ATOM   825  H  HB1  . ALA A 1 74 ? -1.32043  -0.12022  10.57377  1.000 33.52380  ? 74  ALA A HB1  1 
ATOM   826  H  HB2  . ALA A 1 74 ? -0.36143  -0.08603  11.83973  1.000 33.52380  ? 74  ALA A HB2  1 
ATOM   827  H  HB3  . ALA A 1 74 ? 0.15367   -0.70305  10.46952  1.000 33.52380  ? 74  ALA A HB3  1 
ATOM   828  N  N    . GLN A 1 75 ? -1.53257  -2.41527  9.07222   1.000 22.58916  ? 75  GLN A N    1 
ATOM   829  C  CA   . GLN A 1 75 ? -1.98880  -3.20741  7.93871   1.000 30.23092  ? 75  GLN A CA   1 
ATOM   830  C  C    . GLN A 1 75 ? -0.79436  -3.70450  7.13488   1.000 33.03583  ? 75  GLN A C    1 
ATOM   831  O  O    . GLN A 1 75 ? 0.05954   -2.90918  6.72902   1.000 24.27247  ? 75  GLN A O    1 
ATOM   832  C  CB   . GLN A 1 75 ? -2.90890  -2.38361  7.03364   1.000 23.51857  ? 75  GLN A CB   1 
ATOM   833  C  CG   . GLN A 1 75 ? -4.17614  -1.87479  7.69962   1.000 29.19107  ? 75  GLN A CG   1 
ATOM   834  C  CD   . GLN A 1 75 ? -5.06390  -2.99649  8.19172   1.000 32.61564  ? 75  GLN A CD   1 
ATOM   835  O  OE1  . GLN A 1 75 ? -5.50602  -3.84190  7.41355   1.000 24.80091  ? 75  GLN A OE1  1 
ATOM   836  N  NE2  . GLN A 1 75 ? -5.32887  -3.01123  9.49087   1.000 28.37789  ? 75  GLN A NE2  1 
ATOM   837  H  H    . GLN A 1 75 ? -1.26383  -1.62810  8.85373   1.000 27.11596  ? 75  GLN A H    1 
ATOM   838  H  HA   . GLN A 1 75 ? -2.47909  -3.97633  8.26927   1.000 36.28607  ? 75  GLN A HA   1 
ATOM   839  H  HB2  . GLN A 1 75 ? -2.41610  -1.61045  6.71697   1.000 28.23125  ? 75  GLN A HB2  1 
ATOM   840  H  HB3  . GLN A 1 75 ? -3.17663  -2.93662  6.28304   1.000 28.23125  ? 75  GLN A HB3  1 
ATOM   841  H  HG2  . GLN A 1 75 ? -3.93488  -1.32568  8.46198   1.000 35.03826  ? 75  GLN A HG2  1 
ATOM   842  H  HG3  . GLN A 1 75 ? -4.68168  -1.34992  7.05945   1.000 35.03826  ? 75  GLN A HG3  1 
ATOM   843  H  HE21 . GLN A 1 75 ? -5.00075  -2.40372  10.00357  1.000 34.06244  ? 75  GLN A HE21 1 
ATOM   844  H  HE22 . GLN A 1 75 ? -5.82886  -3.62832  9.82078   1.000 34.06244  ? 75  GLN A HE22 1 
ATOM   845  N  N    . THR A 1 76 ? -0.73687  -5.01370  6.90698   1.000 27.35224  ? 76  THR A N    1 
ATOM   846  C  CA   A THR A 1 76 ? 0.27772   -5.61792  6.05420   0.416 30.42050  ? 76  THR A CA   1 
ATOM   847  C  CA   B THR A 1 76 ? 0.27740   -5.61911  6.05315   0.584 30.45956  ? 76  THR A CA   1 
ATOM   848  C  C    . THR A 1 76 ? -0.33122  -5.84679  4.67541   1.000 27.90085  ? 76  THR A C    1 
ATOM   849  O  O    . THR A 1 76 ? -1.34705  -6.54197  4.54533   1.000 24.86478  ? 76  THR A O    1 
ATOM   850  C  CB   A THR A 1 76 ? 0.79917   -6.92629  6.65077   0.416 32.87762  ? 76  THR A CB   1 
ATOM   851  C  CB   B THR A 1 76 ? 0.79074   -6.93244  6.64443   0.584 32.94085  ? 76  THR A CB   1 
ATOM   852  O  OG1  A THR A 1 76 ? 1.64986   -7.58018  5.70121   0.416 27.56077  ? 76  THR A OG1  1 
ATOM   853  O  OG1  B THR A 1 76 ? -0.26279  -7.90264  6.66079   0.584 30.62068  ? 76  THR A OG1  1 
ATOM   854  C  CG2  A THR A 1 76 ? -0.34477  -7.85159  7.03550   0.416 30.33318  ? 76  THR A CG2  1 
ATOM   855  C  CG2  B THR A 1 76 ? 1.30154   -6.71195  8.06247   0.584 30.04897  ? 76  THR A CG2  1 
ATOM   856  H  H    A THR A 1 76 ? -1.28705  -5.58286  7.24307   0.416 32.83167  ? 76  THR A H    1 
ATOM   857  H  H    B THR A 1 76 ? -1.28684  -5.58275  7.24360   0.584 32.83167  ? 76  THR A H    1 
ATOM   858  H  HA   . THR A 1 76 ? 1.03422   -5.01719  5.96627   1.000 36.56045  ? 76  THR A HA   1 
ATOM   859  H  HB   A THR A 1 76 ? 1.30248   -6.73030  7.45648   0.416 39.46211  ? 76  THR A HB   1 
ATOM   860  H  HB   B THR A 1 76 ? 1.52262   -7.26686  6.10274   0.584 39.53799  ? 76  THR A HB   1 
ATOM   861  H  HG1  A THR A 1 76 ? 1.93558   -8.30245  6.02104   0.416 33.08190  ? 76  THR A HG1  1 
ATOM   862  H  HG1  B THR A 1 76 ? 0.02410   -8.63325  6.95995   0.584 36.75379  ? 76  THR A HG1  1 
ATOM   863  H  HG21 A THR A 1 76 ? -0.14819  -8.75800  6.75143   0.416 36.40879  ? 76  THR A HG21 1 
ATOM   864  H  HG21 B THR A 1 76 ? 1.69325   -7.53055  8.40503   0.584 36.06774  ? 76  THR A HG21 1 
ATOM   865  H  HG22 A THR A 1 76 ? -0.46911  -7.84317  7.99746   0.416 36.40879  ? 76  THR A HG22 1 
ATOM   866  H  HG22 B THR A 1 76 ? 1.97546   -6.01429  8.06761   0.584 36.06774  ? 76  THR A HG22 1 
ATOM   867  H  HG23 A THR A 1 76 ? -1.16565  -7.55920  6.60941   0.416 36.40879  ? 76  THR A HG23 1 
ATOM   868  H  HG23 B THR A 1 76 ? 0.56966   -6.44693  8.64126   0.584 36.06774  ? 76  THR A HG23 1 
ATOM   869  N  N    . VAL A 1 77 ? 0.28088   -5.25430  3.65207   1.000 23.74976  ? 77  VAL A N    1 
ATOM   870  C  CA   . VAL A 1 77 ? -0.28055  -5.26017  2.30894   1.000 24.16083  ? 77  VAL A CA   1 
ATOM   871  C  C    . VAL A 1 77 ? 0.82474   -5.40990  1.27496   1.000 30.57020  ? 77  VAL A C    1 
ATOM   872  O  O    . VAL A 1 77 ? 1.98243   -5.05992  1.51270   1.000 29.01091  ? 77  VAL A O    1 
ATOM   873  C  CB   . VAL A 1 77 ? -1.07806  -3.96578  2.02892   1.000 26.26338  ? 77  VAL A CB   1 
ATOM   874  C  CG1  . VAL A 1 77 ? -2.33150  -3.90710  2.87780   1.000 24.44487  ? 77  VAL A CG1  1 
ATOM   875  C  CG2  . VAL A 1 77 ? -0.19772  -2.73460  2.27764   1.000 28.31532  ? 77  VAL A CG2  1 
ATOM   876  H  H    . VAL A 1 77 ? 1.03102   -4.83837  3.71444   1.000 28.50868  ? 77  VAL A H    1 
ATOM   877  H  HA   . VAL A 1 77 ? -0.86412  -6.03094  2.22984   1.000 29.00197  ? 77  VAL A HA   1 
ATOM   878  H  HB   . VAL A 1 77 ? -1.35161  -3.96413  1.09829   1.000 31.52503  ? 77  VAL A HB   1 
ATOM   879  H  HG11 . VAL A 1 77 ? -2.78655  -3.06678  2.71140   1.000 29.34281  ? 77  VAL A HG11 1 
ATOM   880  H  HG12 . VAL A 1 77 ? -2.90925  -4.64896  2.63958   1.000 29.34281  ? 77  VAL A HG12 1 
ATOM   881  H  HG13 . VAL A 1 77 ? -2.08255  -3.96887  3.81327   1.000 29.34281  ? 77  VAL A HG13 1 
ATOM   882  H  HG21 . VAL A 1 77 ? -0.71275  -1.93468  2.08848   1.000 33.98736  ? 77  VAL A HG21 1 
ATOM   883  H  HG22 . VAL A 1 77 ? 0.08785   -2.73263  3.20465   1.000 33.98736  ? 77  VAL A HG22 1 
ATOM   884  H  HG23 . VAL A 1 77 ? 0.57551   -2.77602  1.69342   1.000 33.98736  ? 77  VAL A HG23 1 
ATOM   885  N  N    . CYS A 1 78 ? 0.44060   -5.93165  0.10957   1.000 26.29991  ? 78  CYS A N    1 
ATOM   886  C  CA   . CYS A 1 78 ? 1.27260   -5.94120  -1.08446  1.000 24.72230  ? 78  CYS A CA   1 
ATOM   887  C  C    . CYS A 1 78 ? 0.79728   -4.82897  -2.00696  1.000 28.55423  ? 78  CYS A C    1 
ATOM   888  O  O    . CYS A 1 78 ? -0.40335  -4.71324  -2.26658  1.000 31.02574  ? 78  CYS A O    1 
ATOM   889  C  CB   . CYS A 1 78 ? 1.18059   -7.28951  -1.80075  1.000 29.92425  ? 78  CYS A CB   1 
ATOM   890  S  SG   . CYS A 1 78 ? 1.66856   -8.70193  -0.79646  1.000 28.49721  ? 78  CYS A SG   1 
ATOM   891  H  H    . CYS A 1 78 ? -0.32716  -6.29864  -0.01475  1.000 31.56886  ? 78  CYS A H    1 
ATOM   892  H  HA   . CYS A 1 78 ? 2.20084   -5.78913  -0.84752  1.000 29.67573  ? 78  CYS A HA   1 
ATOM   893  H  HB2  . CYS A 1 78 ? 0.26169   -7.43015  -2.07778  1.000 35.91808  ? 78  CYS A HB2  1 
ATOM   894  H  HB3  . CYS A 1 78 ? 1.76148   -7.26715  -2.57726  1.000 35.91808  ? 78  CYS A HB3  1 
ATOM   895  N  N    . CYS A 1 79 ? 1.73123   -4.02061  -2.50607  1.000 21.97964  ? 79  CYS A N    1 
ATOM   896  C  CA   . CYS A 1 79 ? 1.39161   -2.86691  -3.32504  1.000 23.16590  ? 79  CYS A CA   1 
ATOM   897  C  C    . CYS A 1 79 ? 2.18493   -2.88284  -4.62268  1.000 29.63880  ? 79  CYS A C    1 
ATOM   898  O  O    . CYS A 1 79 ? 3.28784   -3.43305  -4.69128  1.000 32.26936  ? 79  CYS A O    1 
ATOM   899  C  CB   . CYS A 1 79 ? 1.66205   -1.55138  -2.57708  1.000 25.90802  ? 79  CYS A CB   1 
ATOM   900  S  SG   . CYS A 1 79 ? 0.89994   -1.45203  -0.94224  1.000 25.96908  ? 79  CYS A SG   1 
ATOM   901  H  H    . CYS A 1 79 ? 2.57576   -4.12389  -2.38085  1.000 26.38454  ? 79  CYS A H    1 
ATOM   902  H  HA   . CYS A 1 79 ? 0.44982   -2.91032  -3.55319  1.000 27.80806  ? 79  CYS A HA   1 
ATOM   903  H  HB2  . CYS A 1 79 ? 2.62003   -1.45315  -2.46075  1.000 31.09859  ? 79  CYS A HB2  1 
ATOM   904  H  HB3  . CYS A 1 79 ? 1.31526   -0.81712  -3.10763  1.000 31.09859  ? 79  CYS A HB3  1 
ATOM   905  N  N    . THR A 1 80 ? 1.61020   -2.26307  -5.65629  1.000 26.24198  ? 80  THR A N    1 
ATOM   906  C  CA   . THR A 1 80 ? 2.32284   -2.13508  -6.92102  1.000 30.37809  ? 80  THR A CA   1 
ATOM   907  C  C    . THR A 1 80 ? 3.30524   -0.97174  -6.90683  1.000 30.93015  ? 80  THR A C    1 
ATOM   908  O  O    . THR A 1 80 ? 4.37189   -1.06377  -7.52526  1.000 30.64145  ? 80  THR A O    1 
ATOM   909  C  CB   . THR A 1 80 ? 1.34117   -1.95917  -8.08329  1.000 26.41393  ? 80  THR A CB   1 
ATOM   910  O  OG1  . THR A 1 80 ? 0.53645   -0.79459  -7.86975  1.000 32.02198  ? 80  THR A OG1  1 
ATOM   911  C  CG2  . THR A 1 80 ? 0.44325   -3.17933  -8.22535  1.000 34.47683  ? 80  THR A CG2  1 
ATOM   912  H  H    . THR A 1 80 ? 0.82352   -1.91569  -5.64818  1.000 31.49935  ? 80  THR A H    1 
ATOM   913  H  HA   . THR A 1 80 ? 2.81727   -2.95598  -7.07128  1.000 36.46267  ? 80  THR A HA   1 
ATOM   914  H  HB   . THR A 1 80 ? 1.84135   -1.85547  -8.90789  1.000 31.70569  ? 80  THR A HB   1 
ATOM   915  H  HG1  . THR A 1 80 ? 1.01440   -0.10472  -7.90494  1.000 38.43534  ? 80  THR A HG1  1 
ATOM   916  H  HG21 . THR A 1 80 ? -0.16570  -3.05816  -8.97061  1.000 41.38117  ? 80  THR A HG21 1 
ATOM   917  H  HG22 . THR A 1 80 ? 0.98140   -3.97061  -8.38399  1.000 41.38117  ? 80  THR A HG22 1 
ATOM   918  H  HG23 . THR A 1 80 ? -0.07330  -3.30733  -7.41436  1.000 41.38117  ? 80  THR A HG23 1 
ATOM   919  N  N    . ASN A 1 81 ? 2.98171   0.11954   -6.21113  1.000 28.51623  ? 81  ASN A N    1 
ATOM   920  C  CA   . ASN A 1 81 ? 3.82903   1.30286   -6.22405  1.000 26.86921  ? 81  ASN A CA   1 
ATOM   921  C  C    . ASN A 1 81 ? 3.84530   1.96881   -4.85577  1.000 34.79845  ? 81  ASN A C    1 
ATOM   922  O  O    . ASN A 1 81 ? 2.84693   1.97446   -4.13154  1.000 23.04938  ? 81  ASN A O    1 
ATOM   923  C  CB   . ASN A 1 81 ? 3.36104   2.32350   -7.27562  1.000 30.82297  ? 81  ASN A CB   1 
ATOM   924  C  CG   . ASN A 1 81 ? 3.51156   1.81277   -8.69504  1.000 30.90484  ? 81  ASN A CG   1 
ATOM   925  O  OD1  . ASN A 1 81 ? 2.62521   1.14249   -9.22411  1.000 26.84330  ? 81  ASN A OD1  1 
ATOM   926  N  ND2  . ASN A 1 81 ? 4.63765   2.13049   -9.31912  1.000 26.57841  ? 81  ASN A ND2  1 
ATOM   927  H  H    . ASN A 1 81 ? 2.27594   0.19470   -5.72551  1.000 34.22845  ? 81  ASN A H    1 
ATOM   928  H  HA   . ASN A 1 81 ? 4.73560   1.02523   -6.42892  1.000 32.25203  ? 81  ASN A HA   1 
ATOM   929  H  HB2  . ASN A 1 81 ? 2.42373   2.52386   -7.12661  1.000 36.99653  ? 81  ASN A HB2  1 
ATOM   930  H  HB3  . ASN A 1 81 ? 3.89076   3.13154   -7.18970  1.000 36.99653  ? 81  ASN A HB3  1 
ATOM   931  H  HD21 . ASN A 1 81 ? 4.77174   1.86497   -10.12604 1.000 31.90306  ? 81  ASN A HD21 1 
ATOM   932  H  HD22 . ASN A 1 81 ? 5.23386   2.60206   -8.91693  1.000 31.90306  ? 81  ASN A HD22 1 
ATOM   933  N  N    . THR A 1 82 ? 5.00044   2.53811   -4.52024  1.000 30.28856  ? 82  THR A N    1 
ATOM   934  C  CA   . THR A 1 82 ? 5.18815   3.34758   -3.32767  1.000 33.87255  ? 82  THR A CA   1 
ATOM   935  C  C    . THR A 1 82 ? 5.78996   4.67897   -3.75078  1.000 32.72192  ? 82  THR A C    1 
ATOM   936  O  O    . THR A 1 82 ? 6.64856   4.72019   -4.63713  1.000 30.23802  ? 82  THR A O    1 
ATOM   937  C  CB   . THR A 1 82 ? 6.10243   2.65160   -2.31774  1.000 27.83640  ? 82  THR A CB   1 
ATOM   938  O  OG1  . THR A 1 82 ? 6.16425   3.42812   -1.11637  1.000 28.39047  ? 82  THR A OG1  1 
ATOM   939  C  CG2  . THR A 1 82 ? 7.50037   2.48365   -2.88969  1.000 36.79550  ? 82  THR A CG2  1 
ATOM   940  H  H    . THR A 1 82 ? 5.71744   2.46472   -4.98940  1.000 36.35525  ? 82  THR A H    1 
ATOM   941  H  HA   . THR A 1 82 ? 4.33812   3.50831   -2.88892  1.000 40.65604  ? 82  THR A HA   1 
ATOM   942  H  HB   . THR A 1 82 ? 5.75200   1.77037   -2.11390  1.000 33.41265  ? 82  THR A HB   1 
ATOM   943  H  HG1  . THR A 1 82 ? 5.40248   3.47586   -0.76562  1.000 34.07754  ? 82  THR A HG1  1 
ATOM   944  H  HG21 . THR A 1 82 ? 8.00825   1.86050   -2.34688  1.000 44.16357  ? 82  THR A HG21 1 
ATOM   945  H  HG22 . THR A 1 82 ? 7.44913   2.14228   -3.79619  1.000 44.16357  ? 82  THR A HG22 1 
ATOM   946  H  HG23 . THR A 1 82 ? 7.95924   3.33818   -2.90056  1.000 44.16357  ? 82  THR A HG23 1 
ATOM   947  N  N    . TYR A 1 83 ? 5.33963   5.76565   -3.12237  1.000 25.47296  ? 83  TYR A N    1 
ATOM   948  C  CA   . TYR A 1 83 ? 5.76106   7.10718   -3.50164  1.000 28.64130  ? 83  TYR A CA   1 
ATOM   949  C  C    . TYR A 1 83 ? 6.22909   7.89622   -2.28733  1.000 30.64594  ? 83  TYR A C    1 
ATOM   950  O  O    . TYR A 1 83 ? 5.67350   7.76204   -1.19284  1.000 23.86587  ? 83  TYR A O    1 
ATOM   951  C  CB   . TYR A 1 83 ? 4.62326   7.88321   -4.18107  1.000 25.33025  ? 83  TYR A CB   1 
ATOM   952  C  CG   . TYR A 1 83 ? 4.06885   7.23307   -5.42334  1.000 32.43264  ? 83  TYR A CG   1 
ATOM   953  C  CD1  . TYR A 1 83 ? 2.83428   6.60151   -5.40464  1.000 30.27051  ? 83  TYR A CD1  1 
ATOM   954  C  CD2  . TYR A 1 83 ? 4.77403   7.25888   -6.61766  1.000 43.77818  ? 83  TYR A CD2  1 
ATOM   955  C  CE1  . TYR A 1 83 ? 2.31910   6.00787   -6.53703  1.000 38.21999  ? 83  TYR A CE1  1 
ATOM   956  C  CE2  . TYR A 1 83 ? 4.26698   6.66618   -7.75727  1.000 41.86970  ? 83  TYR A CE2  1 
ATOM   957  C  CZ   . TYR A 1 83 ? 3.03817   6.04235   -7.71039  1.000 39.26128  ? 83  TYR A CZ   1 
ATOM   958  O  OH   . TYR A 1 83 ? 2.52187   5.44885   -8.83858  1.000 44.75919  ? 83  TYR A OH   1 
ATOM   959  H  H    . TYR A 1 83 ? 4.78341   5.74720   -2.46671  1.000 30.57652  ? 83  TYR A H    1 
ATOM   960  H  HA   . TYR A 1 83 ? 6.50811   7.02380   -4.11472  1.000 34.37853  ? 83  TYR A HA   1 
ATOM   961  H  HB2  . TYR A 1 83 ? 3.89305   7.97511   -3.54921  1.000 30.40528  ? 83  TYR A HB2  1 
ATOM   962  H  HB3  . TYR A 1 83 ? 4.95566   8.75879   -4.43359  1.000 30.40528  ? 83  TYR A HB3  1 
ATOM   963  H  HD1  . TYR A 1 83 ? 2.34522   6.57809   -4.61396  1.000 36.33358  ? 83  TYR A HD1  1 
ATOM   964  H  HD2  . TYR A 1 83 ? 5.60147   7.68209   -6.65142  1.000 52.54279  ? 83  TYR A HD2  1 
ATOM   965  H  HE1  . TYR A 1 83 ? 1.49053   5.58649   -6.50848  1.000 45.87296  ? 83  TYR A HE1  1 
ATOM   966  H  HE2  . TYR A 1 83 ? 4.75107   6.68762   -8.55106  1.000 50.25261  ? 83  TYR A HE2  1 
ATOM   967  H  HH   . TYR A 1 83 ? 3.05479   5.54120   -9.48129  1.000 53.72000  ? 83  TYR A HH   1 
ATOM   968  N  N    . GLN A 1 84 ? 7.24505   8.72904   -2.50043  1.000 28.83846  ? 84  GLN A N    1 
ATOM   969  C  CA   . GLN A 1 84 ? 7.73847   9.67825   -1.50320  1.000 32.44228  ? 84  GLN A CA   1 
ATOM   970  C  C    . GLN A 1 84 ? 8.03326   8.98913   -0.17083  1.000 27.88394  ? 84  GLN A C    1 
ATOM   971  O  O    . GLN A 1 84 ? 7.50524   9.34914   0.88142   1.000 25.95644  ? 84  GLN A O    1 
ATOM   972  C  CB   . GLN A 1 84 ? 6.74114   10.82292  -1.30958  1.000 28.95600  ? 84  GLN A CB   1 
ATOM   973  C  CG   . GLN A 1 84 ? 6.38212   11.56922  -2.58090  1.000 30.07271  ? 84  GLN A CG   1 
ATOM   974  C  CD   . GLN A 1 84 ? 7.50510   12.46346  -3.06279  1.000 36.28659  ? 84  GLN A CD   1 
ATOM   975  O  OE1  . GLN A 1 84 ? 8.24758   13.03125  -2.26244  1.000 30.26613  ? 84  GLN A OE1  1 
ATOM   976  N  NE2  . GLN A 1 84 ? 7.63692   12.59130  -4.37718  1.000 46.33927  ? 84  GLN A NE2  1 
ATOM   977  H  H    . GLN A 1 84 ? 7.68074   8.76492   -3.24103  1.000 34.61513  ? 84  GLN A H    1 
ATOM   978  H  HA   . GLN A 1 84 ? 8.57461   10.04481  -1.83093  1.000 38.93970  ? 84  GLN A HA   1 
ATOM   979  H  HB2  . GLN A 1 84 ? 5.92055   10.45844  -0.94259  1.000 34.75618  ? 84  GLN A HB2  1 
ATOM   980  H  HB3  . GLN A 1 84 ? 7.12446   11.46496  -0.69173  1.000 34.75618  ? 84  GLN A HB3  1 
ATOM   981  H  HG2  . GLN A 1 84 ? 6.18653   10.92723  -3.28126  1.000 36.09622  ? 84  GLN A HG2  1 
ATOM   982  H  HG3  . GLN A 1 84 ? 5.60491   12.12504  -2.41386  1.000 36.09622  ? 84  GLN A HG3  1 
ATOM   983  H  HE21 . GLN A 1 84 ? 7.09945   12.17710  -4.90555  1.000 55.61610  ? 84  GLN A HE21 1 
ATOM   984  H  HE22 . GLN A 1 84 ? 8.25981   13.08834  -4.70054  1.000 55.61610  ? 84  GLN A HE22 1 
ATOM   985  N  N    . HIS A 1 85 ? 8.91060   7.98963   -0.23162  1.000 27.39112  ? 85  HIS A N    1 
ATOM   986  C  CA   . HIS A 1 85 ? 9.35681   7.27293   0.96094   1.000 33.80592  ? 85  HIS A CA   1 
ATOM   987  C  C    . HIS A 1 85 ? 8.18820   6.65128   1.72039   1.000 32.61782  ? 85  HIS A C    1 
ATOM   988  O  O    . HIS A 1 85 ? 8.20958   6.56476   2.95080   1.000 32.57925  ? 85  HIS A O    1 
ATOM   989  C  CB   . HIS A 1 85 ? 10.14982  8.19234   1.89677   1.000 39.45927  ? 85  HIS A CB   1 
ATOM   990  C  CG   . HIS A 1 85 ? 11.56509  8.42773   1.46900   1.000 46.31549  ? 85  HIS A CG   1 
ATOM   991  N  ND1  . HIS A 1 85 ? 11.90414  8.80425   0.18739   1.000 56.11612  ? 85  HIS A ND1  1 
ATOM   992  C  CD2  . HIS A 1 85 ? 12.72845  8.35295   2.15912   1.000 45.84037  ? 85  HIS A CD2  1 
ATOM   993  C  CE1  . HIS A 1 85 ? 13.21514  8.94499   0.10390   1.000 50.14715  ? 85  HIS A CE1  1 
ATOM   994  N  NE2  . HIS A 1 85 ? 13.73930  8.67617   1.28637   1.000 51.61414  ? 85  HIS A NE2  1 
ATOM   995  H  H    . HIS A 1 85 ? 9.26606   7.70468   -0.96105  1.000 32.87832  ? 85  HIS A H    1 
ATOM   996  H  HA   . HIS A 1 85 ? 9.93860   6.55245   0.67228   1.000 40.57607  ? 85  HIS A HA   1 
ATOM   997  H  HB2  . HIS A 1 85 ? 9.70635   9.05422   1.93429   1.000 47.36010  ? 85  HIS A HB2  1 
ATOM   998  H  HB3  . HIS A 1 85 ? 10.17191  7.79188   2.77997   1.000 47.36010  ? 85  HIS A HB3  1 
ATOM   999  H  HD2  . HIS A 1 85 ? 12.82486  8.12545   3.05570   1.000 55.01742  ? 85  HIS A HD2  1 
ATOM   1000 H  HE1  . HIS A 1 85 ? 13.68849  9.19141   -0.65776  1.000 60.18555  ? 85  HIS A HE1  1 
ATOM   1001 H  HE2  . HIS A 1 85 ? 14.57720  8.69965   1.47867   1.000 61.94594  ? 85  HIS A HE2  1 
ATOM   1002 N  N    . GLY A 1 86 ? 7.15355   6.22784   1.00447   1.000 33.27550  ? 86  GLY A N    1 
ATOM   1003 C  CA   . GLY A 1 86 ? 6.03903   5.54262   1.62407   1.000 30.26963  ? 86  GLY A CA   1 
ATOM   1004 C  C    . GLY A 1 86 ? 4.92175   6.42791   2.12330   1.000 26.21127  ? 86  GLY A C    1 
ATOM   1005 O  O    . GLY A 1 86 ? 4.02675   5.93095   2.81914   1.000 29.34251  ? 86  GLY A O    1 
ATOM   1006 H  H    . GLY A 1 86 ? 7.07737   6.32810   0.15374   1.000 39.93957  ? 86  GLY A H    1 
ATOM   1007 H  HA2  . GLY A 1 86 ? 5.65826   4.92813   0.97730   1.000 36.33253  ? 86  GLY A HA2  1 
ATOM   1008 H  HA3  . GLY A 1 86 ? 6.37217   5.03705   2.38191   1.000 36.33253  ? 86  GLY A HA3  1 
ATOM   1009 N  N    . LEU A 1 87 ? 4.94605   7.72189   1.80196   1.000 25.44233  ? 87  LEU A N    1 
ATOM   1010 C  CA   . LEU A 1 87 ? 3.83206   8.59459   2.15333   1.000 32.38749  ? 87  LEU A CA   1 
ATOM   1011 C  C    . LEU A 1 87 ? 2.51922   8.05207   1.60618   1.000 33.44688  ? 87  LEU A C    1 
ATOM   1012 O  O    . LEU A 1 87 ? 1.49094   8.07371   2.29424   1.000 27.48428  ? 87  LEU A O    1 
ATOM   1013 C  CB   . LEU A 1 87 ? 4.09453   9.99741   1.61220   1.000 30.83898  ? 87  LEU A CB   1 
ATOM   1014 C  CG   . LEU A 1 87 ? 3.23460   11.14445  2.13482   1.000 42.04701  ? 87  LEU A CG   1 
ATOM   1015 C  CD1  . LEU A 1 87 ? 3.49540   11.40311  3.60205   1.000 42.33058  ? 87  LEU A CD1  1 
ATOM   1016 C  CD2  . LEU A 1 87 ? 3.51661   12.38885  1.29855   1.000 38.46774  ? 87  LEU A CD2  1 
ATOM   1017 H  H    . LEU A 1 87 ? 5.58871   8.11320   1.38548   1.000 30.53976  ? 87  LEU A H    1 
ATOM   1018 H  HA   . LEU A 1 87 ? 3.75745   8.64738   3.11901   1.000 38.87396  ? 87  LEU A HA   1 
ATOM   1019 H  HB2  . LEU A 1 87 ? 5.01487   10.22421  1.81814   1.000 37.01575  ? 87  LEU A HB2  1 
ATOM   1020 H  HB3  . LEU A 1 87 ? 3.96666   9.97013   0.65106   1.000 37.01575  ? 87  LEU A HB3  1 
ATOM   1021 H  HG   . LEU A 1 87 ? 2.29551   10.91408  2.05788   1.000 50.46538  ? 87  LEU A HG   1 
ATOM   1022 H  HD11 . LEU A 1 87 ? 2.90779   12.11204  3.90707   1.000 50.80566  ? 87  LEU A HD11 1 
ATOM   1023 H  HD12 . LEU A 1 87 ? 3.32047   10.59045  4.10194   1.000 50.80566  ? 87  LEU A HD12 1 
ATOM   1024 H  HD13 . LEU A 1 87 ? 4.42128   11.66883  3.71618   1.000 50.80566  ? 87  LEU A HD13 1 
ATOM   1025 H  HD21 . LEU A 1 87 ? 2.99211   13.12765  1.64494   1.000 46.17026  ? 87  LEU A HD21 1 
ATOM   1026 H  HD22 . LEU A 1 87 ? 4.46183   12.59938  1.35446   1.000 46.17026  ? 87  LEU A HD22 1 
ATOM   1027 H  HD23 . LEU A 1 87 ? 3.27099   12.21230  0.37691   1.000 46.17026  ? 87  LEU A HD23 1 
ATOM   1028 N  N    . VAL A 1 88 ? 2.53590   7.56624   0.36803   1.000 24.56506  ? 88  VAL A N    1 
ATOM   1029 C  CA   . VAL A 1 88 ? 1.36530   6.99202   -0.28346  1.000 22.16235  ? 88  VAL A CA   1 
ATOM   1030 C  C    . VAL A 1 88 ? 1.80586   5.75792   -1.05885  1.000 23.96668  ? 88  VAL A C    1 
ATOM   1031 O  O    . VAL A 1 88 ? 2.79501   5.80593   -1.79822  1.000 23.53972  ? 88  VAL A O    1 
ATOM   1032 C  CB   . VAL A 1 88 ? 0.68272   7.99770   -1.23350  1.000 32.83033  ? 88  VAL A CB   1 
ATOM   1033 C  CG1  . VAL A 1 88 ? -0.38105  7.29809   -2.07331  1.000 32.86904  ? 88  VAL A CG1  1 
ATOM   1034 C  CG2  . VAL A 1 88 ? 0.08057   9.15257   -0.45266  1.000 36.10722  ? 88  VAL A CG2  1 
ATOM   1035 H  H    . VAL A 1 88 ? 3.23705   7.55845   -0.12990  1.000 29.48705  ? 88  VAL A H    1 
ATOM   1036 H  HA   . VAL A 1 88 ? 0.72465   6.72313   0.39343   1.000 26.60379  ? 88  VAL A HA   1 
ATOM   1037 H  HB   . VAL A 1 88 ? 1.35068   8.36287   -1.83465  1.000 39.40537  ? 88  VAL A HB   1 
ATOM   1038 H  HG11 . VAL A 1 88 ? -0.95336  7.96761   -2.47964  1.000 39.45182  ? 88  VAL A HG11 1 
ATOM   1039 H  HG12 . VAL A 1 88 ? 0.05540   6.77353   -2.76269  1.000 39.45182  ? 88  VAL A HG12 1 
ATOM   1040 H  HG13 . VAL A 1 88 ? -0.90594  6.71859   -1.49923  1.000 39.45182  ? 88  VAL A HG13 1 
ATOM   1041 H  HG21 . VAL A 1 88 ? -0.03973  9.90820   -1.04885  1.000 43.33764  ? 88  VAL A HG21 1 
ATOM   1042 H  HG22 . VAL A 1 88 ? -0.77627  8.87671   -0.09124  1.000 43.33764  ? 88  VAL A HG22 1 
ATOM   1043 H  HG23 . VAL A 1 88 ? 0.68203   9.39331   0.26926   1.000 43.33764  ? 88  VAL A HG23 1 
ATOM   1044 N  N    . ASN A 1 89 ? 1.08126   4.65539   -0.88063  1.000 24.22780  ? 89  ASN A N    1 
ATOM   1045 C  CA   . ASN A 1 89 ? 1.19923   3.46292   -1.70945  1.000 25.66404  ? 89  ASN A CA   1 
ATOM   1046 C  C    . ASN A 1 89 ? -0.10828  3.26546   -2.46416  1.000 22.26447  ? 89  ASN A C    1 
ATOM   1047 O  O    . ASN A 1 89 ? -1.17806  3.64041   -1.97825  1.000 23.68355  ? 89  ASN A O    1 
ATOM   1048 C  CB   . ASN A 1 89 ? 1.48553   2.21274   -0.86973  1.000 28.43181  ? 89  ASN A CB   1 
ATOM   1049 C  CG   . ASN A 1 89 ? 2.90851   2.15716   -0.35902  1.000 28.85495  ? 89  ASN A CG   1 
ATOM   1050 O  OD1  . ASN A 1 89 ? 3.59511   3.17332   -0.28019  1.000 28.34108  ? 89  ASN A OD1  1 
ATOM   1051 N  ND2  . ASN A 1 89 ? 3.35747   0.95969   0.00179   1.000 28.26838  ? 89  ASN A ND2  1 
ATOM   1052 H  H    . ASN A 1 89 ? 0.49133   4.57300   -0.26031  1.000 29.08233  ? 89  ASN A H    1 
ATOM   1053 H  HA   . ASN A 1 89 ? 1.93176   3.57128   -2.33600  1.000 30.80582  ? 89  ASN A HA   1 
ATOM   1054 H  HB2  . ASN A 1 89 ? 0.89206   2.20566   -0.10251  1.000 34.12715  ? 89  ASN A HB2  1 
ATOM   1055 H  HB3  . ASN A 1 89 ? 1.33254   1.42509   -1.41479  1.000 34.12715  ? 89  ASN A HB3  1 
ATOM   1056 H  HD21 . ASN A 1 89 ? 4.15976   0.87292   0.29911   1.000 33.93103  ? 89  ASN A HD21 1 
ATOM   1057 H  HD22 . ASN A 1 89 ? 2.84575   0.27145   -0.06202  1.000 33.93103  ? 89  ASN A HD22 1 
ATOM   1058 N  N    . VAL A 1 90 ? -0.03322  2.66157   -3.65193  1.000 24.55617  ? 90  VAL A N    1 
ATOM   1059 C  CA   . VAL A 1 90 ? -1.22737  2.38016   -4.43822  1.000 24.97777  ? 90  VAL A CA   1 
ATOM   1060 C  C    . VAL A 1 90 ? -1.17741  0.94012   -4.93236  1.000 26.18275  ? 90  VAL A C    1 
ATOM   1061 O  O    . VAL A 1 90 ? -0.15717  0.25632   -4.83820  1.000 24.35329  ? 90  VAL A O    1 
ATOM   1062 C  CB   . VAL A 1 90 ? -1.40627  3.35762   -5.62179  1.000 23.50314  ? 90  VAL A CB   1 
ATOM   1063 C  CG1  . VAL A 1 90 ? -1.57196  4.78837   -5.11206  1.000 24.20222  ? 90  VAL A CG1  1 
ATOM   1064 C  CG2  . VAL A 1 90 ? -0.24104  3.25869   -6.59251  1.000 25.47243  ? 90  VAL A CG2  1 
ATOM   1065 H  H    . VAL A 1 90 ? 0.70097   2.40670   -4.02019  1.000 29.47638  ? 90  VAL A H    1 
ATOM   1066 H  HA   . VAL A 1 90 ? -2.00055  2.46588   -3.85879  1.000 29.98229  ? 90  VAL A HA   1 
ATOM   1067 H  HB   . VAL A 1 90 ? -2.21087  3.11407   -6.10573  1.000 28.21274  ? 90  VAL A HB   1 
ATOM   1068 H  HG11 . VAL A 1 90 ? -1.73918  5.37495   -5.86629  1.000 29.05164  ? 90  VAL A HG11 1 
ATOM   1069 H  HG12 . VAL A 1 90 ? -2.32086  4.81954   -4.49637  1.000 29.05164  ? 90  VAL A HG12 1 
ATOM   1070 H  HG13 . VAL A 1 90 ? -0.75856  5.05783   -4.65744  1.000 29.05164  ? 90  VAL A HG13 1 
ATOM   1071 H  HG21 . VAL A 1 90 ? -0.34353  3.93625   -7.27902  1.000 30.57589  ? 90  VAL A HG21 1 
ATOM   1072 H  HG22 . VAL A 1 90 ? 0.58687   3.40158   -6.10770  1.000 30.57589  ? 90  VAL A HG22 1 
ATOM   1073 H  HG23 . VAL A 1 90 ? -0.24011  2.37655   -6.99591  1.000 30.57589  ? 90  VAL A HG23 1 
ATOM   1074 N  N    . GLY A 1 91 ? -2.30867  0.48812   -5.46479  1.000 28.51660  ? 91  GLY A N    1 
ATOM   1075 C  CA   . GLY A 1 91 ? -2.43559  -0.89925  -5.88096  1.000 32.28488  ? 91  GLY A CA   1 
ATOM   1076 C  C    . GLY A 1 91 ? -2.15324  -1.87764  -4.76291  1.000 29.38740  ? 91  GLY A C    1 
ATOM   1077 O  O    . GLY A 1 91 ? -1.49297  -2.89891  -4.98710  1.000 22.32087  ? 91  GLY A O    1 
ATOM   1078 H  H    . GLY A 1 91 ? -3.01341  0.96363   -5.59458  1.000 34.22889  ? 91  GLY A H    1 
ATOM   1079 H  HA2  . GLY A 1 91 ? -3.33829  -1.05486  -6.20006  1.000 38.75083  ? 91  GLY A HA2  1 
ATOM   1080 H  HA3  . GLY A 1 91 ? -1.81112  -1.07389  -6.60237  1.000 38.75083  ? 91  GLY A HA3  1 
ATOM   1081 N  N    . CYS A 1 92 ? -2.63755  -1.58888  -3.55909  1.000 27.29097  ? 92  CYS A N    1 
ATOM   1082 C  CA   . CYS A 1 92 ? -2.33732  -2.39472  -2.38668  1.000 24.05285  ? 92  CYS A CA   1 
ATOM   1083 C  C    . CYS A 1 92 ? -3.44326  -3.41246  -2.13525  1.000 27.19345  ? 92  CYS A C    1 
ATOM   1084 O  O    . CYS A 1 92 ? -4.63237  -3.09096  -2.22932  1.000 24.57299  ? 92  CYS A O    1 
ATOM   1085 C  CB   . CYS A 1 92 ? -2.15602  -1.51320  -1.14848  1.000 22.61734  ? 92  CYS A CB   1 
ATOM   1086 S  SG   . CYS A 1 92 ? -0.78160  -0.33226  -1.23562  1.000 27.05594  ? 92  CYS A SG   1 
ATOM   1087 H  H    . CYS A 1 92 ? -3.15125  -0.91870  -3.39606  1.000 32.75814  ? 92  CYS A H    1 
ATOM   1088 H  HA   . CYS A 1 92 ? -1.51243  -2.88042  -2.54330  1.000 28.87239  ? 92  CYS A HA   1 
ATOM   1089 H  HB2  . CYS A 1 92 ? -2.96954  -1.00212  -1.01480  1.000 27.14978  ? 92  CYS A HB2  1 
ATOM   1090 H  HB3  . CYS A 1 92 ? -1.99618  -2.08840  -0.38397  1.000 27.14978  ? 92  CYS A HB3  1 
ATOM   1091 N  N    . THR A 1 93 ? -3.03859  -4.64078  -1.80899  1.000 28.41694  ? 93  THR A N    1 
ATOM   1092 C  CA   . THR A 1 93 ? -3.94133  -5.71744  -1.43395  1.000 32.36594  ? 93  THR A CA   1 
ATOM   1093 C  C    . THR A 1 93 ? -3.51048  -6.28830  -0.09037  1.000 28.96223  ? 93  THR A C    1 
ATOM   1094 O  O    . THR A 1 93 ? -2.30716  -6.35849  0.19452   1.000 27.62024  ? 93  THR A O    1 
ATOM   1095 C  CB   . THR A 1 93 ? -3.94042  -6.84239  -2.48048  1.000 28.25342  ? 93  THR A CB   1 
ATOM   1096 O  OG1  . THR A 1 93 ? -2.58991  -7.19476  -2.80293  1.000 30.38252  ? 93  THR A OG1  1 
ATOM   1097 C  CG2  . THR A 1 93 ? -4.66965  -6.41239  -3.74357  1.000 39.45701  ? 93  THR A CG2  1 
ATOM   1098 H  H    . THR A 1 93 ? -2.21257  -4.87989  -1.79841  1.000 34.10930  ? 93  THR A H    1 
ATOM   1099 H  HA   . THR A 1 93 ? -4.84424  -5.37001  -1.36374  1.000 38.84810  ? 93  THR A HA   1 
ATOM   1100 H  HB   . THR A 1 93 ? -4.40043  -7.61633  -2.11950  1.000 33.91307  ? 93  THR A HB   1 
ATOM   1101 H  HG1  . THR A 1 93 ? -2.48729  -7.20654  -3.63657  1.000 36.46799  ? 93  THR A HG1  1 
ATOM   1102 H  HG21 . THR A 1 93 ? -4.64831  -7.12743  -4.39868  1.000 47.35738  ? 93  THR A HG21 1 
ATOM   1103 H  HG22 . THR A 1 93 ? -5.59380  -6.20160  -3.53764  1.000 47.35738  ? 93  THR A HG22 1 
ATOM   1104 H  HG23 . THR A 1 93 ? -4.24416  -5.62672  -4.12114  1.000 47.35738  ? 93  THR A HG23 1 
ATOM   1105 N  N    . PRO A 1 94 ? -4.45343  -6.71083  0.75492   1.000 29.14650  ? 94  PRO A N    1 
ATOM   1106 C  CA   . PRO A 1 94 ? -4.06140  -7.33660  2.02408   1.000 29.26030  ? 94  PRO A CA   1 
ATOM   1107 C  C    . PRO A 1 94 ? -3.29076  -8.62833  1.79209   1.000 29.96027  ? 94  PRO A C    1 
ATOM   1108 O  O    . PRO A 1 94 ? -3.54293  -9.36914  0.83980   1.000 26.34889  ? 94  PRO A O    1 
ATOM   1109 C  CB   . PRO A 1 94 ? -5.39801  -7.59919  2.73018   1.000 29.91805  ? 94  PRO A CB   1 
ATOM   1110 C  CG   . PRO A 1 94 ? -6.38063  -6.68907  2.06390   1.000 33.87410  ? 94  PRO A CG   1 
ATOM   1111 C  CD   . PRO A 1 94 ? -5.91588  -6.56632  0.63783   1.000 30.70829  ? 94  PRO A CD   1 
ATOM   1112 H  HA   . PRO A 1 94 ? -3.52735  -6.72623  2.55618   1.000 35.12133  ? 94  PRO A HA   1 
ATOM   1113 H  HB2  . PRO A 1 94 ? -5.65367  -8.52788  2.61595   1.000 35.91063  ? 94  PRO A HB2  1 
ATOM   1114 H  HB3  . PRO A 1 94 ? -5.31803  -7.39080  3.67415   1.000 35.91063  ? 94  PRO A HB3  1 
ATOM   1115 H  HG2  . PRO A 1 94 ? -7.26826  -7.07812  2.10467   1.000 40.65789  ? 94  PRO A HG2  1 
ATOM   1116 H  HG3  . PRO A 1 94 ? -6.37698  -5.82419  2.50306   1.000 40.65789  ? 94  PRO A HG3  1 
ATOM   1117 H  HD2  . PRO A 1 94 ? -6.29126  -7.27240  0.08879   1.000 36.85893  ? 94  PRO A HD2  1 
ATOM   1118 H  HD3  . PRO A 1 94 ? -6.15038  -5.69992  0.27006   1.000 36.85893  ? 94  PRO A HD3  1 
ATOM   1119 N  N    . ILE A 1 95 ? -2.33782  -8.88692  2.68313   1.000 25.04660  ? 95  ILE A N    1 
ATOM   1120 C  CA   . ILE A 1 95 ? -1.50202  -10.07741 2.63532   1.000 28.55622  ? 95  ILE A CA   1 
ATOM   1121 C  C    . ILE A 1 95 ? -1.32253  -10.57776 4.06107   1.000 32.95496  ? 95  ILE A C    1 
ATOM   1122 O  O    . ILE A 1 95 ? -1.27959  -9.79254  5.01300   1.000 29.94475  ? 95  ILE A O    1 
ATOM   1123 C  CB   . ILE A 1 95 ? -0.13608  -9.79282  1.97217   1.000 26.84604  ? 95  ILE A CB   1 
ATOM   1124 C  CG1  . ILE A 1 95 ? 0.58231   -11.10212 1.63872   1.000 30.82410  ? 95  ILE A CG1  1 
ATOM   1125 C  CG2  . ILE A 1 95 ? 0.73069   -8.92457  2.88342   1.000 27.89449  ? 95  ILE A CG2  1 
ATOM   1126 C  CD1  . ILE A 1 95 ? -0.01663  -11.85915 0.46854   1.000 32.68138  ? 95  ILE A CD1  1 
ATOM   1127 H  H    . ILE A 1 95 ? -2.15223  -8.36996  3.34488   1.000 30.06489  ? 95  ILE A H    1 
ATOM   1128 H  HA   . ILE A 1 95 ? -1.94211  -10.76989 2.11796   1.000 34.27644  ? 95  ILE A HA   1 
ATOM   1129 H  HB   . ILE A 1 95 ? -0.29509  -9.31094  1.14548   1.000 32.22422  ? 95  ILE A HB   1 
ATOM   1130 H  HG12 . ILE A 1 95 ? 1.50545   -10.90200 1.41816   1.000 36.99789  ? 95  ILE A HG12 1 
ATOM   1131 H  HG13 . ILE A 1 95 ? 0.54504   -11.68278 2.41484   1.000 36.99789  ? 95  ILE A HG13 1 
ATOM   1132 H  HG21 . ILE A 1 95 ? 1.43044   -8.51138  2.35377   1.000 33.48236  ? 95  ILE A HG21 1 
ATOM   1133 H  HG22 . ILE A 1 95 ? 0.17553   -8.24054  3.28936   1.000 33.48236  ? 95  ILE A HG22 1 
ATOM   1134 H  HG23 . ILE A 1 95 ? 1.12345   -9.48353  3.57204   1.000 33.48236  ? 95  ILE A HG23 1 
ATOM   1135 H  HD11 . ILE A 1 95 ? 0.57295   -12.59203 0.23150   1.000 39.22663  ? 95  ILE A HD11 1 
ATOM   1136 H  HD12 . ILE A 1 95 ? -0.88561  -12.20404 0.72705   1.000 39.22663  ? 95  ILE A HD12 1 
ATOM   1137 H  HD13 . ILE A 1 95 ? -0.11129  -11.25418 -0.28376  1.000 39.22663  ? 95  ILE A HD13 1 
ATOM   1138 N  N    . ASN A 1 96 ? -1.22752  -11.89694 4.20513   1.000 28.70187  ? 96  ASN A N    1 
ATOM   1139 C  CA   . ASN A 1 96 ? -1.06568  -12.55131 5.50015   1.000 25.78784  ? 96  ASN A CA   1 
ATOM   1140 C  C    . ASN A 1 96 ? 0.24707   -13.32116 5.47791   1.000 33.43755  ? 96  ASN A C    1 
ATOM   1141 O  O    . ASN A 1 96 ? 0.33837   -14.38060 4.84967   1.000 29.20092  ? 96  ASN A O    1 
ATOM   1142 C  CB   . ASN A 1 96 ? -2.24663  -13.47843 5.78731   1.000 36.85169  ? 96  ASN A CB   1 
ATOM   1143 C  CG   . ASN A 1 96 ? -2.12606  -14.19319 7.12203   1.000 35.01894  ? 96  ASN A CG   1 
ATOM   1144 O  OD1  . ASN A 1 96 ? -1.10724  -14.09923 7.80749   1.000 35.46524  ? 96  ASN A OD1  1 
ATOM   1145 N  ND2  . ASN A 1 96 ? -3.17462  -14.91685 7.49556   1.000 34.25504  ? 96  ASN A ND2  1 
ATOM   1146 H  H    . ASN A 1 96 ? -1.25504  -12.45001 3.54713   1.000 34.45121  ? 96  ASN A H    1 
ATOM   1147 H  HA   . ASN A 1 96 ? -1.01946  -11.88559 6.20413   1.000 30.95438  ? 96  ASN A HA   1 
ATOM   1148 H  HB2  . ASN A 1 96 ? -3.06295  -12.95467 5.80092   1.000 44.23100  ? 96  ASN A HB2  1 
ATOM   1149 H  HB3  . ASN A 1 96 ? -2.29596  -14.15161 5.09068   1.000 44.23100  ? 96  ASN A HB3  1 
ATOM   1150 H  HD21 . ASN A 1 96 ? -3.15930  -15.34226 8.24282   1.000 41.11502  ? 96  ASN A HD21 1 
ATOM   1151 H  HD22 . ASN A 1 96 ? -3.86917  -14.96021 6.99026   1.000 41.11502  ? 96  ASN A HD22 1 
ATOM   1152 N  N    . ILE A 1 97 ? 1.26295   -12.79724 6.16453   1.000 32.57310  ? 97  ILE A N    1 
ATOM   1153 C  CA   . ILE A 1 97 ? 2.57551   -13.43233 6.18932   1.000 37.79739  ? 97  ILE A CA   1 
ATOM   1154 C  C    . ILE A 1 97 ? 2.80715   -14.21276 7.47844   1.000 32.44189  ? 97  ILE A C    1 
ATOM   1155 O  O    . ILE A 1 97 ? 3.94786   -14.58158 7.77821   1.000 32.66678  ? 97  ILE A O    1 
ATOM   1156 C  CB   . ILE A 1 97 ? 3.69378   -12.40377 5.96663   1.000 36.20872  ? 97  ILE A CB   1 
ATOM   1157 C  CG1  . ILE A 1 97 ? 3.63719   -11.30306 7.02618   1.000 35.40429  ? 97  ILE A CG1  1 
ATOM   1158 C  CG2  . ILE A 1 97 ? 3.58976   -11.80460 4.57009   1.000 45.59802  ? 97  ILE A CG2  1 
ATOM   1159 C  CD1  . ILE A 1 97 ? 4.97817   -10.65116 7.28933   1.000 47.92756  ? 97  ILE A CD1  1 
ATOM   1160 H  H    . ILE A 1 97 ? 1.21415   -12.07229 6.62460   1.000 39.09669  ? 97  ILE A H    1 
ATOM   1161 H  HA   . ILE A 1 97 ? 2.60966   -14.07035 5.45950   1.000 45.36585  ? 97  ILE A HA   1 
ATOM   1162 H  HB   . ILE A 1 97 ? 4.54575   -12.86014 6.04880   1.000 43.45944  ? 97  ILE A HB   1 
ATOM   1163 H  HG12 . ILE A 1 97 ? 3.02426   -10.61281 6.72823   1.000 42.49412  ? 97  ILE A HG12 1 
ATOM   1164 H  HG13 . ILE A 1 97 ? 3.32436   -11.68705 7.86021   1.000 42.49412  ? 97  ILE A HG13 1 
ATOM   1165 H  HG21 . ILE A 1 97 ? 4.27075   -11.12143 4.46803   1.000 54.72660  ? 97  ILE A HG21 1 
ATOM   1166 H  HG22 . ILE A 1 97 ? 3.72460   -12.50662 3.91442   1.000 54.72660  ? 97  ILE A HG22 1 
ATOM   1167 H  HG23 . ILE A 1 97 ? 2.70923   -11.41312 4.45920   1.000 54.72660  ? 97  ILE A HG23 1 
ATOM   1168 H  HD11 . ILE A 1 97 ? 4.86826   -9.96465  7.96573   1.000 57.52204  ? 97  ILE A HD11 1 
ATOM   1169 H  HD12 . ILE A 1 97 ? 5.60155   -11.32581 7.60099   1.000 57.52204  ? 97  ILE A HD12 1 
ATOM   1170 H  HD13 . ILE A 1 97 ? 5.30377   -10.25510 6.46590   1.000 57.52204  ? 97  ILE A HD13 1 
ATOM   1171 N  N    . GLY A 1 98 ? 1.75505   -14.47480 8.24427   1.000 29.91623  ? 98  GLY A N    1 
ATOM   1172 C  CA   . GLY A 1 98 ? 1.84446   -15.27289 9.44706   1.000 36.73348  ? 98  GLY A CA   1 
ATOM   1173 C  C    . GLY A 1 98 ? 1.54653   -16.73313 9.18282   1.000 38.31558  ? 98  GLY A C    1 
ATOM   1174 O  O    . GLY A 1 98 ? 1.62082   -17.21934 8.05169   1.000 28.83697  ? 98  GLY A O    1 
ATOM   1175 H  H    . GLY A 1 98 ? 0.96008   -14.19141 8.07898   1.000 35.90845  ? 98  GLY A H    1 
ATOM   1176 H  HA2  . GLY A 1 98 ? 2.73959   -15.20351 9.81424   1.000 44.08915  ? 98  GLY A HA2  1 
ATOM   1177 H  HA3  . GLY A 1 98 ? 1.20846   -14.94300 10.10094  1.000 44.08915  ? 98  GLY A HA3  1 
ATOM   1178 N  N    . LEU A 1 99 ? 1.18901   -17.43784 10.24993  1.000 30.84178  ? 99  LEU A N    1 
ATOM   1179 C  CA   . LEU A 1 99 ? 1.00561   -18.88287 10.18254  1.000 34.55521  ? 99  LEU A CA   1 
ATOM   1180 C  C    . LEU A 1 99 ? -0.15489  -19.27971 9.27933   1.000 36.06141  ? 99  LEU A C    1 
ATOM   1181 O  O    . LEU A 1 99 ? -1.19924  -18.63016 9.24902   1.000 31.55678  ? 99  LEU A O    1 
ATOM   1182 C  CB   . LEU A 1 99 ? 0.78229   -19.45018 11.58452  1.000 35.02679  ? 99  LEU A CB   1 
ATOM   1183 C  CG   . LEU A 1 99 ? 1.14027   -20.92265 11.78177  1.000 43.03397  ? 99  LEU A CG   1 
ATOM   1184 C  CD1  . LEU A 1 99 ? 2.63845   -21.13489 11.64170  1.000 42.64291  ? 99  LEU A CD1  1 
ATOM   1185 C  CD2  . LEU A 1 99 ? 0.64239   -21.40590 13.13722  1.000 48.29566  ? 99  LEU A CD2  1 
ATOM   1186 O  OXT  . LEU A 1 99 ? -0.06855  -20.27554 8.55889   1.000 44.86166  ? 99  LEU A OXT  1 
ATOM   1187 H  H    . LEU A 1 99 ? 1.04582   -17.10141 11.02833  1.000 37.01911  ? 99  LEU A H    1 
ATOM   1188 H  HA   . LEU A 1 99 ? 1.81001   -19.27227 9.80543   1.000 41.47522  ? 99  LEU A HA   1 
ATOM   1189 H  HB2  . LEU A 1 99 ? 1.32270   -18.93837 12.20654  1.000 42.04112  ? 99  LEU A HB2  1 
ATOM   1190 H  HB3  . LEU A 1 99 ? -0.15765  -19.35230 11.80324  1.000 42.04112  ? 99  LEU A HB3  1 
ATOM   1191 H  HG   . LEU A 1 99 ? 0.70622   -21.45337 11.09560  1.000 51.64974  ? 99  LEU A HG   1 
ATOM   1192 H  HD11 . LEU A 1 99 ? 2.85946   -22.03159 11.93829  1.000 51.18047  ? 99  LEU A HD11 1 
ATOM   1193 H  HD12 . LEU A 1 99 ? 2.88750   -21.02358 10.71085  1.000 51.18047  ? 99  LEU A HD12 1 
ATOM   1194 H  HD13 . LEU A 1 99 ? 3.10242   -20.48181 12.18861  1.000 51.18047  ? 99  LEU A HD13 1 
ATOM   1195 H  HD21 . LEU A 1 99 ? 0.87806   -22.34061 13.24532  1.000 57.96376  ? 99  LEU A HD21 1 
ATOM   1196 H  HD22 . LEU A 1 99 ? 1.06051   -20.87660 13.83430  1.000 57.96376  ? 99  LEU A HD22 1 
ATOM   1197 H  HD23 . LEU A 1 99 ? -0.32120  -21.30118 13.17539  1.000 57.96376  ? 99  LEU A HD23 1 
HETATM 1198 C  C1   . EDO B 2 .  ? -9.28177  16.72492  -4.07055  1.000 41.35373  ? 101 EDO A C1   1 
HETATM 1199 O  O1   . EDO B 2 .  ? -8.03134  17.39343  -4.27634  1.000 58.19544  ? 101 EDO A O1   1 
HETATM 1200 C  C2   . EDO B 2 .  ? -9.62431  16.69918  -2.58369  1.000 45.30599  ? 101 EDO A C2   1 
HETATM 1201 O  O2   . EDO B 2 .  ? -11.01960 16.43085  -2.40500  1.000 59.89642  ? 101 EDO A O2   1 
HETATM 1202 H  H11  . EDO B 2 .  ? -9.22026  15.70351  -4.45188  1.000 49.63345  ? 101 EDO A H11  1 
HETATM 1203 H  H12  . EDO B 2 .  ? -10.07053 17.24181  -4.62114  1.000 49.63345  ? 101 EDO A H12  1 
HETATM 1204 H  HO1  . EDO B 2 .  ? -7.95485  17.65560  -5.20397  1.000 69.84350  ? 101 EDO A HO1  1 
HETATM 1205 H  H21  . EDO B 2 .  ? -9.37343  17.66089  -2.13135  1.000 54.37617  ? 101 EDO A H21  1 
HETATM 1206 H  H22  . EDO B 2 .  ? -9.03414  15.92870  -2.08317  1.000 54.37617  ? 101 EDO A H22  1 
HETATM 1207 H  HO2  . EDO B 2 .  ? -11.24013 16.48349  -1.46496  1.000 71.88468  ? 101 EDO A HO2  1 
HETATM 1208 C  C1   . EDO C 2 .  ? -7.65303  13.74358  -8.38999  1.000 47.13526  ? 102 EDO A C1   1 
HETATM 1209 O  O1   . EDO C 2 .  ? -8.14585  14.49613  -9.50466  1.000 45.90228  ? 102 EDO A O1   1 
HETATM 1210 C  C2   . EDO C 2 .  ? -7.15887  14.69926  -7.30846  1.000 45.01020  ? 102 EDO A C2   1 
HETATM 1211 O  O2   . EDO C 2 .  ? -8.26081  15.46573  -6.80437  1.000 44.57527  ? 102 EDO A O2   1 
HETATM 1212 H  H11  . EDO C 2 .  ? -6.83629  13.09456  -8.71273  1.000 56.57128  ? 102 EDO A H11  1 
HETATM 1213 H  H12  . EDO C 2 .  ? -8.44736  13.10985  -7.99013  1.000 56.57128  ? 102 EDO A H12  1 
HETATM 1214 H  HO1  . EDO C 2 .  ? -8.61634  13.90603  -10.10923 1.000 55.09171  ? 102 EDO A HO1  1 
HETATM 1215 H  H21  . EDO C 2 .  ? -6.40128  15.36777  -7.72272  1.000 54.02121  ? 102 EDO A H21  1 
HETATM 1216 H  H22  . EDO C 2 .  ? -6.69878  14.13317  -6.49586  1.000 54.02121  ? 102 EDO A H22  1 
HETATM 1217 H  HO2  . EDO C 2 .  ? -7.95060  16.05173  -6.10050  1.000 53.49930  ? 102 EDO A HO2  1 
HETATM 1218 NA NA   . NA  D 3 .  ? -3.03550  -3.68248  16.73594  1.000 40.49885  ? 103 NA  A NA   1 
HETATM 1219 O  O    . HOH E 4 .  ? -8.46342  4.08989   -16.39306 1.000 60.57489  ? 201 HOH A O    1 
HETATM 1220 O  O    . HOH E 4 .  ? -6.68986  19.38610  -4.39179  1.000 53.84576  ? 202 HOH A O    1 
HETATM 1221 O  O    . HOH E 4 .  ? 4.58077   -5.28587  -2.47009  1.000 25.48076  ? 203 HOH A O    1 
HETATM 1222 O  O    . HOH E 4 .  ? -6.52712  10.25102  5.71583   1.000 45.01479  ? 204 HOH A O    1 
HETATM 1223 O  O    . HOH E 4 .  ? -1.47505  -5.45127  -4.86141  1.000 39.29230  ? 205 HOH A O    1 
HETATM 1224 O  O    . HOH E 4 .  ? 0.44444   0.67110   15.76067  1.000 30.44938  ? 206 HOH A O    1 
HETATM 1225 O  O    . HOH E 4 .  ? 0.38088   -16.97608 5.41686   1.000 28.60500  ? 207 HOH A O    1 
HETATM 1226 O  O    . HOH E 4 .  ? -3.00298  -16.72489 9.71199   1.000 34.43172  ? 208 HOH A O    1 
HETATM 1227 O  O    . HOH E 4 .  ? -6.01623  -3.20523  4.83344   1.000 27.63012  ? 209 HOH A O    1 
HETATM 1228 O  O    . HOH E 4 .  ? -8.91644  -0.79488  4.02881   1.000 30.95044  ? 210 HOH A O    1 
HETATM 1229 O  O    . HOH E 4 .  ? 3.14258   5.16051   13.27875  1.000 46.68107  ? 211 HOH A O    1 
HETATM 1230 O  O    . HOH E 4 .  ? 9.04445   -8.11849  2.70738   1.000 34.25462  ? 212 HOH A O    1 
HETATM 1231 O  O    . HOH E 4 .  ? 5.93104   -3.22829  -8.27789  1.000 40.58387  ? 213 HOH A O    1 
HETATM 1232 O  O    . HOH E 4 .  ? -5.74413  -10.02979 -0.71601  1.000 49.61536  ? 214 HOH A O    1 
HETATM 1233 O  O    . HOH E 4 .  ? -4.81031  1.69798   -5.33850  1.000 28.68487  ? 215 HOH A O    1 
HETATM 1234 O  O    . HOH E 4 .  ? 6.39149   10.68655  -5.99258  1.000 44.76817  ? 216 HOH A O    1 
HETATM 1235 O  O    . HOH E 4 .  ? -1.41101  7.46602   -11.97148 1.000 46.97968  ? 217 HOH A O    1 
HETATM 1236 O  O    . HOH E 4 .  ? -1.12154  -14.28818 10.60520  1.000 49.25364  ? 218 HOH A O    1 
HETATM 1237 O  O    . HOH E 4 .  ? 9.83983   -0.82002  -1.53604  1.000 43.32257  ? 219 HOH A O    1 
HETATM 1238 O  O    . HOH E 4 .  ? 11.81007  -20.84685 1.99774   1.000 41.04301  ? 220 HOH A O    1 
HETATM 1239 O  O    . HOH E 4 .  ? 3.97122   -1.65318  13.49500  1.000 43.21297  ? 221 HOH A O    1 
HETATM 1240 O  O    . HOH E 4 .  ? -4.04486  -0.19730  -8.93297  1.000 42.97083  ? 222 HOH A O    1 
HETATM 1241 O  O    . HOH E 4 .  ? 4.44023   11.82831  -7.39341  1.000 54.44995  ? 223 HOH A O    1 
HETATM 1242 O  O    . HOH E 4 .  ? 0.62113   -10.55158 7.99272   1.000 33.62029  ? 224 HOH A O    1 
HETATM 1243 O  O    . HOH E 4 .  ? 7.09668   2.81688   -6.87019  1.000 39.56539  ? 225 HOH A O    1 
HETATM 1244 O  O    . HOH E 4 .  ? 4.95787   1.87284   8.90779   1.000 39.91745  ? 226 HOH A O    1 
HETATM 1245 O  O    . HOH E 4 .  ? -7.04006  -5.34283  10.27553  1.000 40.87645  ? 227 HOH A O    1 
HETATM 1246 O  O    . HOH E 4 .  ? 5.62242   8.35679   5.35718   1.000 46.30606  ? 228 HOH A O    1 
HETATM 1247 O  O    . HOH E 4 .  ? 8.14978   8.98327   -5.39221  1.000 35.51588  ? 229 HOH A O    1 
HETATM 1248 O  O    . HOH E 4 .  ? -4.68945  18.21997  -5.17041  1.000 43.96195  ? 230 HOH A O    1 
HETATM 1249 O  O    . HOH E 4 .  ? -3.08493  -6.71544  7.85407   1.000 37.79150  ? 231 HOH A O    1 
HETATM 1250 O  O    . HOH E 4 .  ? -4.44402  13.57234  -10.63421 1.000 53.63930  ? 232 HOH A O    1 
HETATM 1251 O  O    . HOH E 4 .  ? -3.75421  -7.87540  5.97806   1.000 43.55629  ? 233 HOH A O    1 
HETATM 1252 O  O    . HOH E 4 .  ? -5.43758  -15.59715 5.47742   1.000 46.63670  ? 234 HOH A O    1 
HETATM 1253 O  O    . HOH E 4 .  ? 7.42560   -1.39837  10.02520  1.000 52.65138  ? 235 HOH A O    1 
HETATM 1254 O  O    . HOH E 4 .  ? 9.87940   6.73892   -3.08670  1.000 50.55287  ? 236 HOH A O    1 
HETATM 1255 O  O    . HOH E 4 .  ? 9.70663   15.25733  -4.50768  1.000 51.63775  ? 237 HOH A O    1 
HETATM 1256 O  O    . HOH E 4 .  ? 11.17105  11.49159  -3.01563  1.000 51.96471  ? 238 HOH A O    1 
HETATM 1257 O  O    . HOH E 4 .  ? -7.21668  -8.16240  -6.26081  1.000 51.44049  ? 239 HOH A O    1 
HETATM 1258 O  O    . HOH E 4 .  ? 5.22878   -1.64088  15.32268  1.000 57.32095  ? 240 HOH A O    1 
HETATM 1259 O  O    . HOH E 4 .  ? -2.06454  5.51814   -11.14846 1.000 64.23028  ? 241 HOH A O    1 
HETATM 1260 O  O    . HOH E 4 .  ? 15.70094  -8.91364  8.56030   1.000 61.31348  ? 242 HOH A O    1 
HETATM 1261 O  O    . HOH E 4 .  ? -3.89375  -12.62137 -1.01094  1.000 52.13199  ? 243 HOH A O    1 
HETATM 1262 O  O    . HOH E 4 .  ? 11.02544  -17.64129 -4.68589  1.000 51.14995  ? 244 HOH A O    1 
HETATM 1263 O  O    . HOH E 4 .  ? 4.87163   10.90764  8.96210   1.000 44.72227  ? 245 HOH A O    1 
HETATM 1264 O  O    . HOH E 4 .  ? 11.80026  -6.79989  -2.00390  0.50  50.99936  ? 246 HOH A O    1 
HETATM 1265 O  O    . HOH E 4 .  ? 10.46614  -21.73706 -6.35547  1.000 52.79288  ? 247 HOH A O    1 
HETATM 1266 O  O    . HOH E 4 .  ? 14.13259  7.43383   5.43230   1.000 66.28927  ? 248 HOH A O    1 
HETATM 1267 O  O    . HOH E 4 .  ? -8.57951  -4.17468  3.90311   1.000 39.69586  ? 249 HOH A O    1 
HETATM 1268 O  O    . HOH E 4 .  ? -3.87109  8.77740   -18.90672 0.50  57.73234  ? 250 HOH A O    1 
# 
